data_2E1O
#
_entry.id   2E1O
#
_entity_poly.entity_id   1
_entity_poly.type   'polypeptide(L)'
_entity_poly.pdbx_seq_one_letter_code
;GSSGSSGKGGQVRFSNDQTIELEKKFETQKYLSPPERKRLAKMLQLSERQVKTWFQNRRAKWRRSGPSSG
;
_entity_poly.pdbx_strand_id   A
#
# COMPACT_ATOMS: atom_id res chain seq x y z
N GLY A 1 -6.40 -30.25 -0.70
CA GLY A 1 -6.57 -30.25 -2.14
C GLY A 1 -7.39 -29.08 -2.64
N SER A 2 -8.64 -29.00 -2.20
CA SER A 2 -9.54 -27.92 -2.61
C SER A 2 -8.83 -26.57 -2.52
N SER A 3 -8.10 -26.36 -1.43
CA SER A 3 -7.38 -25.12 -1.21
C SER A 3 -6.84 -24.57 -2.53
N GLY A 4 -6.82 -23.24 -2.65
CA GLY A 4 -6.34 -22.62 -3.86
C GLY A 4 -6.05 -21.14 -3.67
N SER A 5 -5.31 -20.56 -4.62
CA SER A 5 -4.97 -19.14 -4.56
C SER A 5 -4.86 -18.54 -5.95
N SER A 6 -4.67 -17.23 -6.02
CA SER A 6 -4.56 -16.53 -7.29
C SER A 6 -4.18 -15.07 -7.08
N GLY A 7 -3.84 -14.38 -8.17
CA GLY A 7 -3.47 -12.99 -8.08
C GLY A 7 -2.12 -12.71 -8.72
N LYS A 8 -1.10 -12.52 -7.90
CA LYS A 8 0.24 -12.25 -8.39
C LYS A 8 0.20 -11.31 -9.59
N GLY A 9 -0.71 -10.34 -9.54
CA GLY A 9 -0.82 -9.39 -10.63
C GLY A 9 -0.65 -7.96 -10.18
N GLY A 10 -0.15 -7.11 -11.08
CA GLY A 10 0.07 -5.71 -10.74
C GLY A 10 1.44 -5.23 -11.15
N GLN A 11 1.52 -3.97 -11.56
CA GLN A 11 2.79 -3.39 -11.98
C GLN A 11 3.44 -2.61 -10.85
N VAL A 12 3.38 -3.18 -9.64
CA VAL A 12 3.97 -2.55 -8.48
C VAL A 12 5.41 -2.99 -8.26
N ARG A 13 6.24 -2.08 -7.76
CA ARG A 13 7.65 -2.37 -7.51
C ARG A 13 7.99 -2.18 -6.04
N PHE A 14 8.03 -3.29 -5.30
CA PHE A 14 8.35 -3.24 -3.88
C PHE A 14 9.11 -4.50 -3.45
N SER A 15 9.76 -4.42 -2.29
CA SER A 15 10.53 -5.55 -1.77
C SER A 15 9.69 -6.40 -0.84
N ASN A 16 10.20 -7.58 -0.49
CA ASN A 16 9.50 -8.48 0.40
C ASN A 16 9.10 -7.77 1.69
N ASP A 17 10.09 -7.40 2.49
CA ASP A 17 9.85 -6.71 3.76
C ASP A 17 9.05 -5.43 3.53
N GLN A 18 9.42 -4.69 2.49
CA GLN A 18 8.75 -3.43 2.17
C GLN A 18 7.25 -3.64 2.05
N THR A 19 6.85 -4.60 1.22
CA THR A 19 5.44 -4.90 1.02
C THR A 19 4.76 -5.29 2.34
N ILE A 20 5.38 -6.21 3.07
CA ILE A 20 4.84 -6.66 4.35
C ILE A 20 4.39 -5.49 5.20
N GLU A 21 5.33 -4.60 5.52
CA GLU A 21 5.02 -3.43 6.34
C GLU A 21 4.03 -2.51 5.63
N LEU A 22 4.31 -2.21 4.36
CA LEU A 22 3.45 -1.35 3.57
C LEU A 22 1.98 -1.70 3.78
N GLU A 23 1.71 -2.98 4.00
CA GLU A 23 0.35 -3.45 4.23
C GLU A 23 -0.04 -3.30 5.70
N LYS A 24 0.75 -3.90 6.58
CA LYS A 24 0.49 -3.84 8.01
C LYS A 24 0.11 -2.43 8.43
N LYS A 25 0.51 -1.45 7.64
CA LYS A 25 0.20 -0.06 7.92
C LYS A 25 -1.20 0.31 7.44
N PHE A 26 -1.42 0.17 6.13
CA PHE A 26 -2.72 0.48 5.54
C PHE A 26 -3.86 -0.10 6.38
N GLU A 27 -3.56 -1.18 7.08
CA GLU A 27 -4.55 -1.84 7.93
C GLU A 27 -5.00 -0.93 9.06
N THR A 28 -4.04 -0.38 9.78
CA THR A 28 -4.33 0.52 10.90
C THR A 28 -4.84 1.87 10.40
N GLN A 29 -4.43 2.24 9.19
CA GLN A 29 -4.85 3.51 8.60
C GLN A 29 -4.78 3.45 7.08
N LYS A 30 -5.95 3.54 6.43
CA LYS A 30 -6.02 3.49 4.98
C LYS A 30 -5.18 4.61 4.36
N TYR A 31 -5.06 5.72 5.08
CA TYR A 31 -4.29 6.85 4.60
C TYR A 31 -3.17 7.21 5.59
N LEU A 32 -2.33 8.16 5.19
CA LEU A 32 -1.23 8.60 6.03
C LEU A 32 -0.85 10.05 5.73
N SER A 33 -0.89 10.90 6.76
CA SER A 33 -0.55 12.30 6.60
C SER A 33 0.89 12.47 6.13
N PRO A 34 1.17 13.59 5.44
CA PRO A 34 2.50 13.89 4.92
C PRO A 34 3.60 13.68 5.96
N PRO A 35 3.34 14.14 7.20
CA PRO A 35 4.29 14.01 8.30
C PRO A 35 4.84 12.58 8.43
N GLU A 36 3.97 11.60 8.26
CA GLU A 36 4.36 10.20 8.35
C GLU A 36 4.90 9.70 7.01
N ARG A 37 4.02 9.64 6.02
CA ARG A 37 4.39 9.17 4.70
C ARG A 37 5.83 9.58 4.36
N LYS A 38 6.21 10.77 4.79
CA LYS A 38 7.55 11.27 4.54
C LYS A 38 8.60 10.42 5.26
N ARG A 39 8.37 10.17 6.55
CA ARG A 39 9.29 9.38 7.35
C ARG A 39 9.26 7.92 6.91
N LEU A 40 8.06 7.40 6.66
CA LEU A 40 7.89 6.02 6.24
C LEU A 40 8.76 5.70 5.02
N ALA A 41 8.67 6.56 4.00
CA ALA A 41 9.46 6.38 2.79
C ALA A 41 10.95 6.21 3.11
N LYS A 42 11.35 6.73 4.27
CA LYS A 42 12.74 6.65 4.70
C LYS A 42 12.99 5.36 5.49
N MET A 43 11.96 4.90 6.19
CA MET A 43 12.07 3.69 6.99
C MET A 43 12.08 2.45 6.10
N LEU A 44 11.15 2.41 5.15
CA LEU A 44 11.05 1.28 4.22
C LEU A 44 11.91 1.51 2.99
N GLN A 45 12.59 2.65 2.94
CA GLN A 45 13.45 2.98 1.82
C GLN A 45 12.65 3.15 0.53
N LEU A 46 11.39 3.58 0.69
CA LEU A 46 10.52 3.79 -0.46
C LEU A 46 10.43 5.27 -0.83
N SER A 47 9.65 5.57 -1.86
CA SER A 47 9.49 6.95 -2.31
C SER A 47 8.11 7.48 -1.95
N GLU A 48 8.03 8.78 -1.70
CA GLU A 48 6.75 9.41 -1.35
C GLU A 48 5.64 8.98 -2.31
N ARG A 49 5.93 9.04 -3.60
CA ARG A 49 4.96 8.66 -4.62
C ARG A 49 4.61 7.17 -4.51
N GLN A 50 5.57 6.39 -4.03
CA GLN A 50 5.37 4.95 -3.89
C GLN A 50 4.50 4.64 -2.68
N VAL A 51 4.66 5.44 -1.62
CA VAL A 51 3.88 5.26 -0.40
C VAL A 51 2.53 5.95 -0.50
N LYS A 52 2.42 6.89 -1.44
CA LYS A 52 1.18 7.63 -1.63
C LYS A 52 0.29 6.94 -2.66
N THR A 53 0.92 6.33 -3.67
CA THR A 53 0.17 5.63 -4.71
C THR A 53 -0.33 4.28 -4.22
N TRP A 54 0.56 3.50 -3.62
CA TRP A 54 0.20 2.18 -3.10
C TRP A 54 -1.06 2.26 -2.24
N PHE A 55 -0.97 2.99 -1.13
CA PHE A 55 -2.11 3.14 -0.23
C PHE A 55 -3.36 3.56 -1.00
N GLN A 56 -3.28 4.70 -1.67
CA GLN A 56 -4.41 5.22 -2.44
C GLN A 56 -5.11 4.08 -3.20
N ASN A 57 -4.36 3.41 -4.05
CA ASN A 57 -4.91 2.30 -4.83
C ASN A 57 -5.44 1.20 -3.92
N ARG A 58 -4.69 0.90 -2.86
CA ARG A 58 -5.09 -0.13 -1.91
C ARG A 58 -6.54 0.05 -1.48
N ARG A 59 -6.81 1.16 -0.80
CA ARG A 59 -8.16 1.45 -0.32
C ARG A 59 -9.18 1.25 -1.44
N ALA A 60 -8.96 1.93 -2.57
CA ALA A 60 -9.85 1.83 -3.71
C ALA A 60 -10.31 0.39 -3.92
N LYS A 61 -9.43 -0.56 -3.61
CA LYS A 61 -9.75 -1.97 -3.77
C LYS A 61 -10.37 -2.54 -2.50
N TRP A 62 -9.73 -2.26 -1.36
CA TRP A 62 -10.23 -2.75 -0.07
C TRP A 62 -11.72 -2.45 0.08
N ARG A 63 -12.12 -1.24 -0.31
CA ARG A 63 -13.53 -0.84 -0.20
C ARG A 63 -14.44 -1.94 -0.71
N ARG A 64 -14.22 -2.38 -1.95
CA ARG A 64 -15.03 -3.42 -2.55
C ARG A 64 -14.93 -4.73 -1.74
N SER A 65 -13.74 -4.99 -1.20
CA SER A 65 -13.51 -6.20 -0.42
C SER A 65 -14.35 -6.17 0.86
N GLY A 66 -14.40 -5.01 1.50
CA GLY A 66 -15.16 -4.88 2.73
C GLY A 66 -16.65 -4.69 2.47
N PRO A 67 -17.48 -5.21 3.39
CA PRO A 67 -18.94 -5.11 3.27
C PRO A 67 -19.44 -3.68 3.50
N SER A 68 -18.67 -2.90 4.25
CA SER A 68 -19.04 -1.52 4.53
C SER A 68 -19.75 -0.89 3.34
N SER A 69 -21.08 -0.86 3.41
CA SER A 69 -21.89 -0.29 2.34
C SER A 69 -21.77 1.24 2.32
N GLY A 70 -22.04 1.86 3.46
CA GLY A 70 -21.96 3.30 3.56
C GLY A 70 -22.69 3.85 4.76
N GLY A 1 -21.46 1.46 -16.43
CA GLY A 1 -21.84 2.29 -15.30
C GLY A 1 -20.67 3.07 -14.73
N SER A 2 -19.82 3.58 -15.61
CA SER A 2 -18.66 4.35 -15.19
C SER A 2 -18.10 5.17 -16.35
N SER A 3 -17.80 6.44 -16.08
CA SER A 3 -17.26 7.33 -17.10
C SER A 3 -15.77 7.56 -16.89
N GLY A 4 -14.95 6.90 -17.71
CA GLY A 4 -13.51 7.05 -17.61
C GLY A 4 -12.80 5.71 -17.62
N SER A 5 -11.80 5.57 -16.76
CA SER A 5 -11.01 4.33 -16.69
C SER A 5 -10.33 4.20 -15.33
N SER A 6 -9.91 2.99 -15.00
CA SER A 6 -9.26 2.72 -13.73
C SER A 6 -8.31 1.52 -13.85
N GLY A 7 -7.05 1.73 -13.45
CA GLY A 7 -6.08 0.66 -13.52
C GLY A 7 -5.18 0.76 -14.73
N LYS A 8 -3.93 1.17 -14.50
CA LYS A 8 -2.97 1.31 -15.59
C LYS A 8 -1.80 0.34 -15.41
N GLY A 9 -2.10 -0.88 -15.03
CA GLY A 9 -1.07 -1.88 -14.84
C GLY A 9 0.07 -1.37 -13.97
N GLY A 10 1.25 -1.25 -14.56
CA GLY A 10 2.41 -0.77 -13.82
C GLY A 10 2.88 -1.77 -12.78
N GLN A 11 3.99 -2.45 -13.07
CA GLN A 11 4.54 -3.43 -12.14
C GLN A 11 5.32 -2.75 -11.03
N VAL A 12 4.75 -2.75 -9.82
CA VAL A 12 5.40 -2.13 -8.68
C VAL A 12 6.79 -2.72 -8.45
N ARG A 13 7.58 -2.05 -7.61
CA ARG A 13 8.93 -2.50 -7.31
C ARG A 13 9.15 -2.59 -5.80
N PHE A 14 8.16 -3.14 -5.10
CA PHE A 14 8.24 -3.28 -3.64
C PHE A 14 8.84 -4.64 -3.26
N SER A 15 9.78 -4.62 -2.33
CA SER A 15 10.44 -5.84 -1.88
C SER A 15 9.53 -6.62 -0.94
N ASN A 16 9.95 -7.83 -0.58
CA ASN A 16 9.17 -8.68 0.31
C ASN A 16 8.81 -7.93 1.60
N ASP A 17 9.82 -7.46 2.31
CA ASP A 17 9.61 -6.72 3.55
C ASP A 17 8.85 -5.43 3.29
N GLN A 18 9.34 -4.65 2.33
CA GLN A 18 8.69 -3.38 1.99
C GLN A 18 7.18 -3.54 1.92
N THR A 19 6.73 -4.51 1.13
CA THR A 19 5.30 -4.76 0.97
C THR A 19 4.65 -5.13 2.31
N ILE A 20 5.28 -6.05 3.02
CA ILE A 20 4.78 -6.49 4.31
C ILE A 20 4.34 -5.32 5.17
N GLU A 21 5.27 -4.42 5.45
CA GLU A 21 4.97 -3.24 6.26
C GLU A 21 3.95 -2.34 5.56
N LEU A 22 4.22 -2.03 4.30
CA LEU A 22 3.33 -1.18 3.51
C LEU A 22 1.88 -1.55 3.75
N GLU A 23 1.62 -2.84 3.93
CA GLU A 23 0.26 -3.32 4.17
C GLU A 23 -0.13 -3.13 5.63
N LYS A 24 0.57 -3.80 6.53
CA LYS A 24 0.30 -3.70 7.96
C LYS A 24 -0.06 -2.26 8.33
N LYS A 25 0.44 -1.30 7.56
CA LYS A 25 0.17 0.11 7.82
C LYS A 25 -1.22 0.50 7.34
N PHE A 26 -1.48 0.30 6.05
CA PHE A 26 -2.77 0.63 5.47
C PHE A 26 -3.91 0.06 6.31
N GLU A 27 -3.62 -1.06 7.00
CA GLU A 27 -4.62 -1.70 7.83
C GLU A 27 -4.98 -0.84 9.03
N THR A 28 -3.96 -0.34 9.73
CA THR A 28 -4.16 0.51 10.90
C THR A 28 -4.62 1.90 10.48
N GLN A 29 -4.36 2.26 9.23
CA GLN A 29 -4.75 3.57 8.72
C GLN A 29 -4.75 3.57 7.19
N LYS A 30 -5.94 3.75 6.60
CA LYS A 30 -6.08 3.78 5.15
C LYS A 30 -5.25 4.89 4.54
N TYR A 31 -5.12 6.00 5.27
CA TYR A 31 -4.34 7.14 4.80
C TYR A 31 -3.22 7.48 5.78
N LEU A 32 -2.32 8.36 5.36
CA LEU A 32 -1.20 8.77 6.20
C LEU A 32 -0.79 10.21 5.90
N SER A 33 -0.80 11.05 6.93
CA SER A 33 -0.44 12.45 6.76
C SER A 33 1.00 12.59 6.27
N PRO A 34 1.28 13.71 5.59
CA PRO A 34 2.62 13.99 5.05
C PRO A 34 3.73 13.74 6.07
N PRO A 35 3.51 14.20 7.31
CA PRO A 35 4.48 14.03 8.40
C PRO A 35 4.99 12.60 8.50
N GLU A 36 4.08 11.64 8.39
CA GLU A 36 4.45 10.23 8.48
C GLU A 36 4.96 9.72 7.12
N ARG A 37 4.05 9.65 6.15
CA ARG A 37 4.41 9.17 4.82
C ARG A 37 5.83 9.59 4.45
N LYS A 38 6.23 10.77 4.92
CA LYS A 38 7.57 11.28 4.65
C LYS A 38 8.64 10.40 5.29
N ARG A 39 8.50 10.13 6.58
CA ARG A 39 9.44 9.29 7.31
C ARG A 39 9.36 7.85 6.83
N LEU A 40 8.15 7.36 6.65
CA LEU A 40 7.92 5.99 6.20
C LEU A 40 8.75 5.68 4.95
N ALA A 41 8.60 6.52 3.92
CA ALA A 41 9.33 6.35 2.68
C ALA A 41 10.82 6.15 2.95
N LYS A 42 11.29 6.69 4.07
CA LYS A 42 12.70 6.57 4.44
C LYS A 42 12.96 5.27 5.18
N MET A 43 11.98 4.84 5.98
CA MET A 43 12.11 3.61 6.74
C MET A 43 12.10 2.39 5.82
N LEU A 44 11.18 2.38 4.86
CA LEU A 44 11.07 1.28 3.92
C LEU A 44 11.93 1.53 2.68
N GLN A 45 12.70 2.60 2.72
CA GLN A 45 13.57 2.96 1.60
C GLN A 45 12.75 3.22 0.33
N LEU A 46 11.50 3.62 0.51
CA LEU A 46 10.61 3.91 -0.61
C LEU A 46 10.49 5.41 -0.84
N SER A 47 9.69 5.78 -1.84
CA SER A 47 9.49 7.19 -2.17
C SER A 47 8.07 7.64 -1.80
N GLU A 48 7.96 8.85 -1.29
CA GLU A 48 6.67 9.40 -0.89
C GLU A 48 5.59 9.01 -1.89
N ARG A 49 5.95 8.98 -3.17
CA ARG A 49 5.02 8.63 -4.23
C ARG A 49 4.61 7.17 -4.13
N GLN A 50 5.58 6.30 -3.86
CA GLN A 50 5.32 4.88 -3.74
C GLN A 50 4.43 4.58 -2.53
N VAL A 51 4.52 5.45 -1.52
CA VAL A 51 3.73 5.28 -0.31
C VAL A 51 2.38 5.97 -0.43
N LYS A 52 2.32 7.01 -1.26
CA LYS A 52 1.10 7.76 -1.46
C LYS A 52 0.23 7.10 -2.54
N THR A 53 0.88 6.41 -3.47
CA THR A 53 0.19 5.74 -4.56
C THR A 53 -0.34 4.38 -4.11
N TRP A 54 0.55 3.54 -3.60
CA TRP A 54 0.17 2.21 -3.13
C TRP A 54 -1.10 2.27 -2.29
N PHE A 55 -1.02 2.98 -1.17
CA PHE A 55 -2.18 3.12 -0.27
C PHE A 55 -3.44 3.43 -1.06
N GLN A 56 -3.40 4.52 -1.83
CA GLN A 56 -4.54 4.92 -2.63
C GLN A 56 -5.15 3.73 -3.37
N ASN A 57 -4.37 3.11 -4.24
CA ASN A 57 -4.83 1.96 -5.01
C ASN A 57 -5.40 0.89 -4.08
N ARG A 58 -4.70 0.62 -2.99
CA ARG A 58 -5.15 -0.38 -2.02
C ARG A 58 -6.60 -0.12 -1.61
N ARG A 59 -6.86 1.06 -1.06
CA ARG A 59 -8.20 1.42 -0.62
C ARG A 59 -9.25 0.98 -1.65
N ALA A 60 -9.15 1.54 -2.85
CA ALA A 60 -10.10 1.21 -3.92
C ALA A 60 -10.43 -0.28 -3.91
N LYS A 61 -9.43 -1.10 -3.62
CA LYS A 61 -9.62 -2.56 -3.57
C LYS A 61 -10.31 -2.97 -2.27
N TRP A 62 -9.83 -2.43 -1.16
CA TRP A 62 -10.38 -2.75 0.15
C TRP A 62 -11.88 -2.46 0.18
N ARG A 63 -12.26 -1.23 -0.17
CA ARG A 63 -13.66 -0.83 -0.18
C ARG A 63 -14.53 -1.90 -0.83
N ARG A 64 -14.22 -2.23 -2.08
CA ARG A 64 -14.98 -3.24 -2.82
C ARG A 64 -15.10 -4.53 -2.00
N SER A 65 -13.98 -4.96 -1.42
CA SER A 65 -13.96 -6.18 -0.62
C SER A 65 -14.93 -6.08 0.55
N GLY A 66 -14.96 -4.91 1.19
CA GLY A 66 -15.84 -4.70 2.32
C GLY A 66 -17.21 -4.19 1.89
N PRO A 67 -17.95 -3.62 2.85
CA PRO A 67 -19.29 -3.09 2.60
C PRO A 67 -19.27 -1.83 1.74
N SER A 68 -19.78 -1.94 0.51
CA SER A 68 -19.80 -0.82 -0.41
C SER A 68 -20.94 0.14 -0.07
N SER A 69 -20.90 1.33 -0.65
CA SER A 69 -21.92 2.34 -0.41
C SER A 69 -21.94 3.38 -1.52
N GLY A 70 -22.97 3.32 -2.36
CA GLY A 70 -23.08 4.26 -3.47
C GLY A 70 -22.83 3.62 -4.81
N GLY A 1 21.00 -19.40 -1.45
CA GLY A 1 19.75 -18.88 -0.93
C GLY A 1 18.58 -19.17 -1.85
N SER A 2 17.50 -19.68 -1.27
CA SER A 2 16.31 -20.02 -2.04
C SER A 2 15.05 -19.45 -1.38
N SER A 3 14.73 -18.21 -1.72
CA SER A 3 13.54 -17.55 -1.14
C SER A 3 12.82 -16.72 -2.21
N GLY A 4 11.52 -16.57 -2.03
CA GLY A 4 10.73 -15.79 -2.98
C GLY A 4 10.25 -16.62 -4.15
N SER A 5 9.09 -17.26 -3.97
CA SER A 5 8.51 -18.10 -5.01
C SER A 5 7.18 -17.54 -5.50
N SER A 6 7.25 -16.62 -6.46
CA SER A 6 6.04 -16.00 -7.00
C SER A 6 6.17 -15.80 -8.50
N GLY A 7 5.02 -15.78 -9.19
CA GLY A 7 5.03 -15.59 -10.63
C GLY A 7 4.99 -14.13 -11.04
N LYS A 8 6.11 -13.62 -11.50
CA LYS A 8 6.20 -12.21 -11.93
C LYS A 8 4.90 -11.77 -12.60
N GLY A 9 4.11 -10.98 -11.88
CA GLY A 9 2.85 -10.50 -12.43
C GLY A 9 2.82 -8.99 -12.56
N GLY A 10 2.17 -8.50 -13.61
CA GLY A 10 2.09 -7.07 -13.83
C GLY A 10 3.41 -6.37 -13.61
N GLN A 11 3.37 -5.25 -12.88
CA GLN A 11 4.57 -4.49 -12.59
C GLN A 11 4.58 -4.01 -11.14
N VAL A 12 5.59 -4.45 -10.39
CA VAL A 12 5.72 -4.07 -8.98
C VAL A 12 7.07 -3.43 -8.71
N ARG A 13 7.09 -2.42 -7.86
CA ARG A 13 8.33 -1.73 -7.51
C ARG A 13 8.54 -1.74 -5.99
N PHE A 14 8.24 -2.87 -5.36
CA PHE A 14 8.40 -3.00 -3.92
C PHE A 14 9.08 -4.32 -3.57
N SER A 15 9.64 -4.39 -2.37
CA SER A 15 10.33 -5.60 -1.92
C SER A 15 9.45 -6.40 -0.96
N ASN A 16 9.68 -7.71 -0.92
CA ASN A 16 8.91 -8.59 -0.05
C ASN A 16 8.67 -7.94 1.31
N ASP A 17 9.75 -7.60 2.00
CA ASP A 17 9.66 -6.97 3.31
C ASP A 17 8.88 -5.67 3.23
N GLN A 18 9.30 -4.78 2.33
CA GLN A 18 8.64 -3.49 2.15
C GLN A 18 7.13 -3.65 2.10
N THR A 19 6.65 -4.50 1.20
CA THR A 19 5.21 -4.74 1.05
C THR A 19 4.59 -5.13 2.38
N ILE A 20 5.15 -6.15 3.02
CA ILE A 20 4.65 -6.63 4.30
C ILE A 20 4.20 -5.46 5.18
N GLU A 21 5.14 -4.56 5.48
CA GLU A 21 4.84 -3.40 6.31
C GLU A 21 3.87 -2.47 5.61
N LEU A 22 4.18 -2.13 4.36
CA LEU A 22 3.33 -1.24 3.57
C LEU A 22 1.85 -1.57 3.78
N GLU A 23 1.57 -2.83 4.12
CA GLU A 23 0.21 -3.27 4.34
C GLU A 23 -0.19 -3.07 5.80
N LYS A 24 0.53 -3.72 6.70
CA LYS A 24 0.25 -3.61 8.13
C LYS A 24 -0.12 -2.18 8.51
N LYS A 25 0.37 -1.22 7.73
CA LYS A 25 0.09 0.19 7.97
C LYS A 25 -1.29 0.57 7.46
N PHE A 26 -1.51 0.34 6.16
CA PHE A 26 -2.80 0.67 5.55
C PHE A 26 -3.95 0.14 6.39
N GLU A 27 -3.76 -1.02 7.00
CA GLU A 27 -4.78 -1.63 7.83
C GLU A 27 -5.14 -0.73 9.00
N THR A 28 -4.13 -0.27 9.72
CA THR A 28 -4.32 0.61 10.87
C THR A 28 -4.76 2.00 10.43
N GLN A 29 -4.35 2.39 9.22
CA GLN A 29 -4.71 3.70 8.68
C GLN A 29 -4.68 3.68 7.15
N LYS A 30 -5.86 3.77 6.55
CA LYS A 30 -5.97 3.77 5.09
C LYS A 30 -5.13 4.88 4.48
N TYR A 31 -5.02 6.00 5.20
CA TYR A 31 -4.23 7.14 4.72
C TYR A 31 -3.14 7.50 5.72
N LEU A 32 -2.20 8.33 5.28
CA LEU A 32 -1.09 8.76 6.14
C LEU A 32 -0.69 10.20 5.81
N SER A 33 -0.73 11.05 6.82
CA SER A 33 -0.36 12.45 6.65
C SER A 33 1.08 12.58 6.17
N PRO A 34 1.38 13.70 5.49
CA PRO A 34 2.72 13.97 4.97
C PRO A 34 3.81 13.73 6.01
N PRO A 35 3.57 14.21 7.24
CA PRO A 35 4.52 14.07 8.34
C PRO A 35 5.04 12.63 8.48
N GLU A 36 4.13 11.67 8.37
CA GLU A 36 4.49 10.27 8.49
C GLU A 36 5.02 9.73 7.16
N ARG A 37 4.14 9.69 6.15
CA ARG A 37 4.52 9.20 4.84
C ARG A 37 5.95 9.58 4.50
N LYS A 38 6.34 10.79 4.88
CA LYS A 38 7.70 11.28 4.62
C LYS A 38 8.73 10.40 5.31
N ARG A 39 8.51 10.13 6.59
CA ARG A 39 9.43 9.30 7.36
C ARG A 39 9.35 7.83 6.91
N LEU A 40 8.12 7.36 6.69
CA LEU A 40 7.92 5.98 6.25
C LEU A 40 8.76 5.66 5.02
N ALA A 41 8.67 6.52 4.01
CA ALA A 41 9.43 6.34 2.78
C ALA A 41 10.92 6.17 3.07
N LYS A 42 11.35 6.67 4.22
CA LYS A 42 12.75 6.59 4.62
C LYS A 42 13.01 5.29 5.38
N MET A 43 12.00 4.82 6.10
CA MET A 43 12.13 3.60 6.88
C MET A 43 12.12 2.37 5.97
N LEU A 44 11.17 2.34 5.04
CA LEU A 44 11.05 1.23 4.11
C LEU A 44 11.88 1.48 2.84
N GLN A 45 12.65 2.57 2.86
CA GLN A 45 13.50 2.92 1.73
C GLN A 45 12.66 3.10 0.47
N LEU A 46 11.49 3.70 0.62
CA LEU A 46 10.59 3.94 -0.51
C LEU A 46 10.50 5.43 -0.82
N SER A 47 9.65 5.77 -1.79
CA SER A 47 9.47 7.16 -2.19
C SER A 47 8.07 7.65 -1.80
N GLU A 48 7.98 8.94 -1.48
CA GLU A 48 6.71 9.54 -1.09
C GLU A 48 5.59 9.13 -2.05
N ARG A 49 5.93 9.09 -3.34
CA ARG A 49 4.95 8.72 -4.35
C ARG A 49 4.59 7.25 -4.25
N GLN A 50 5.57 6.42 -3.88
CA GLN A 50 5.35 4.99 -3.74
C GLN A 50 4.48 4.68 -2.52
N VAL A 51 4.56 5.54 -1.52
CA VAL A 51 3.79 5.37 -0.29
C VAL A 51 2.44 6.07 -0.39
N LYS A 52 2.37 7.10 -1.25
CA LYS A 52 1.13 7.85 -1.44
C LYS A 52 0.26 7.18 -2.50
N THR A 53 0.89 6.43 -3.41
CA THR A 53 0.17 5.75 -4.47
C THR A 53 -0.32 4.38 -4.02
N TRP A 54 0.61 3.56 -3.52
CA TRP A 54 0.27 2.23 -3.05
C TRP A 54 -0.99 2.24 -2.21
N PHE A 55 -0.96 3.00 -1.12
CA PHE A 55 -2.13 3.10 -0.23
C PHE A 55 -3.39 3.42 -1.02
N GLN A 56 -3.30 4.43 -1.89
CA GLN A 56 -4.44 4.84 -2.70
C GLN A 56 -5.04 3.65 -3.43
N ASN A 57 -4.25 3.01 -4.29
CA ASN A 57 -4.71 1.86 -5.05
C ASN A 57 -5.35 0.83 -4.13
N ARG A 58 -4.60 0.41 -3.11
CA ARG A 58 -5.09 -0.58 -2.16
C ARG A 58 -6.53 -0.28 -1.75
N ARG A 59 -6.74 0.89 -1.16
CA ARG A 59 -8.07 1.30 -0.73
C ARG A 59 -9.14 0.79 -1.69
N ALA A 60 -8.98 1.15 -2.97
CA ALA A 60 -9.94 0.73 -3.99
C ALA A 60 -10.35 -0.73 -3.80
N LYS A 61 -9.38 -1.58 -3.52
CA LYS A 61 -9.63 -3.01 -3.31
C LYS A 61 -10.37 -3.24 -1.99
N TRP A 62 -9.80 -2.72 -0.91
CA TRP A 62 -10.40 -2.88 0.41
C TRP A 62 -11.91 -2.68 0.35
N ARG A 63 -12.33 -1.57 -0.26
CA ARG A 63 -13.75 -1.26 -0.39
C ARG A 63 -14.50 -2.41 -1.07
N ARG A 64 -14.00 -2.82 -2.24
CA ARG A 64 -14.63 -3.89 -2.99
C ARG A 64 -14.90 -5.10 -2.09
N SER A 65 -13.84 -5.60 -1.45
CA SER A 65 -13.96 -6.75 -0.56
C SER A 65 -14.90 -6.44 0.60
N GLY A 66 -14.80 -5.22 1.13
CA GLY A 66 -15.64 -4.83 2.24
C GLY A 66 -17.10 -4.64 1.84
N PRO A 67 -17.91 -4.08 2.74
CA PRO A 67 -19.33 -3.84 2.49
C PRO A 67 -19.56 -2.75 1.45
N SER A 68 -20.42 -3.03 0.49
CA SER A 68 -20.73 -2.07 -0.57
C SER A 68 -22.12 -1.47 -0.37
N SER A 69 -23.12 -2.33 -0.26
CA SER A 69 -24.50 -1.88 -0.07
C SER A 69 -24.68 -1.28 1.31
N GLY A 70 -25.17 -0.04 1.35
CA GLY A 70 -25.39 0.64 2.62
C GLY A 70 -26.85 0.92 2.88
N GLY A 1 18.40 -23.59 -4.82
CA GLY A 1 17.84 -24.64 -3.98
C GLY A 1 16.99 -24.09 -2.85
N SER A 2 17.64 -23.54 -1.84
CA SER A 2 16.93 -22.98 -0.69
C SER A 2 17.18 -21.48 -0.57
N SER A 3 17.17 -20.79 -1.71
CA SER A 3 17.40 -19.35 -1.73
C SER A 3 16.08 -18.59 -1.84
N GLY A 4 15.08 -19.04 -1.08
CA GLY A 4 13.78 -18.39 -1.10
C GLY A 4 13.36 -18.00 -2.50
N SER A 5 12.58 -16.92 -2.61
CA SER A 5 12.11 -16.45 -3.90
C SER A 5 11.71 -14.98 -3.82
N SER A 6 11.39 -14.40 -4.97
CA SER A 6 11.00 -12.99 -5.04
C SER A 6 9.52 -12.83 -4.74
N GLY A 7 8.67 -13.50 -5.52
CA GLY A 7 7.24 -13.41 -5.32
C GLY A 7 6.58 -12.46 -6.29
N LYS A 8 5.95 -11.42 -5.74
CA LYS A 8 5.27 -10.42 -6.57
C LYS A 8 6.13 -10.04 -7.77
N GLY A 9 5.48 -9.48 -8.79
CA GLY A 9 6.19 -9.07 -9.98
C GLY A 9 5.26 -8.74 -11.14
N GLY A 10 5.60 -7.67 -11.86
CA GLY A 10 4.77 -7.25 -12.98
C GLY A 10 4.64 -5.75 -13.08
N GLN A 11 3.56 -5.21 -12.54
CA GLN A 11 3.32 -3.77 -12.57
C GLN A 11 3.90 -3.10 -11.32
N VAL A 12 3.45 -3.54 -10.15
CA VAL A 12 3.92 -2.98 -8.89
C VAL A 12 5.36 -3.42 -8.61
N ARG A 13 6.11 -2.53 -7.97
CA ARG A 13 7.50 -2.81 -7.63
C ARG A 13 7.78 -2.50 -6.16
N PHE A 14 8.07 -3.54 -5.39
CA PHE A 14 8.36 -3.38 -3.97
C PHE A 14 9.06 -4.63 -3.42
N SER A 15 9.84 -4.43 -2.35
CA SER A 15 10.57 -5.52 -1.73
C SER A 15 9.66 -6.32 -0.80
N ASN A 16 10.03 -7.57 -0.56
CA ASN A 16 9.24 -8.44 0.31
C ASN A 16 8.84 -7.72 1.59
N ASP A 17 9.85 -7.27 2.35
CA ASP A 17 9.61 -6.57 3.59
C ASP A 17 8.77 -5.31 3.36
N GLN A 18 9.18 -4.51 2.37
CA GLN A 18 8.47 -3.29 2.04
C GLN A 18 6.97 -3.54 1.91
N THR A 19 6.61 -4.51 1.08
CA THR A 19 5.21 -4.86 0.87
C THR A 19 4.53 -5.27 2.18
N ILE A 20 5.27 -5.99 3.01
CA ILE A 20 4.75 -6.45 4.29
C ILE A 20 4.29 -5.27 5.15
N GLU A 21 5.22 -4.38 5.46
CA GLU A 21 4.92 -3.20 6.26
C GLU A 21 3.88 -2.32 5.58
N LEU A 22 4.20 -1.89 4.36
CA LEU A 22 3.29 -1.03 3.60
C LEU A 22 1.84 -1.45 3.80
N GLU A 23 1.63 -2.75 4.02
CA GLU A 23 0.28 -3.28 4.24
C GLU A 23 -0.13 -3.11 5.70
N LYS A 24 0.63 -3.73 6.60
CA LYS A 24 0.33 -3.66 8.03
C LYS A 24 -0.03 -2.23 8.43
N LYS A 25 0.43 -1.26 7.64
CA LYS A 25 0.15 0.15 7.91
C LYS A 25 -1.23 0.54 7.40
N PHE A 26 -1.47 0.33 6.11
CA PHE A 26 -2.74 0.66 5.50
C PHE A 26 -3.90 0.14 6.35
N GLU A 27 -3.78 -1.10 6.80
CA GLU A 27 -4.83 -1.71 7.62
C GLU A 27 -5.16 -0.84 8.82
N THR A 28 -4.13 -0.40 9.54
CA THR A 28 -4.32 0.45 10.71
C THR A 28 -4.75 1.85 10.31
N GLN A 29 -4.35 2.26 9.10
CA GLN A 29 -4.70 3.59 8.60
C GLN A 29 -4.69 3.60 7.08
N LYS A 30 -5.87 3.74 6.49
CA LYS A 30 -6.00 3.78 5.03
C LYS A 30 -5.17 4.90 4.44
N TYR A 31 -4.99 5.97 5.21
CA TYR A 31 -4.21 7.12 4.76
C TYR A 31 -3.12 7.47 5.77
N LEU A 32 -2.22 8.36 5.37
CA LEU A 32 -1.11 8.77 6.23
C LEU A 32 -0.72 10.21 5.95
N SER A 33 -0.73 11.05 6.99
CA SER A 33 -0.37 12.45 6.84
C SER A 33 1.06 12.60 6.33
N PRO A 34 1.34 13.74 5.68
CA PRO A 34 2.67 14.02 5.13
C PRO A 34 3.78 13.76 6.14
N PRO A 35 3.57 14.21 7.39
CA PRO A 35 4.54 14.03 8.48
C PRO A 35 5.06 12.60 8.56
N GLU A 36 4.15 11.63 8.47
CA GLU A 36 4.52 10.23 8.54
C GLU A 36 5.03 9.73 7.18
N ARG A 37 4.14 9.71 6.19
CA ARG A 37 4.50 9.26 4.85
C ARG A 37 5.93 9.64 4.52
N LYS A 38 6.38 10.78 5.04
CA LYS A 38 7.73 11.26 4.79
C LYS A 38 8.75 10.35 5.47
N ARG A 39 8.56 10.09 6.75
CA ARG A 39 9.46 9.24 7.51
C ARG A 39 9.40 7.80 7.03
N LEU A 40 8.18 7.33 6.76
CA LEU A 40 7.97 5.96 6.29
C LEU A 40 8.82 5.68 5.04
N ALA A 41 8.66 6.53 4.03
CA ALA A 41 9.40 6.38 2.78
C ALA A 41 10.89 6.21 3.05
N LYS A 42 11.33 6.67 4.23
CA LYS A 42 12.73 6.56 4.61
C LYS A 42 12.99 5.27 5.38
N MET A 43 11.99 4.81 6.12
CA MET A 43 12.11 3.60 6.91
C MET A 43 12.09 2.37 6.01
N LEU A 44 11.17 2.37 5.05
CA LEU A 44 11.05 1.25 4.12
C LEU A 44 11.88 1.49 2.86
N GLN A 45 12.65 2.57 2.86
CA GLN A 45 13.49 2.91 1.73
C GLN A 45 12.66 3.08 0.47
N LEU A 46 11.46 3.62 0.61
CA LEU A 46 10.56 3.84 -0.51
C LEU A 46 10.49 5.32 -0.87
N SER A 47 9.65 5.65 -1.85
CA SER A 47 9.49 7.03 -2.29
C SER A 47 8.11 7.57 -1.88
N GLU A 48 8.06 8.86 -1.57
CA GLU A 48 6.82 9.49 -1.17
C GLU A 48 5.68 9.13 -2.12
N ARG A 49 5.98 9.16 -3.42
CA ARG A 49 4.98 8.83 -4.42
C ARG A 49 4.63 7.35 -4.39
N GLN A 50 5.56 6.54 -3.90
CA GLN A 50 5.35 5.10 -3.80
C GLN A 50 4.44 4.75 -2.64
N VAL A 51 4.57 5.50 -1.54
CA VAL A 51 3.76 5.27 -0.35
C VAL A 51 2.43 6.01 -0.45
N LYS A 52 2.37 7.00 -1.33
CA LYS A 52 1.16 7.79 -1.52
C LYS A 52 0.26 7.14 -2.58
N THR A 53 0.87 6.49 -3.55
CA THR A 53 0.13 5.83 -4.62
C THR A 53 -0.38 4.46 -4.18
N TRP A 54 0.52 3.65 -3.63
CA TRP A 54 0.16 2.32 -3.16
C TRP A 54 -1.10 2.36 -2.30
N PHE A 55 -1.00 3.06 -1.17
CA PHE A 55 -2.13 3.18 -0.24
C PHE A 55 -3.41 3.50 -1.01
N GLN A 56 -3.35 4.52 -1.85
CA GLN A 56 -4.51 4.94 -2.64
C GLN A 56 -5.11 3.75 -3.39
N ASN A 57 -4.28 3.09 -4.18
CA ASN A 57 -4.73 1.94 -4.96
C ASN A 57 -5.30 0.85 -4.06
N ARG A 58 -4.53 0.44 -3.06
CA ARG A 58 -4.96 -0.58 -2.12
C ARG A 58 -6.40 -0.33 -1.67
N ARG A 59 -6.66 0.88 -1.18
CA ARG A 59 -7.99 1.23 -0.71
C ARG A 59 -9.06 0.73 -1.67
N ALA A 60 -9.02 1.23 -2.91
CA ALA A 60 -9.98 0.83 -3.92
C ALA A 60 -10.30 -0.67 -3.82
N LYS A 61 -9.27 -1.46 -3.55
CA LYS A 61 -9.45 -2.90 -3.41
C LYS A 61 -10.05 -3.27 -2.06
N TRP A 62 -9.54 -2.65 -1.00
CA TRP A 62 -10.04 -2.91 0.34
C TRP A 62 -11.55 -2.72 0.41
N ARG A 63 -12.03 -1.60 -0.11
CA ARG A 63 -13.45 -1.30 -0.10
C ARG A 63 -14.26 -2.46 -0.69
N ARG A 64 -14.02 -2.74 -1.97
CA ARG A 64 -14.72 -3.81 -2.66
C ARG A 64 -14.74 -5.08 -1.80
N SER A 65 -13.56 -5.47 -1.31
CA SER A 65 -13.44 -6.66 -0.49
C SER A 65 -14.17 -6.48 0.84
N GLY A 66 -14.24 -5.23 1.31
CA GLY A 66 -14.90 -4.96 2.56
C GLY A 66 -16.31 -5.53 2.61
N PRO A 67 -16.83 -5.71 3.83
CA PRO A 67 -18.18 -6.25 4.05
C PRO A 67 -19.27 -5.28 3.61
N SER A 68 -18.89 -4.02 3.44
CA SER A 68 -19.85 -2.99 3.03
C SER A 68 -20.47 -3.34 1.68
N SER A 69 -21.81 -3.37 1.65
CA SER A 69 -22.54 -3.69 0.43
C SER A 69 -23.90 -3.00 0.40
N GLY A 70 -24.27 -2.48 -0.76
CA GLY A 70 -25.54 -1.80 -0.89
C GLY A 70 -26.59 -2.66 -1.57
N GLY A 1 21.77 -16.10 8.78
CA GLY A 1 21.24 -15.52 7.56
C GLY A 1 21.49 -16.39 6.35
N SER A 2 20.69 -16.19 5.30
CA SER A 2 20.81 -16.97 4.07
C SER A 2 20.25 -16.21 2.88
N SER A 3 20.63 -16.64 1.68
CA SER A 3 20.17 -15.99 0.46
C SER A 3 18.96 -16.73 -0.13
N GLY A 4 17.83 -16.04 -0.17
CA GLY A 4 16.62 -16.65 -0.70
C GLY A 4 15.60 -15.61 -1.13
N SER A 5 15.54 -14.50 -0.41
CA SER A 5 14.60 -13.43 -0.72
C SER A 5 14.58 -13.13 -2.22
N SER A 6 13.40 -13.23 -2.82
CA SER A 6 13.25 -12.97 -4.24
C SER A 6 12.12 -11.99 -4.51
N GLY A 7 12.17 -11.32 -5.65
CA GLY A 7 11.15 -10.35 -6.00
C GLY A 7 10.66 -10.51 -7.43
N LYS A 8 9.36 -10.72 -7.58
CA LYS A 8 8.77 -10.89 -8.91
C LYS A 8 7.45 -10.13 -9.02
N GLY A 9 7.42 -9.13 -9.89
CA GLY A 9 6.22 -8.34 -10.07
C GLY A 9 6.06 -7.84 -11.50
N GLY A 10 4.83 -7.50 -11.87
CA GLY A 10 4.57 -7.01 -13.21
C GLY A 10 4.68 -5.50 -13.32
N GLN A 11 3.84 -4.79 -12.58
CA GLN A 11 3.86 -3.33 -12.59
C GLN A 11 4.30 -2.77 -11.25
N VAL A 12 3.86 -3.41 -10.17
CA VAL A 12 4.21 -2.99 -8.83
C VAL A 12 5.69 -3.21 -8.55
N ARG A 13 6.27 -2.34 -7.73
CA ARG A 13 7.68 -2.43 -7.38
C ARG A 13 7.89 -2.25 -5.88
N PHE A 14 8.04 -3.35 -5.16
CA PHE A 14 8.25 -3.30 -3.72
C PHE A 14 8.82 -4.63 -3.20
N SER A 15 9.90 -4.54 -2.44
CA SER A 15 10.55 -5.73 -1.90
C SER A 15 9.59 -6.50 -0.98
N ASN A 16 9.87 -7.78 -0.76
CA ASN A 16 9.04 -8.62 0.08
C ASN A 16 8.66 -7.88 1.36
N ASP A 17 9.66 -7.55 2.17
CA ASP A 17 9.42 -6.83 3.42
C ASP A 17 8.64 -5.55 3.19
N GLN A 18 9.16 -4.70 2.30
CA GLN A 18 8.51 -3.44 1.99
C GLN A 18 6.99 -3.62 1.86
N THR A 19 6.58 -4.56 1.02
CA THR A 19 5.17 -4.84 0.81
C THR A 19 4.49 -5.23 2.11
N ILE A 20 5.14 -6.09 2.88
CA ILE A 20 4.60 -6.55 4.16
C ILE A 20 4.23 -5.37 5.04
N GLU A 21 5.21 -4.54 5.36
CA GLU A 21 4.98 -3.36 6.21
C GLU A 21 3.96 -2.43 5.58
N LEU A 22 4.20 -2.05 4.33
CA LEU A 22 3.30 -1.15 3.61
C LEU A 22 1.85 -1.53 3.86
N GLU A 23 1.60 -2.82 4.08
CA GLU A 23 0.25 -3.31 4.33
C GLU A 23 -0.15 -3.09 5.79
N LYS A 24 0.55 -3.77 6.69
CA LYS A 24 0.27 -3.65 8.12
C LYS A 24 -0.10 -2.21 8.48
N LYS A 25 0.44 -1.27 7.73
CA LYS A 25 0.17 0.15 7.96
C LYS A 25 -1.21 0.54 7.45
N PHE A 26 -1.43 0.32 6.15
CA PHE A 26 -2.71 0.65 5.53
C PHE A 26 -3.87 0.14 6.38
N GLU A 27 -3.72 -1.06 6.92
CA GLU A 27 -4.76 -1.66 7.76
C GLU A 27 -5.10 -0.75 8.93
N THR A 28 -4.07 -0.28 9.63
CA THR A 28 -4.27 0.60 10.77
C THR A 28 -4.73 1.99 10.33
N GLN A 29 -4.38 2.36 9.11
CA GLN A 29 -4.75 3.66 8.56
C GLN A 29 -4.74 3.63 7.04
N LYS A 30 -5.92 3.79 6.45
CA LYS A 30 -6.05 3.78 4.99
C LYS A 30 -5.14 4.84 4.36
N TYR A 31 -4.99 5.96 5.05
CA TYR A 31 -4.16 7.05 4.55
C TYR A 31 -3.11 7.46 5.59
N LEU A 32 -2.14 8.26 5.18
CA LEU A 32 -1.09 8.72 6.07
C LEU A 32 -0.69 10.15 5.74
N SER A 33 -0.76 11.03 6.75
CA SER A 33 -0.40 12.43 6.57
C SER A 33 1.04 12.56 6.10
N PRO A 34 1.35 13.69 5.41
CA PRO A 34 2.69 13.96 4.90
C PRO A 34 3.77 13.74 5.94
N PRO A 35 3.52 14.21 7.17
CA PRO A 35 4.46 14.06 8.29
C PRO A 35 4.99 12.64 8.43
N GLU A 36 4.08 11.67 8.34
CA GLU A 36 4.45 10.26 8.46
C GLU A 36 4.99 9.73 7.14
N ARG A 37 4.11 9.65 6.14
CA ARG A 37 4.49 9.15 4.83
C ARG A 37 5.93 9.57 4.48
N LYS A 38 6.32 10.75 4.96
CA LYS A 38 7.65 11.27 4.71
C LYS A 38 8.71 10.42 5.40
N ARG A 39 8.49 10.14 6.68
CA ARG A 39 9.42 9.34 7.47
C ARG A 39 9.38 7.88 7.03
N LEU A 40 8.17 7.38 6.77
CA LEU A 40 8.00 6.00 6.35
C LEU A 40 8.87 5.69 5.12
N ALA A 41 8.75 6.52 4.10
CA ALA A 41 9.53 6.34 2.88
C ALA A 41 11.01 6.19 3.19
N LYS A 42 11.43 6.75 4.32
CA LYS A 42 12.82 6.67 4.73
C LYS A 42 13.11 5.36 5.47
N MET A 43 12.08 4.80 6.08
CA MET A 43 12.21 3.55 6.82
C MET A 43 12.16 2.36 5.88
N LEU A 44 11.21 2.39 4.95
CA LEU A 44 11.05 1.30 3.98
C LEU A 44 11.89 1.56 2.73
N GLN A 45 12.68 2.64 2.76
CA GLN A 45 13.52 2.99 1.63
C GLN A 45 12.69 3.23 0.38
N LEU A 46 11.47 3.72 0.57
CA LEU A 46 10.57 4.00 -0.54
C LEU A 46 10.46 5.50 -0.80
N SER A 47 9.61 5.87 -1.75
CA SER A 47 9.41 7.27 -2.09
C SER A 47 8.01 7.74 -1.71
N GLU A 48 7.89 9.03 -1.39
CA GLU A 48 6.59 9.59 -1.00
C GLU A 48 5.50 9.17 -1.98
N ARG A 49 5.81 9.22 -3.27
CA ARG A 49 4.86 8.84 -4.30
C ARG A 49 4.50 7.36 -4.20
N GLN A 50 5.48 6.54 -3.84
CA GLN A 50 5.28 5.11 -3.71
C GLN A 50 4.39 4.79 -2.51
N VAL A 51 4.57 5.55 -1.43
CA VAL A 51 3.78 5.35 -0.23
C VAL A 51 2.42 6.03 -0.34
N LYS A 52 2.35 7.08 -1.16
CA LYS A 52 1.11 7.82 -1.36
C LYS A 52 0.25 7.16 -2.42
N THR A 53 0.89 6.43 -3.34
CA THR A 53 0.17 5.75 -4.40
C THR A 53 -0.30 4.38 -3.96
N TRP A 54 0.64 3.53 -3.53
CA TRP A 54 0.31 2.19 -3.07
C TRP A 54 -0.95 2.19 -2.22
N PHE A 55 -0.93 2.96 -1.14
CA PHE A 55 -2.08 3.05 -0.24
C PHE A 55 -3.34 3.40 -1.02
N GLN A 56 -3.28 4.48 -1.78
CA GLN A 56 -4.43 4.92 -2.58
C GLN A 56 -5.01 3.76 -3.39
N ASN A 57 -4.15 3.10 -4.15
CA ASN A 57 -4.58 1.97 -4.97
C ASN A 57 -5.10 0.82 -4.11
N ARG A 58 -4.51 0.67 -2.93
CA ARG A 58 -4.92 -0.38 -2.00
C ARG A 58 -6.38 -0.20 -1.58
N ARG A 59 -6.69 0.98 -1.07
CA ARG A 59 -8.05 1.28 -0.62
C ARG A 59 -9.07 0.80 -1.64
N ALA A 60 -8.88 1.17 -2.90
CA ALA A 60 -9.78 0.77 -3.97
C ALA A 60 -10.15 -0.70 -3.86
N LYS A 61 -9.14 -1.54 -3.59
CA LYS A 61 -9.35 -2.97 -3.46
C LYS A 61 -10.03 -3.30 -2.14
N TRP A 62 -9.51 -2.75 -1.06
CA TRP A 62 -10.07 -2.99 0.27
C TRP A 62 -11.58 -2.75 0.27
N ARG A 63 -11.98 -1.56 -0.17
CA ARG A 63 -13.39 -1.20 -0.22
C ARG A 63 -14.19 -2.23 -1.02
N ARG A 64 -13.68 -2.57 -2.20
CA ARG A 64 -14.35 -3.53 -3.07
C ARG A 64 -14.66 -4.81 -2.30
N SER A 65 -13.64 -5.41 -1.71
CA SER A 65 -13.81 -6.65 -0.95
C SER A 65 -14.81 -6.45 0.19
N GLY A 66 -14.72 -5.31 0.85
CA GLY A 66 -15.62 -5.02 1.96
C GLY A 66 -17.02 -4.72 1.49
N PRO A 67 -17.98 -4.73 2.44
CA PRO A 67 -19.39 -4.45 2.14
C PRO A 67 -19.64 -3.00 1.76
N SER A 68 -20.19 -2.79 0.57
CA SER A 68 -20.47 -1.44 0.09
C SER A 68 -21.93 -1.08 0.32
N SER A 69 -22.16 0.08 0.94
CA SER A 69 -23.51 0.54 1.23
C SER A 69 -23.82 1.81 0.43
N GLY A 70 -24.50 1.63 -0.69
CA GLY A 70 -24.86 2.77 -1.53
C GLY A 70 -26.19 3.38 -1.14
N GLY A 1 -16.79 -12.42 -12.51
CA GLY A 1 -16.98 -13.81 -12.09
C GLY A 1 -15.68 -14.49 -11.74
N SER A 2 -14.92 -13.88 -10.84
CA SER A 2 -13.63 -14.44 -10.41
C SER A 2 -12.78 -14.81 -11.62
N SER A 3 -12.77 -13.94 -12.62
CA SER A 3 -11.99 -14.18 -13.83
C SER A 3 -10.59 -13.59 -13.71
N GLY A 4 -10.52 -12.27 -13.50
CA GLY A 4 -9.23 -11.62 -13.37
C GLY A 4 -8.88 -10.79 -14.59
N SER A 5 -7.63 -10.33 -14.64
CA SER A 5 -7.16 -9.52 -15.76
C SER A 5 -5.65 -9.38 -15.73
N SER A 6 -5.02 -9.53 -16.90
CA SER A 6 -3.57 -9.41 -17.00
C SER A 6 -3.14 -9.24 -18.46
N GLY A 7 -2.19 -8.34 -18.69
CA GLY A 7 -1.71 -8.10 -20.03
C GLY A 7 -0.63 -7.03 -20.08
N LYS A 8 -1.03 -5.77 -19.94
CA LYS A 8 -0.09 -4.66 -19.97
C LYS A 8 1.00 -4.84 -18.92
N GLY A 9 2.25 -4.64 -19.32
CA GLY A 9 3.37 -4.79 -18.41
C GLY A 9 3.97 -3.46 -18.00
N GLY A 10 4.78 -3.48 -16.95
CA GLY A 10 5.41 -2.26 -16.47
C GLY A 10 4.72 -1.70 -15.24
N GLN A 11 5.20 -2.11 -14.06
CA GLN A 11 4.63 -1.65 -12.80
C GLN A 11 5.69 -1.62 -11.71
N VAL A 12 5.32 -1.09 -10.55
CA VAL A 12 6.23 -1.01 -9.42
C VAL A 12 6.27 -2.31 -8.63
N ARG A 13 7.46 -2.71 -8.21
CA ARG A 13 7.63 -3.94 -7.46
C ARG A 13 8.34 -3.68 -6.13
N PHE A 14 7.57 -3.69 -5.04
CA PHE A 14 8.12 -3.43 -3.72
C PHE A 14 8.89 -4.65 -3.22
N SER A 15 9.74 -4.43 -2.21
CA SER A 15 10.54 -5.52 -1.64
C SER A 15 9.71 -6.39 -0.72
N ASN A 16 10.18 -7.61 -0.47
CA ASN A 16 9.47 -8.54 0.40
C ASN A 16 9.04 -7.86 1.69
N ASP A 17 10.01 -7.43 2.48
CA ASP A 17 9.73 -6.76 3.74
C ASP A 17 8.94 -5.48 3.51
N GLN A 18 9.42 -4.64 2.59
CA GLN A 18 8.75 -3.38 2.29
C GLN A 18 7.25 -3.58 2.17
N THR A 19 6.83 -4.46 1.26
CA THR A 19 5.42 -4.73 1.05
C THR A 19 4.73 -5.09 2.35
N ILE A 20 5.28 -6.08 3.05
CA ILE A 20 4.71 -6.53 4.32
C ILE A 20 4.25 -5.34 5.16
N GLU A 21 5.17 -4.44 5.47
CA GLU A 21 4.86 -3.25 6.26
C GLU A 21 3.84 -2.38 5.54
N LEU A 22 4.10 -2.10 4.27
CA LEU A 22 3.20 -1.27 3.47
C LEU A 22 1.75 -1.68 3.67
N GLU A 23 1.53 -2.97 3.93
CA GLU A 23 0.18 -3.49 4.14
C GLU A 23 -0.22 -3.33 5.60
N LYS A 24 0.61 -3.84 6.50
CA LYS A 24 0.32 -3.76 7.93
C LYS A 24 -0.02 -2.33 8.34
N LYS A 25 0.45 -1.36 7.56
CA LYS A 25 0.19 0.05 7.83
C LYS A 25 -1.19 0.45 7.34
N PHE A 26 -1.43 0.25 6.04
CA PHE A 26 -2.71 0.60 5.44
C PHE A 26 -3.87 0.06 6.28
N GLU A 27 -3.74 -1.18 6.74
CA GLU A 27 -4.77 -1.81 7.55
C GLU A 27 -5.12 -0.94 8.75
N THR A 28 -4.10 -0.49 9.49
CA THR A 28 -4.31 0.35 10.66
C THR A 28 -4.74 1.76 10.25
N GLN A 29 -4.37 2.16 9.04
CA GLN A 29 -4.71 3.48 8.53
C GLN A 29 -4.72 3.49 7.01
N LYS A 30 -5.92 3.58 6.43
CA LYS A 30 -6.07 3.60 4.98
C LYS A 30 -5.17 4.66 4.36
N TYR A 31 -4.99 5.76 5.05
CA TYR A 31 -4.15 6.86 4.57
C TYR A 31 -3.05 7.19 5.58
N LEU A 32 -2.20 8.14 5.22
CA LEU A 32 -1.11 8.56 6.08
C LEU A 32 -0.74 10.02 5.84
N SER A 33 -0.79 10.82 6.89
CA SER A 33 -0.45 12.24 6.78
C SER A 33 0.98 12.43 6.29
N PRO A 34 1.24 13.58 5.67
CA PRO A 34 2.57 13.92 5.14
C PRO A 34 3.68 13.66 6.15
N PRO A 35 3.44 14.06 7.41
CA PRO A 35 4.40 13.89 8.50
C PRO A 35 4.96 12.47 8.55
N GLU A 36 4.07 11.49 8.40
CA GLU A 36 4.47 10.09 8.43
C GLU A 36 5.00 9.64 7.08
N ARG A 37 4.11 9.64 6.08
CA ARG A 37 4.47 9.23 4.73
C ARG A 37 5.90 9.65 4.40
N LYS A 38 6.27 10.85 4.85
CA LYS A 38 7.61 11.37 4.60
C LYS A 38 8.67 10.51 5.28
N ARG A 39 8.42 10.15 6.53
CA ARG A 39 9.36 9.33 7.29
C ARG A 39 9.33 7.89 6.80
N LEU A 40 8.14 7.34 6.62
CA LEU A 40 7.97 5.97 6.16
C LEU A 40 8.83 5.72 4.92
N ALA A 41 8.70 6.59 3.93
CA ALA A 41 9.47 6.46 2.69
C ALA A 41 10.97 6.34 2.99
N LYS A 42 11.38 6.83 4.15
CA LYS A 42 12.78 6.77 4.55
C LYS A 42 13.06 5.50 5.34
N MET A 43 12.05 4.98 6.02
CA MET A 43 12.19 3.76 6.80
C MET A 43 12.20 2.52 5.90
N LEU A 44 11.26 2.48 4.97
CA LEU A 44 11.16 1.35 4.04
C LEU A 44 11.99 1.61 2.78
N GLN A 45 12.72 2.72 2.77
CA GLN A 45 13.55 3.07 1.63
C GLN A 45 12.70 3.31 0.39
N LEU A 46 11.47 3.76 0.60
CA LEU A 46 10.55 4.02 -0.51
C LEU A 46 10.43 5.52 -0.76
N SER A 47 9.65 5.87 -1.79
CA SER A 47 9.45 7.27 -2.15
C SER A 47 8.03 7.72 -1.80
N GLU A 48 7.90 8.94 -1.33
CA GLU A 48 6.60 9.49 -0.97
C GLU A 48 5.54 9.09 -1.99
N ARG A 49 5.91 9.11 -3.26
CA ARG A 49 5.00 8.74 -4.34
C ARG A 49 4.59 7.27 -4.24
N GLN A 50 5.57 6.41 -4.01
CA GLN A 50 5.32 4.98 -3.88
C GLN A 50 4.49 4.68 -2.63
N VAL A 51 4.58 5.56 -1.66
CA VAL A 51 3.84 5.39 -0.41
C VAL A 51 2.48 6.09 -0.47
N LYS A 52 2.35 7.05 -1.37
CA LYS A 52 1.11 7.79 -1.54
C LYS A 52 0.22 7.12 -2.59
N THR A 53 0.85 6.45 -3.55
CA THR A 53 0.11 5.79 -4.61
C THR A 53 -0.36 4.41 -4.17
N TRP A 54 0.56 3.62 -3.61
CA TRP A 54 0.23 2.28 -3.14
C TRP A 54 -1.03 2.30 -2.28
N PHE A 55 -0.98 3.05 -1.18
CA PHE A 55 -2.11 3.15 -0.27
C PHE A 55 -3.38 3.55 -1.03
N GLN A 56 -3.33 4.71 -1.67
CA GLN A 56 -4.48 5.21 -2.43
C GLN A 56 -5.15 4.07 -3.21
N ASN A 57 -4.39 3.44 -4.09
CA ASN A 57 -4.91 2.35 -4.89
C ASN A 57 -5.41 1.21 -4.01
N ARG A 58 -4.75 1.02 -2.87
CA ARG A 58 -5.12 -0.04 -1.94
C ARG A 58 -6.57 0.11 -1.49
N ARG A 59 -6.87 1.24 -0.84
CA ARG A 59 -8.22 1.51 -0.36
C ARG A 59 -9.26 1.08 -1.39
N ALA A 60 -9.18 1.65 -2.59
CA ALA A 60 -10.11 1.32 -3.67
C ALA A 60 -10.36 -0.18 -3.73
N LYS A 61 -9.31 -0.96 -3.51
CA LYS A 61 -9.42 -2.41 -3.55
C LYS A 61 -10.03 -2.95 -2.26
N TRP A 62 -9.60 -2.38 -1.14
CA TRP A 62 -10.12 -2.80 0.17
C TRP A 62 -11.63 -2.61 0.25
N ARG A 63 -12.13 -1.61 -0.46
CA ARG A 63 -13.56 -1.32 -0.47
C ARG A 63 -14.32 -2.38 -1.24
N ARG A 64 -13.84 -2.71 -2.44
CA ARG A 64 -14.47 -3.71 -3.28
C ARG A 64 -14.52 -5.07 -2.58
N SER A 65 -13.38 -5.47 -2.02
CA SER A 65 -13.29 -6.74 -1.33
C SER A 65 -14.13 -6.73 -0.05
N GLY A 66 -14.07 -5.62 0.68
CA GLY A 66 -14.82 -5.50 1.92
C GLY A 66 -16.31 -5.49 1.68
N PRO A 67 -17.07 -6.07 2.62
CA PRO A 67 -18.53 -6.14 2.53
C PRO A 67 -19.19 -4.78 2.71
N SER A 68 -20.34 -4.60 2.07
CA SER A 68 -21.07 -3.34 2.16
C SER A 68 -22.52 -3.52 1.71
N SER A 69 -23.46 -3.30 2.63
CA SER A 69 -24.87 -3.44 2.34
C SER A 69 -25.55 -2.07 2.27
N GLY A 70 -26.76 -2.04 1.71
CA GLY A 70 -27.50 -0.80 1.60
C GLY A 70 -28.52 -0.83 0.47
N GLY A 1 18.57 -24.74 5.02
CA GLY A 1 17.36 -23.97 4.79
C GLY A 1 16.17 -24.85 4.45
N SER A 2 14.98 -24.43 4.85
CA SER A 2 13.76 -25.19 4.59
C SER A 2 13.19 -24.84 3.22
N SER A 3 12.25 -25.65 2.76
CA SER A 3 11.62 -25.43 1.47
C SER A 3 10.14 -25.10 1.63
N GLY A 4 9.81 -23.82 1.51
CA GLY A 4 8.43 -23.39 1.66
C GLY A 4 8.27 -21.88 1.50
N SER A 5 8.27 -21.41 0.26
CA SER A 5 8.13 -19.99 -0.03
C SER A 5 7.44 -19.76 -1.36
N SER A 6 6.40 -18.94 -1.35
CA SER A 6 5.65 -18.64 -2.57
C SER A 6 5.53 -17.13 -2.78
N GLY A 7 5.11 -16.74 -3.97
CA GLY A 7 4.95 -15.33 -4.27
C GLY A 7 6.27 -14.58 -4.20
N LYS A 8 7.30 -15.13 -4.82
CA LYS A 8 8.62 -14.50 -4.81
C LYS A 8 8.51 -13.02 -5.17
N GLY A 9 7.86 -12.72 -6.28
CA GLY A 9 7.71 -11.34 -6.71
C GLY A 9 7.06 -11.23 -8.07
N GLY A 10 7.06 -10.02 -8.62
CA GLY A 10 6.45 -9.80 -9.93
C GLY A 10 6.37 -8.33 -10.29
N GLN A 11 5.38 -7.97 -11.09
CA GLN A 11 5.19 -6.59 -11.51
C GLN A 11 5.57 -5.63 -10.40
N VAL A 12 4.92 -5.77 -9.24
CA VAL A 12 5.21 -4.92 -8.10
C VAL A 12 6.70 -4.69 -7.93
N ARG A 13 7.07 -3.43 -7.69
CA ARG A 13 8.48 -3.08 -7.52
C ARG A 13 8.88 -3.18 -6.05
N PHE A 14 7.89 -3.10 -5.16
CA PHE A 14 8.16 -3.19 -3.73
C PHE A 14 8.77 -4.54 -3.37
N SER A 15 9.68 -4.52 -2.41
CA SER A 15 10.35 -5.73 -1.97
C SER A 15 9.45 -6.55 -1.03
N ASN A 16 9.86 -7.78 -0.74
CA ASN A 16 9.09 -8.65 0.14
C ASN A 16 8.72 -7.94 1.43
N ASP A 17 9.74 -7.54 2.19
CA ASP A 17 9.53 -6.85 3.45
C ASP A 17 8.79 -5.53 3.23
N GLN A 18 9.33 -4.70 2.35
CA GLN A 18 8.72 -3.41 2.04
C GLN A 18 7.20 -3.53 1.93
N THR A 19 6.75 -4.49 1.13
CA THR A 19 5.33 -4.72 0.93
C THR A 19 4.64 -5.06 2.25
N ILE A 20 5.20 -6.03 2.97
CA ILE A 20 4.64 -6.45 4.25
C ILE A 20 4.22 -5.25 5.09
N GLU A 21 5.17 -4.36 5.36
CA GLU A 21 4.90 -3.17 6.16
C GLU A 21 3.86 -2.28 5.46
N LEU A 22 4.16 -1.89 4.23
CA LEU A 22 3.26 -1.05 3.46
C LEU A 22 1.81 -1.46 3.67
N GLU A 23 1.60 -2.72 4.01
CA GLU A 23 0.26 -3.25 4.25
C GLU A 23 -0.15 -3.07 5.71
N LYS A 24 0.56 -3.75 6.59
CA LYS A 24 0.29 -3.67 8.02
C LYS A 24 -0.05 -2.24 8.43
N LYS A 25 0.46 -1.27 7.66
CA LYS A 25 0.22 0.13 7.95
C LYS A 25 -1.18 0.55 7.47
N PHE A 26 -1.44 0.35 6.19
CA PHE A 26 -2.73 0.70 5.61
C PHE A 26 -3.88 0.19 6.48
N GLU A 27 -3.76 -1.06 6.92
CA GLU A 27 -4.78 -1.67 7.77
C GLU A 27 -5.12 -0.78 8.95
N THR A 28 -4.08 -0.29 9.63
CA THR A 28 -4.26 0.56 10.80
C THR A 28 -4.74 1.96 10.38
N GLN A 29 -4.41 2.35 9.15
CA GLN A 29 -4.80 3.65 8.63
C GLN A 29 -4.80 3.65 7.11
N LYS A 30 -5.98 3.78 6.52
CA LYS A 30 -6.11 3.78 5.06
C LYS A 30 -5.27 4.90 4.45
N TYR A 31 -5.02 5.95 5.24
CA TYR A 31 -4.23 7.09 4.78
C TYR A 31 -3.14 7.45 5.79
N LEU A 32 -2.23 8.31 5.38
CA LEU A 32 -1.14 8.74 6.26
C LEU A 32 -0.73 10.18 5.95
N SER A 33 -0.76 11.02 6.98
CA SER A 33 -0.39 12.42 6.82
C SER A 33 1.04 12.56 6.33
N PRO A 34 1.33 13.69 5.66
CA PRO A 34 2.67 13.98 5.12
C PRO A 34 3.77 13.72 6.14
N PRO A 35 3.54 14.18 7.38
CA PRO A 35 4.51 14.02 8.48
C PRO A 35 5.02 12.59 8.59
N GLU A 36 4.13 11.63 8.45
CA GLU A 36 4.49 10.22 8.52
C GLU A 36 5.00 9.71 7.17
N ARG A 37 4.10 9.66 6.20
CA ARG A 37 4.47 9.19 4.86
C ARG A 37 5.89 9.59 4.51
N LYS A 38 6.31 10.76 4.99
CA LYS A 38 7.65 11.26 4.73
C LYS A 38 8.71 10.35 5.37
N ARG A 39 8.58 10.13 6.67
CA ARG A 39 9.51 9.29 7.40
C ARG A 39 9.44 7.84 6.91
N LEU A 40 8.22 7.36 6.69
CA LEU A 40 8.01 5.99 6.22
C LEU A 40 8.85 5.70 4.99
N ALA A 41 8.72 6.55 3.97
CA ALA A 41 9.47 6.39 2.74
C ALA A 41 10.96 6.25 3.02
N LYS A 42 11.38 6.74 4.17
CA LYS A 42 12.80 6.68 4.56
C LYS A 42 13.07 5.41 5.38
N MET A 43 12.03 4.89 6.03
CA MET A 43 12.17 3.69 6.84
C MET A 43 12.19 2.45 5.96
N LEU A 44 11.28 2.40 4.99
CA LEU A 44 11.18 1.26 4.08
C LEU A 44 12.04 1.49 2.85
N GLN A 45 12.71 2.63 2.78
CA GLN A 45 13.55 2.97 1.65
C GLN A 45 12.73 3.18 0.39
N LEU A 46 11.54 3.77 0.55
CA LEU A 46 10.66 4.02 -0.57
C LEU A 46 10.51 5.52 -0.83
N SER A 47 9.69 5.87 -1.82
CA SER A 47 9.47 7.27 -2.17
C SER A 47 8.08 7.71 -1.75
N GLU A 48 7.96 8.99 -1.40
CA GLU A 48 6.68 9.54 -0.98
C GLU A 48 5.55 9.13 -1.94
N ARG A 49 5.83 9.22 -3.24
CA ARG A 49 4.86 8.85 -4.26
C ARG A 49 4.51 7.37 -4.17
N GLN A 50 5.51 6.55 -3.83
CA GLN A 50 5.31 5.12 -3.72
C GLN A 50 4.40 4.78 -2.54
N VAL A 51 4.53 5.55 -1.46
CA VAL A 51 3.73 5.34 -0.26
C VAL A 51 2.38 6.04 -0.38
N LYS A 52 2.31 7.04 -1.25
CA LYS A 52 1.07 7.79 -1.46
C LYS A 52 0.24 7.15 -2.55
N THR A 53 0.89 6.46 -3.47
CA THR A 53 0.20 5.79 -4.59
C THR A 53 -0.29 4.42 -4.17
N TRP A 54 0.57 3.66 -3.49
CA TRP A 54 0.21 2.32 -3.04
C TRP A 54 -1.06 2.34 -2.20
N PHE A 55 -1.03 3.09 -1.10
CA PHE A 55 -2.18 3.20 -0.22
C PHE A 55 -3.44 3.53 -1.00
N GLN A 56 -3.32 4.47 -1.93
CA GLN A 56 -4.46 4.89 -2.75
C GLN A 56 -5.08 3.69 -3.46
N ASN A 57 -4.31 3.05 -4.32
CA ASN A 57 -4.78 1.89 -5.07
C ASN A 57 -5.42 0.87 -4.13
N ARG A 58 -4.62 0.37 -3.19
CA ARG A 58 -5.10 -0.62 -2.23
C ARG A 58 -6.54 -0.32 -1.81
N ARG A 59 -6.73 0.86 -1.20
CA ARG A 59 -8.05 1.27 -0.74
C ARG A 59 -9.13 0.80 -1.71
N ALA A 60 -9.05 1.27 -2.95
CA ALA A 60 -10.02 0.90 -3.98
C ALA A 60 -10.42 -0.58 -3.84
N LYS A 61 -9.44 -1.43 -3.60
CA LYS A 61 -9.67 -2.86 -3.46
C LYS A 61 -10.22 -3.17 -2.06
N TRP A 62 -9.52 -2.70 -1.03
CA TRP A 62 -9.94 -2.93 0.34
C TRP A 62 -11.43 -2.64 0.52
N ARG A 63 -11.94 -1.71 -0.27
CA ARG A 63 -13.35 -1.35 -0.19
C ARG A 63 -14.23 -2.43 -0.83
N ARG A 64 -13.68 -3.11 -1.82
CA ARG A 64 -14.41 -4.16 -2.51
C ARG A 64 -14.30 -5.49 -1.76
N SER A 65 -13.09 -5.81 -1.31
CA SER A 65 -12.85 -7.05 -0.58
C SER A 65 -13.54 -7.02 0.78
N GLY A 66 -13.63 -5.83 1.36
CA GLY A 66 -14.26 -5.68 2.65
C GLY A 66 -15.77 -5.79 2.58
N PRO A 67 -16.45 -4.64 2.48
CA PRO A 67 -17.91 -4.58 2.41
C PRO A 67 -18.44 -5.12 1.08
N SER A 68 -18.68 -6.43 1.04
CA SER A 68 -19.19 -7.07 -0.17
C SER A 68 -20.61 -6.60 -0.48
N SER A 69 -20.75 -5.87 -1.59
CA SER A 69 -22.05 -5.36 -1.99
C SER A 69 -22.31 -5.65 -3.47
N GLY A 70 -23.07 -6.71 -3.73
CA GLY A 70 -23.38 -7.08 -5.10
C GLY A 70 -24.54 -8.06 -5.19
N GLY A 1 1.11 -20.66 -16.37
CA GLY A 1 0.03 -19.92 -16.98
C GLY A 1 0.22 -18.42 -16.90
N SER A 2 -0.67 -17.67 -17.53
CA SER A 2 -0.58 -16.22 -17.52
C SER A 2 -0.85 -15.66 -16.13
N SER A 3 0.17 -15.64 -15.30
CA SER A 3 0.04 -15.14 -13.93
C SER A 3 0.75 -13.79 -13.78
N GLY A 4 0.04 -12.71 -14.12
CA GLY A 4 0.62 -11.40 -14.01
C GLY A 4 -0.31 -10.32 -14.52
N SER A 5 -0.01 -9.06 -14.20
CA SER A 5 -0.83 -7.93 -14.62
C SER A 5 0.04 -6.76 -15.04
N SER A 6 -0.23 -6.22 -16.23
CA SER A 6 0.54 -5.10 -16.74
C SER A 6 -0.12 -4.52 -18.00
N GLY A 7 -0.46 -3.24 -17.96
CA GLY A 7 -1.09 -2.60 -19.10
C GLY A 7 -1.36 -1.13 -18.86
N LYS A 8 -2.04 -0.83 -17.77
CA LYS A 8 -2.37 0.55 -17.42
C LYS A 8 -1.18 1.48 -17.68
N GLY A 9 -0.02 1.11 -17.13
CA GLY A 9 1.17 1.91 -17.31
C GLY A 9 1.91 2.15 -16.00
N GLY A 10 2.96 2.96 -16.07
CA GLY A 10 3.74 3.25 -14.87
C GLY A 10 4.33 2.01 -14.25
N GLN A 11 5.65 1.94 -14.21
CA GLN A 11 6.34 0.79 -13.62
C GLN A 11 6.39 0.90 -12.10
N VAL A 12 5.95 -0.16 -11.43
CA VAL A 12 5.94 -0.19 -9.97
C VAL A 12 6.41 -1.54 -9.45
N ARG A 13 7.16 -1.51 -8.34
CA ARG A 13 7.68 -2.74 -7.74
C ARG A 13 8.13 -2.47 -6.30
N PHE A 14 7.81 -3.42 -5.42
CA PHE A 14 8.19 -3.30 -4.01
C PHE A 14 8.97 -4.53 -3.55
N SER A 15 9.65 -4.39 -2.41
CA SER A 15 10.42 -5.49 -1.86
C SER A 15 9.58 -6.36 -0.93
N ASN A 16 10.01 -7.60 -0.72
CA ASN A 16 9.30 -8.52 0.15
C ASN A 16 8.92 -7.86 1.46
N ASP A 17 9.94 -7.39 2.19
CA ASP A 17 9.72 -6.74 3.47
C ASP A 17 8.90 -5.47 3.30
N GLN A 18 9.35 -4.60 2.40
CA GLN A 18 8.66 -3.34 2.13
C GLN A 18 7.16 -3.55 2.08
N THR A 19 6.70 -4.42 1.18
CA THR A 19 5.28 -4.70 1.05
C THR A 19 4.66 -5.09 2.38
N ILE A 20 5.23 -6.12 3.00
CA ILE A 20 4.73 -6.59 4.29
C ILE A 20 4.26 -5.43 5.16
N GLU A 21 5.19 -4.55 5.52
CA GLU A 21 4.87 -3.39 6.35
C GLU A 21 3.88 -2.48 5.64
N LEU A 22 4.22 -2.08 4.42
CA LEU A 22 3.36 -1.20 3.63
C LEU A 22 1.89 -1.54 3.84
N GLU A 23 1.62 -2.81 4.15
CA GLU A 23 0.25 -3.28 4.37
C GLU A 23 -0.16 -3.07 5.82
N LYS A 24 0.57 -3.70 6.74
CA LYS A 24 0.27 -3.58 8.16
C LYS A 24 -0.10 -2.15 8.52
N LYS A 25 0.37 -1.19 7.72
CA LYS A 25 0.08 0.21 7.96
C LYS A 25 -1.30 0.58 7.43
N PHE A 26 -1.50 0.34 6.13
CA PHE A 26 -2.79 0.65 5.49
C PHE A 26 -3.95 0.13 6.34
N GLU A 27 -3.80 -1.09 6.85
CA GLU A 27 -4.84 -1.70 7.67
C GLU A 27 -5.20 -0.81 8.85
N THR A 28 -4.18 -0.34 9.57
CA THR A 28 -4.38 0.52 10.72
C THR A 28 -4.83 1.91 10.31
N GLN A 29 -4.47 2.29 9.08
CA GLN A 29 -4.83 3.61 8.55
C GLN A 29 -4.82 3.60 7.02
N LYS A 30 -6.00 3.76 6.43
CA LYS A 30 -6.12 3.77 4.98
C LYS A 30 -5.26 4.87 4.37
N TYR A 31 -5.11 5.97 5.10
CA TYR A 31 -4.32 7.10 4.64
C TYR A 31 -3.21 7.43 5.63
N LEU A 32 -2.30 8.31 5.22
CA LEU A 32 -1.19 8.71 6.08
C LEU A 32 -0.78 10.15 5.78
N SER A 33 -0.81 10.99 6.82
CA SER A 33 -0.44 12.40 6.68
C SER A 33 1.00 12.53 6.19
N PRO A 34 1.30 13.66 5.53
CA PRO A 34 2.64 13.95 5.00
C PRO A 34 3.74 13.69 6.04
N PRO A 35 3.50 14.14 7.27
CA PRO A 35 4.46 13.97 8.37
C PRO A 35 4.97 12.54 8.48
N GLU A 36 4.06 11.58 8.37
CA GLU A 36 4.43 10.17 8.44
C GLU A 36 4.95 9.66 7.10
N ARG A 37 4.07 9.60 6.11
CA ARG A 37 4.44 9.14 4.78
C ARG A 37 5.88 9.55 4.46
N LYS A 38 6.29 10.72 4.94
CA LYS A 38 7.63 11.23 4.69
C LYS A 38 8.67 10.35 5.39
N ARG A 39 8.46 10.09 6.67
CA ARG A 39 9.38 9.26 7.44
C ARG A 39 9.33 7.80 6.99
N LEU A 40 8.12 7.33 6.69
CA LEU A 40 7.94 5.96 6.23
C LEU A 40 8.80 5.66 5.01
N ALA A 41 8.69 6.51 4.00
CA ALA A 41 9.46 6.35 2.77
C ALA A 41 10.94 6.17 3.07
N LYS A 42 11.37 6.66 4.24
CA LYS A 42 12.76 6.55 4.66
C LYS A 42 13.00 5.27 5.45
N MET A 43 11.96 4.80 6.13
CA MET A 43 12.07 3.58 6.93
C MET A 43 12.04 2.35 6.04
N LEU A 44 11.17 2.35 5.03
CA LEU A 44 11.05 1.23 4.11
C LEU A 44 11.96 1.43 2.90
N GLN A 45 12.57 2.61 2.81
CA GLN A 45 13.47 2.92 1.70
C GLN A 45 12.69 3.09 0.41
N LEU A 46 11.55 3.77 0.49
CA LEU A 46 10.71 4.00 -0.68
C LEU A 46 10.55 5.51 -0.94
N SER A 47 9.77 5.84 -1.96
CA SER A 47 9.54 7.24 -2.31
C SER A 47 8.15 7.68 -1.88
N GLU A 48 8.02 8.97 -1.55
CA GLU A 48 6.74 9.52 -1.12
C GLU A 48 5.62 9.11 -2.07
N ARG A 49 5.94 9.09 -3.37
CA ARG A 49 4.96 8.72 -4.39
C ARG A 49 4.58 7.24 -4.27
N GLN A 50 5.57 6.43 -3.91
CA GLN A 50 5.34 4.99 -3.77
C GLN A 50 4.46 4.70 -2.55
N VAL A 51 4.60 5.51 -1.51
CA VAL A 51 3.82 5.33 -0.31
C VAL A 51 2.46 6.03 -0.42
N LYS A 52 2.39 7.02 -1.31
CA LYS A 52 1.15 7.77 -1.51
C LYS A 52 0.29 7.11 -2.58
N THR A 53 0.93 6.40 -3.51
CA THR A 53 0.22 5.71 -4.57
C THR A 53 -0.26 4.34 -4.13
N TRP A 54 0.63 3.58 -3.50
CA TRP A 54 0.30 2.24 -3.02
C TRP A 54 -0.98 2.27 -2.19
N PHE A 55 -0.96 3.01 -1.09
CA PHE A 55 -2.11 3.12 -0.21
C PHE A 55 -3.37 3.43 -1.01
N GLN A 56 -3.29 4.44 -1.86
CA GLN A 56 -4.42 4.84 -2.69
C GLN A 56 -5.07 3.63 -3.35
N ASN A 57 -4.28 2.87 -4.09
CA ASN A 57 -4.78 1.69 -4.77
C ASN A 57 -5.36 0.68 -3.77
N ARG A 58 -4.53 0.26 -2.82
CA ARG A 58 -4.95 -0.70 -1.81
C ARG A 58 -6.37 -0.38 -1.32
N ARG A 59 -6.59 0.87 -0.93
CA ARG A 59 -7.90 1.30 -0.45
C ARG A 59 -8.98 0.97 -1.47
N ALA A 60 -8.85 1.54 -2.66
CA ALA A 60 -9.82 1.32 -3.73
C ALA A 60 -10.23 -0.15 -3.80
N LYS A 61 -9.29 -1.04 -3.50
CA LYS A 61 -9.56 -2.47 -3.53
C LYS A 61 -10.23 -2.92 -2.24
N TRP A 62 -9.79 -2.37 -1.12
CA TRP A 62 -10.36 -2.73 0.18
C TRP A 62 -11.87 -2.53 0.18
N ARG A 63 -12.31 -1.34 -0.24
CA ARG A 63 -13.74 -1.02 -0.28
C ARG A 63 -14.49 -2.03 -1.14
N ARG A 64 -13.93 -2.35 -2.31
CA ARG A 64 -14.54 -3.29 -3.23
C ARG A 64 -14.87 -4.60 -2.52
N SER A 65 -13.91 -5.13 -1.77
CA SER A 65 -14.09 -6.37 -1.04
C SER A 65 -15.02 -6.17 0.16
N GLY A 66 -14.86 -5.04 0.84
CA GLY A 66 -15.68 -4.75 2.00
C GLY A 66 -17.16 -4.63 1.64
N PRO A 67 -18.02 -4.64 2.66
CA PRO A 67 -19.47 -4.53 2.48
C PRO A 67 -19.89 -3.15 2.02
N SER A 68 -21.19 -2.94 1.88
CA SER A 68 -21.73 -1.65 1.43
C SER A 68 -21.54 -0.59 2.51
N SER A 69 -21.04 0.57 2.10
CA SER A 69 -20.81 1.67 3.03
C SER A 69 -20.46 2.96 2.29
N GLY A 70 -21.33 3.95 2.39
CA GLY A 70 -21.11 5.21 1.72
C GLY A 70 -21.82 6.36 2.40
N GLY A 1 -18.38 -19.25 -17.68
CA GLY A 1 -17.37 -19.04 -16.65
C GLY A 1 -17.49 -17.69 -15.96
N SER A 2 -17.35 -17.68 -14.65
CA SER A 2 -17.46 -16.46 -13.87
C SER A 2 -16.16 -15.65 -13.94
N SER A 3 -15.05 -16.33 -13.69
CA SER A 3 -13.74 -15.68 -13.72
C SER A 3 -12.97 -16.06 -14.98
N GLY A 4 -12.89 -15.12 -15.93
CA GLY A 4 -12.18 -15.38 -17.16
C GLY A 4 -10.87 -14.62 -17.25
N SER A 5 -10.86 -13.40 -16.74
CA SER A 5 -9.66 -12.57 -16.77
C SER A 5 -9.45 -11.87 -15.43
N SER A 6 -8.20 -11.63 -15.08
CA SER A 6 -7.87 -10.97 -13.83
C SER A 6 -7.12 -9.66 -14.08
N GLY A 7 -7.35 -8.68 -13.22
CA GLY A 7 -6.69 -7.40 -13.37
C GLY A 7 -5.18 -7.52 -13.39
N LYS A 8 -4.55 -6.81 -14.32
CA LYS A 8 -3.09 -6.85 -14.45
C LYS A 8 -2.43 -6.03 -13.35
N GLY A 9 -2.89 -4.79 -13.18
CA GLY A 9 -2.34 -3.93 -12.16
C GLY A 9 -1.43 -2.85 -12.74
N GLY A 10 -0.57 -2.29 -11.90
CA GLY A 10 0.34 -1.25 -12.36
C GLY A 10 1.78 -1.69 -12.34
N GLN A 11 2.66 -0.83 -12.82
CA GLN A 11 4.09 -1.14 -12.86
C GLN A 11 4.80 -0.65 -11.60
N VAL A 12 4.82 -1.49 -10.57
CA VAL A 12 5.46 -1.14 -9.31
C VAL A 12 6.43 -2.22 -8.86
N ARG A 13 7.25 -1.91 -7.87
CA ARG A 13 8.23 -2.86 -7.34
C ARG A 13 8.45 -2.64 -5.85
N PHE A 14 8.14 -3.65 -5.05
CA PHE A 14 8.32 -3.57 -3.60
C PHE A 14 8.90 -4.87 -3.05
N SER A 15 10.01 -4.76 -2.35
CA SER A 15 10.68 -5.92 -1.76
C SER A 15 9.71 -6.70 -0.87
N ASN A 16 10.16 -7.85 -0.39
CA ASN A 16 9.34 -8.69 0.48
C ASN A 16 8.90 -7.93 1.72
N ASP A 17 9.87 -7.52 2.53
CA ASP A 17 9.59 -6.77 3.75
C ASP A 17 8.81 -5.50 3.45
N GLN A 18 9.34 -4.69 2.54
CA GLN A 18 8.69 -3.43 2.16
C GLN A 18 7.19 -3.63 2.02
N THR A 19 6.80 -4.48 1.07
CA THR A 19 5.39 -4.75 0.82
C THR A 19 4.66 -5.12 2.12
N ILE A 20 5.24 -6.06 2.85
CA ILE A 20 4.65 -6.50 4.12
C ILE A 20 4.24 -5.32 4.98
N GLU A 21 5.21 -4.51 5.39
CA GLU A 21 4.94 -3.35 6.21
C GLU A 21 3.95 -2.41 5.54
N LEU A 22 4.20 -2.11 4.26
CA LEU A 22 3.34 -1.23 3.49
C LEU A 22 1.87 -1.59 3.70
N GLU A 23 1.62 -2.86 4.01
CA GLU A 23 0.25 -3.33 4.24
C GLU A 23 -0.13 -3.18 5.70
N LYS A 24 0.68 -3.76 6.59
CA LYS A 24 0.42 -3.69 8.02
C LYS A 24 0.06 -2.27 8.45
N LYS A 25 0.45 -1.30 7.62
CA LYS A 25 0.16 0.11 7.91
C LYS A 25 -1.21 0.50 7.39
N PHE A 26 -1.41 0.34 6.08
CA PHE A 26 -2.69 0.68 5.46
C PHE A 26 -3.86 0.12 6.26
N GLU A 27 -3.65 -1.08 6.82
CA GLU A 27 -4.69 -1.73 7.61
C GLU A 27 -5.08 -0.87 8.82
N THR A 28 -4.07 -0.42 9.55
CA THR A 28 -4.30 0.41 10.73
C THR A 28 -4.75 1.81 10.35
N GLN A 29 -4.40 2.22 9.13
CA GLN A 29 -4.78 3.54 8.63
C GLN A 29 -4.79 3.57 7.11
N LYS A 30 -5.98 3.73 6.53
CA LYS A 30 -6.12 3.78 5.08
C LYS A 30 -5.25 4.87 4.48
N TYR A 31 -5.09 5.97 5.21
CA TYR A 31 -4.28 7.09 4.75
C TYR A 31 -3.15 7.39 5.73
N LEU A 32 -2.30 8.34 5.37
CA LEU A 32 -1.18 8.73 6.22
C LEU A 32 -0.77 10.18 5.97
N SER A 33 -0.78 10.98 7.03
CA SER A 33 -0.43 12.39 6.93
C SER A 33 1.00 12.55 6.43
N PRO A 34 1.28 13.70 5.80
CA PRO A 34 2.61 14.00 5.26
C PRO A 34 3.73 13.72 6.27
N PRO A 35 3.51 14.14 7.52
CA PRO A 35 4.48 13.94 8.60
C PRO A 35 5.01 12.51 8.65
N GLU A 36 4.10 11.54 8.49
CA GLU A 36 4.48 10.14 8.52
C GLU A 36 4.98 9.68 7.15
N ARG A 37 4.09 9.66 6.17
CA ARG A 37 4.43 9.25 4.82
C ARG A 37 5.86 9.66 4.48
N LYS A 38 6.27 10.82 4.95
CA LYS A 38 7.61 11.33 4.70
C LYS A 38 8.67 10.44 5.36
N ARG A 39 8.46 10.12 6.63
CA ARG A 39 9.38 9.28 7.36
C ARG A 39 9.33 7.84 6.86
N LEU A 40 8.12 7.37 6.56
CA LEU A 40 7.94 6.00 6.06
C LEU A 40 8.81 5.75 4.83
N ALA A 41 8.68 6.62 3.83
CA ALA A 41 9.45 6.48 2.61
C ALA A 41 10.94 6.33 2.91
N LYS A 42 11.36 6.86 4.06
CA LYS A 42 12.76 6.79 4.46
C LYS A 42 13.02 5.53 5.29
N MET A 43 11.98 5.06 5.98
CA MET A 43 12.09 3.86 6.81
C MET A 43 12.11 2.61 5.95
N LEU A 44 11.19 2.54 4.99
CA LEU A 44 11.10 1.39 4.10
C LEU A 44 11.99 1.58 2.88
N GLN A 45 12.66 2.71 2.81
CA GLN A 45 13.55 3.02 1.70
C GLN A 45 12.77 3.17 0.40
N LEU A 46 11.56 3.68 0.50
CA LEU A 46 10.70 3.88 -0.65
C LEU A 46 10.54 5.36 -0.97
N SER A 47 9.75 5.66 -2.01
CA SER A 47 9.53 7.04 -2.41
C SER A 47 8.16 7.52 -1.94
N GLU A 48 8.12 8.73 -1.39
CA GLU A 48 6.88 9.31 -0.90
C GLU A 48 5.74 9.08 -1.90
N ARG A 49 6.08 9.08 -3.18
CA ARG A 49 5.08 8.87 -4.23
C ARG A 49 4.62 7.42 -4.26
N GLN A 50 5.55 6.51 -3.97
CA GLN A 50 5.24 5.08 -3.97
C GLN A 50 4.34 4.71 -2.79
N VAL A 51 4.49 5.46 -1.70
CA VAL A 51 3.69 5.22 -0.50
C VAL A 51 2.34 5.91 -0.59
N LYS A 52 2.28 6.99 -1.35
CA LYS A 52 1.04 7.74 -1.53
C LYS A 52 0.16 7.10 -2.61
N THR A 53 0.79 6.39 -3.52
CA THR A 53 0.06 5.72 -4.60
C THR A 53 -0.44 4.35 -4.16
N TRP A 54 0.48 3.50 -3.72
CA TRP A 54 0.12 2.16 -3.27
C TRP A 54 -1.12 2.20 -2.39
N PHE A 55 -1.07 3.00 -1.33
CA PHE A 55 -2.19 3.12 -0.40
C PHE A 55 -3.48 3.47 -1.15
N GLN A 56 -3.42 4.55 -1.92
CA GLN A 56 -4.58 4.99 -2.69
C GLN A 56 -5.23 3.83 -3.43
N ASN A 57 -4.43 3.12 -4.22
CA ASN A 57 -4.92 1.98 -4.97
C ASN A 57 -5.40 0.87 -4.04
N ARG A 58 -4.76 0.76 -2.89
CA ARG A 58 -5.12 -0.26 -1.91
C ARG A 58 -6.56 -0.11 -1.47
N ARG A 59 -6.90 1.08 -0.95
CA ARG A 59 -8.26 1.35 -0.48
C ARG A 59 -9.28 0.95 -1.54
N ALA A 60 -9.19 1.59 -2.70
CA ALA A 60 -10.12 1.30 -3.80
C ALA A 60 -10.39 -0.19 -3.91
N LYS A 61 -9.42 -1.00 -3.47
CA LYS A 61 -9.56 -2.45 -3.52
C LYS A 61 -10.17 -2.99 -2.23
N TRP A 62 -9.72 -2.43 -1.11
CA TRP A 62 -10.21 -2.86 0.20
C TRP A 62 -11.71 -2.62 0.32
N ARG A 63 -12.18 -1.53 -0.28
CA ARG A 63 -13.60 -1.18 -0.25
C ARG A 63 -14.44 -2.29 -0.86
N ARG A 64 -14.08 -2.71 -2.07
CA ARG A 64 -14.80 -3.75 -2.78
C ARG A 64 -14.89 -5.02 -1.92
N SER A 65 -13.76 -5.44 -1.37
CA SER A 65 -13.71 -6.64 -0.53
C SER A 65 -14.65 -6.50 0.66
N GLY A 66 -14.68 -5.30 1.25
CA GLY A 66 -15.54 -5.07 2.40
C GLY A 66 -17.01 -4.98 2.02
N PRO A 67 -17.80 -4.31 2.87
CA PRO A 67 -19.24 -4.15 2.64
C PRO A 67 -19.53 -3.20 1.47
N SER A 68 -20.78 -3.18 1.02
CA SER A 68 -21.18 -2.33 -0.09
C SER A 68 -22.38 -1.46 0.31
N SER A 69 -23.47 -2.11 0.68
CA SER A 69 -24.68 -1.40 1.08
C SER A 69 -24.42 -0.50 2.29
N GLY A 70 -25.01 0.68 2.28
CA GLY A 70 -24.82 1.61 3.38
C GLY A 70 -25.33 3.00 3.05
N GLY A 1 -19.75 -25.61 -4.91
CA GLY A 1 -18.92 -24.42 -5.09
C GLY A 1 -17.83 -24.62 -6.12
N SER A 2 -17.63 -23.62 -6.97
CA SER A 2 -16.62 -23.69 -8.02
C SER A 2 -15.61 -22.56 -7.87
N SER A 3 -14.38 -22.90 -7.50
CA SER A 3 -13.32 -21.91 -7.33
C SER A 3 -12.88 -21.35 -8.67
N GLY A 4 -11.99 -20.37 -8.63
CA GLY A 4 -11.49 -19.76 -9.86
C GLY A 4 -10.02 -19.42 -9.78
N SER A 5 -9.53 -18.67 -10.77
CA SER A 5 -8.13 -18.28 -10.81
C SER A 5 -7.76 -17.45 -9.59
N SER A 6 -6.46 -17.31 -9.35
CA SER A 6 -5.97 -16.54 -8.21
C SER A 6 -5.47 -15.16 -8.66
N GLY A 7 -4.68 -15.15 -9.73
CA GLY A 7 -4.16 -13.90 -10.24
C GLY A 7 -3.10 -14.10 -11.30
N LYS A 8 -3.03 -13.18 -12.26
CA LYS A 8 -2.06 -13.26 -13.34
C LYS A 8 -1.03 -12.14 -13.24
N GLY A 9 0.25 -12.51 -13.31
CA GLY A 9 1.31 -11.51 -13.23
C GLY A 9 1.24 -10.70 -11.94
N GLY A 10 1.37 -9.39 -12.07
CA GLY A 10 1.34 -8.52 -10.91
C GLY A 10 2.41 -7.46 -10.94
N GLN A 11 2.37 -6.60 -11.96
CA GLN A 11 3.35 -5.53 -12.10
C GLN A 11 3.46 -4.71 -10.82
N VAL A 12 4.32 -5.17 -9.91
CA VAL A 12 4.51 -4.49 -8.64
C VAL A 12 5.97 -4.07 -8.46
N ARG A 13 6.18 -2.96 -7.77
CA ARG A 13 7.52 -2.44 -7.53
C ARG A 13 7.77 -2.24 -6.04
N PHE A 14 8.05 -3.34 -5.34
CA PHE A 14 8.31 -3.27 -3.91
C PHE A 14 9.04 -4.52 -3.43
N SER A 15 9.79 -4.38 -2.34
CA SER A 15 10.55 -5.50 -1.79
C SER A 15 9.66 -6.37 -0.89
N ASN A 16 10.17 -7.54 -0.53
CA ASN A 16 9.43 -8.46 0.32
C ASN A 16 8.95 -7.77 1.59
N ASP A 17 9.90 -7.31 2.40
CA ASP A 17 9.58 -6.62 3.65
C ASP A 17 8.78 -5.34 3.38
N GLN A 18 9.19 -4.61 2.35
CA GLN A 18 8.51 -3.37 1.98
C GLN A 18 7.00 -3.58 1.87
N THR A 19 6.61 -4.58 1.08
CA THR A 19 5.19 -4.88 0.88
C THR A 19 4.55 -5.34 2.18
N ILE A 20 5.30 -6.11 2.97
CA ILE A 20 4.79 -6.61 4.24
C ILE A 20 4.34 -5.48 5.14
N GLU A 21 5.26 -4.58 5.48
CA GLU A 21 4.94 -3.45 6.33
C GLU A 21 3.95 -2.51 5.65
N LEU A 22 4.26 -2.12 4.42
CA LEU A 22 3.40 -1.22 3.66
C LEU A 22 1.92 -1.54 3.91
N GLU A 23 1.62 -2.83 4.09
CA GLU A 23 0.25 -3.27 4.33
C GLU A 23 -0.12 -3.07 5.80
N LYS A 24 0.66 -3.67 6.68
CA LYS A 24 0.42 -3.56 8.12
C LYS A 24 0.06 -2.13 8.51
N LYS A 25 0.47 -1.18 7.67
CA LYS A 25 0.18 0.23 7.93
C LYS A 25 -1.20 0.61 7.39
N PHE A 26 -1.42 0.33 6.11
CA PHE A 26 -2.69 0.65 5.47
C PHE A 26 -3.86 0.10 6.29
N GLU A 27 -3.68 -1.11 6.83
CA GLU A 27 -4.72 -1.74 7.64
C GLU A 27 -5.12 -0.85 8.81
N THR A 28 -4.13 -0.39 9.56
CA THR A 28 -4.38 0.47 10.71
C THR A 28 -4.80 1.87 10.28
N GLN A 29 -4.40 2.25 9.06
CA GLN A 29 -4.74 3.57 8.52
C GLN A 29 -4.64 3.57 7.01
N LYS A 30 -5.80 3.64 6.34
CA LYS A 30 -5.85 3.67 4.88
C LYS A 30 -5.06 4.84 4.33
N TYR A 31 -5.00 5.93 5.09
CA TYR A 31 -4.27 7.12 4.67
C TYR A 31 -3.19 7.47 5.68
N LEU A 32 -2.23 8.28 5.24
CA LEU A 32 -1.12 8.71 6.11
C LEU A 32 -0.72 10.14 5.80
N SER A 33 -0.76 10.99 6.83
CA SER A 33 -0.39 12.39 6.68
C SER A 33 1.05 12.53 6.20
N PRO A 34 1.35 13.66 5.53
CA PRO A 34 2.68 13.94 5.01
C PRO A 34 3.77 13.70 6.05
N PRO A 35 3.53 14.15 7.29
CA PRO A 35 4.48 13.99 8.39
C PRO A 35 5.01 12.57 8.50
N GLU A 36 4.10 11.61 8.38
CA GLU A 36 4.47 10.19 8.47
C GLU A 36 5.00 9.69 7.13
N ARG A 37 4.12 9.65 6.13
CA ARG A 37 4.49 9.19 4.80
C ARG A 37 5.93 9.57 4.47
N LYS A 38 6.35 10.73 4.96
CA LYS A 38 7.71 11.23 4.72
C LYS A 38 8.74 10.35 5.42
N ARG A 39 8.50 10.08 6.70
CA ARG A 39 9.41 9.25 7.48
C ARG A 39 9.36 7.80 7.02
N LEU A 40 8.16 7.32 6.70
CA LEU A 40 7.98 5.95 6.24
C LEU A 40 8.82 5.67 5.01
N ALA A 41 8.64 6.48 3.97
CA ALA A 41 9.39 6.32 2.72
C ALA A 41 10.88 6.18 3.00
N LYS A 42 11.32 6.71 4.15
CA LYS A 42 12.72 6.63 4.52
C LYS A 42 13.00 5.35 5.30
N MET A 43 12.02 4.89 6.06
CA MET A 43 12.16 3.67 6.84
C MET A 43 12.15 2.43 5.94
N LEU A 44 11.17 2.37 5.04
CA LEU A 44 11.05 1.25 4.12
C LEU A 44 11.84 1.50 2.84
N GLN A 45 12.62 2.58 2.83
CA GLN A 45 13.42 2.93 1.67
C GLN A 45 12.55 3.12 0.44
N LEU A 46 11.33 3.61 0.65
CA LEU A 46 10.40 3.84 -0.44
C LEU A 46 10.25 5.33 -0.74
N SER A 47 9.73 5.64 -1.92
CA SER A 47 9.54 7.03 -2.33
C SER A 47 8.18 7.55 -1.89
N GLU A 48 8.15 8.79 -1.41
CA GLU A 48 6.91 9.41 -0.96
C GLU A 48 5.77 9.15 -1.95
N ARG A 49 6.13 9.06 -3.23
CA ARG A 49 5.14 8.82 -4.28
C ARG A 49 4.64 7.38 -4.22
N GLN A 50 5.53 6.46 -3.89
CA GLN A 50 5.18 5.04 -3.81
C GLN A 50 4.30 4.78 -2.60
N VAL A 51 4.50 5.54 -1.54
CA VAL A 51 3.72 5.38 -0.32
C VAL A 51 2.39 6.13 -0.42
N LYS A 52 2.35 7.13 -1.29
CA LYS A 52 1.14 7.93 -1.49
C LYS A 52 0.24 7.29 -2.53
N THR A 53 0.85 6.57 -3.48
CA THR A 53 0.09 5.92 -4.54
C THR A 53 -0.40 4.55 -4.09
N TRP A 54 0.52 3.72 -3.62
CA TRP A 54 0.16 2.37 -3.16
C TRP A 54 -1.08 2.40 -2.29
N PHE A 55 -0.99 3.08 -1.15
CA PHE A 55 -2.11 3.18 -0.22
C PHE A 55 -3.39 3.52 -0.97
N GLN A 56 -3.37 4.60 -1.72
CA GLN A 56 -4.54 5.04 -2.49
C GLN A 56 -5.09 3.89 -3.32
N ASN A 57 -4.21 3.14 -3.97
CA ASN A 57 -4.61 2.01 -4.79
C ASN A 57 -5.15 0.87 -3.93
N ARG A 58 -4.66 0.78 -2.70
CA ARG A 58 -5.10 -0.25 -1.77
C ARG A 58 -6.59 -0.13 -1.47
N ARG A 59 -6.99 1.04 -0.99
CA ARG A 59 -8.39 1.29 -0.66
C ARG A 59 -9.31 0.83 -1.79
N ALA A 60 -8.98 1.21 -3.01
CA ALA A 60 -9.77 0.83 -4.17
C ALA A 60 -10.13 -0.65 -4.13
N LYS A 61 -9.22 -1.47 -3.61
CA LYS A 61 -9.44 -2.90 -3.51
C LYS A 61 -10.07 -3.26 -2.16
N TRP A 62 -9.42 -2.86 -1.08
CA TRP A 62 -9.91 -3.14 0.26
C TRP A 62 -11.41 -2.90 0.35
N ARG A 63 -11.91 -1.99 -0.48
CA ARG A 63 -13.32 -1.66 -0.50
C ARG A 63 -14.12 -2.75 -1.20
N ARG A 64 -13.58 -3.30 -2.27
CA ARG A 64 -14.24 -4.35 -3.03
C ARG A 64 -14.26 -5.65 -2.24
N SER A 65 -13.16 -5.95 -1.57
CA SER A 65 -13.05 -7.17 -0.77
C SER A 65 -13.73 -6.99 0.58
N GLY A 66 -13.51 -5.83 1.20
CA GLY A 66 -14.10 -5.56 2.50
C GLY A 66 -15.61 -5.49 2.44
N PRO A 67 -16.15 -4.27 2.30
CA PRO A 67 -17.59 -4.04 2.24
C PRO A 67 -18.20 -4.57 0.94
N SER A 68 -19.46 -4.99 1.02
CA SER A 68 -20.16 -5.53 -0.15
C SER A 68 -21.49 -4.81 -0.36
N SER A 69 -22.30 -4.76 0.68
CA SER A 69 -23.60 -4.12 0.61
C SER A 69 -23.59 -2.78 1.36
N GLY A 70 -23.10 -2.81 2.60
CA GLY A 70 -23.04 -1.60 3.40
C GLY A 70 -22.16 -0.54 2.78
N GLY A 1 -22.39 -4.05 -15.14
CA GLY A 1 -21.37 -4.86 -14.52
C GLY A 1 -20.06 -4.83 -15.27
N SER A 2 -19.07 -4.13 -14.71
CA SER A 2 -17.76 -4.02 -15.34
C SER A 2 -16.70 -3.57 -14.33
N SER A 3 -15.46 -3.51 -14.78
CA SER A 3 -14.35 -3.09 -13.91
C SER A 3 -13.32 -2.29 -14.69
N GLY A 4 -12.41 -1.65 -13.96
CA GLY A 4 -11.38 -0.84 -14.60
C GLY A 4 -10.11 -1.63 -14.85
N SER A 5 -10.04 -2.28 -16.01
CA SER A 5 -8.87 -3.08 -16.37
C SER A 5 -7.89 -2.26 -17.21
N SER A 6 -7.03 -1.49 -16.55
CA SER A 6 -6.05 -0.66 -17.23
C SER A 6 -5.07 -1.52 -18.02
N GLY A 7 -4.62 -1.01 -19.16
CA GLY A 7 -3.68 -1.75 -19.99
C GLY A 7 -2.37 -2.01 -19.28
N LYS A 8 -1.38 -2.48 -20.03
CA LYS A 8 -0.07 -2.79 -19.47
C LYS A 8 0.84 -1.56 -19.53
N GLY A 9 1.66 -1.39 -18.50
CA GLY A 9 2.58 -0.25 -18.46
C GLY A 9 2.58 0.43 -17.11
N GLY A 10 3.67 0.25 -16.36
CA GLY A 10 3.78 0.86 -15.05
C GLY A 10 5.03 0.42 -14.31
N GLN A 11 5.73 1.38 -13.72
CA GLN A 11 6.95 1.08 -12.97
C GLN A 11 6.67 1.00 -11.47
N VAL A 12 6.13 -0.14 -11.04
CA VAL A 12 5.82 -0.34 -9.63
C VAL A 12 6.48 -1.61 -9.10
N ARG A 13 7.02 -1.53 -7.90
CA ARG A 13 7.69 -2.67 -7.27
C ARG A 13 7.97 -2.40 -5.80
N PHE A 14 7.82 -3.44 -4.97
CA PHE A 14 8.06 -3.30 -3.54
C PHE A 14 8.74 -4.55 -2.99
N SER A 15 9.88 -4.36 -2.35
CA SER A 15 10.64 -5.47 -1.78
C SER A 15 9.73 -6.36 -0.92
N ASN A 16 10.18 -7.57 -0.65
CA ASN A 16 9.42 -8.52 0.16
C ASN A 16 8.95 -7.86 1.46
N ASP A 17 9.91 -7.42 2.27
CA ASP A 17 9.60 -6.78 3.53
C ASP A 17 8.78 -5.50 3.31
N GLN A 18 9.24 -4.66 2.38
CA GLN A 18 8.57 -3.42 2.09
C GLN A 18 7.06 -3.64 1.97
N THR A 19 6.66 -4.48 1.04
CA THR A 19 5.25 -4.78 0.82
C THR A 19 4.57 -5.20 2.12
N ILE A 20 5.20 -6.12 2.84
CA ILE A 20 4.67 -6.60 4.10
C ILE A 20 4.24 -5.44 5.01
N GLU A 21 5.21 -4.65 5.44
CA GLU A 21 4.94 -3.51 6.31
C GLU A 21 3.89 -2.60 5.68
N LEU A 22 4.16 -2.15 4.46
CA LEU A 22 3.24 -1.27 3.74
C LEU A 22 1.80 -1.65 4.02
N GLU A 23 1.54 -2.95 4.10
CA GLU A 23 0.18 -3.43 4.36
C GLU A 23 -0.20 -3.19 5.81
N LYS A 24 0.53 -3.81 6.73
CA LYS A 24 0.26 -3.65 8.16
C LYS A 24 -0.09 -2.21 8.50
N LYS A 25 0.38 -1.28 7.66
CA LYS A 25 0.12 0.14 7.87
C LYS A 25 -1.28 0.51 7.37
N PHE A 26 -1.51 0.31 6.08
CA PHE A 26 -2.79 0.62 5.47
C PHE A 26 -3.94 0.09 6.32
N GLU A 27 -3.70 -1.05 6.98
CA GLU A 27 -4.71 -1.66 7.82
C GLU A 27 -5.07 -0.76 9.01
N THR A 28 -4.05 -0.29 9.71
CA THR A 28 -4.25 0.59 10.85
C THR A 28 -4.69 1.99 10.41
N GLN A 29 -4.35 2.34 9.18
CA GLN A 29 -4.71 3.65 8.64
C GLN A 29 -4.72 3.63 7.11
N LYS A 30 -5.91 3.76 6.52
CA LYS A 30 -6.04 3.76 5.08
C LYS A 30 -5.16 4.83 4.44
N TYR A 31 -4.94 5.91 5.17
CA TYR A 31 -4.12 7.01 4.68
C TYR A 31 -3.04 7.39 5.70
N LEU A 32 -2.17 8.30 5.31
CA LEU A 32 -1.09 8.76 6.18
C LEU A 32 -0.69 10.19 5.86
N SER A 33 -0.73 11.05 6.86
CA SER A 33 -0.38 12.45 6.69
C SER A 33 1.06 12.59 6.19
N PRO A 34 1.35 13.72 5.52
CA PRO A 34 2.68 13.99 4.99
C PRO A 34 3.78 13.75 6.02
N PRO A 35 3.56 14.22 7.26
CA PRO A 35 4.51 14.06 8.35
C PRO A 35 5.04 12.63 8.47
N GLU A 36 4.13 11.66 8.41
CA GLU A 36 4.49 10.26 8.51
C GLU A 36 4.99 9.73 7.17
N ARG A 37 4.11 9.73 6.17
CA ARG A 37 4.46 9.24 4.85
C ARG A 37 5.91 9.58 4.50
N LYS A 38 6.33 10.79 4.89
CA LYS A 38 7.70 11.23 4.63
C LYS A 38 8.71 10.29 5.28
N ARG A 39 8.58 10.11 6.59
CA ARG A 39 9.48 9.24 7.34
C ARG A 39 9.40 7.80 6.82
N LEU A 40 8.17 7.28 6.76
CA LEU A 40 7.94 5.91 6.30
C LEU A 40 8.74 5.64 5.03
N ALA A 41 8.59 6.51 4.04
CA ALA A 41 9.29 6.36 2.77
C ALA A 41 10.80 6.16 3.00
N LYS A 42 11.30 6.70 4.11
CA LYS A 42 12.72 6.58 4.45
C LYS A 42 12.98 5.30 5.23
N MET A 43 11.97 4.84 5.95
CA MET A 43 12.10 3.61 6.75
C MET A 43 12.05 2.38 5.86
N LEU A 44 11.06 2.34 4.97
CA LEU A 44 10.92 1.21 4.06
C LEU A 44 11.75 1.41 2.81
N GLN A 45 12.53 2.48 2.78
CA GLN A 45 13.38 2.78 1.64
C GLN A 45 12.56 2.99 0.37
N LEU A 46 11.40 3.62 0.53
CA LEU A 46 10.51 3.90 -0.59
C LEU A 46 10.45 5.39 -0.89
N SER A 47 9.61 5.75 -1.86
CA SER A 47 9.45 7.15 -2.24
C SER A 47 8.07 7.67 -1.84
N GLU A 48 8.02 8.96 -1.49
CA GLU A 48 6.77 9.58 -1.09
C GLU A 48 5.65 9.23 -2.04
N ARG A 49 5.97 9.13 -3.33
CA ARG A 49 4.98 8.79 -4.35
C ARG A 49 4.61 7.32 -4.27
N GLN A 50 5.55 6.49 -3.86
CA GLN A 50 5.33 5.05 -3.73
C GLN A 50 4.46 4.75 -2.51
N VAL A 51 4.55 5.60 -1.49
CA VAL A 51 3.78 5.41 -0.28
C VAL A 51 2.42 6.11 -0.37
N LYS A 52 2.33 7.11 -1.26
CA LYS A 52 1.09 7.85 -1.45
C LYS A 52 0.21 7.17 -2.49
N THR A 53 0.84 6.56 -3.49
CA THR A 53 0.10 5.87 -4.55
C THR A 53 -0.36 4.50 -4.10
N TRP A 54 0.58 3.70 -3.59
CA TRP A 54 0.27 2.35 -3.12
C TRP A 54 -1.01 2.35 -2.30
N PHE A 55 -1.01 3.06 -1.18
CA PHE A 55 -2.18 3.14 -0.31
C PHE A 55 -3.43 3.47 -1.12
N GLN A 56 -3.39 4.59 -1.82
CA GLN A 56 -4.52 5.03 -2.63
C GLN A 56 -5.11 3.87 -3.42
N ASN A 57 -4.26 3.18 -4.17
CA ASN A 57 -4.68 2.04 -4.97
C ASN A 57 -5.20 0.91 -4.08
N ARG A 58 -4.53 0.70 -2.95
CA ARG A 58 -4.91 -0.36 -2.02
C ARG A 58 -6.37 -0.20 -1.61
N ARG A 59 -6.73 0.99 -1.14
CA ARG A 59 -8.10 1.27 -0.71
C ARG A 59 -9.10 0.70 -1.70
N ALA A 60 -9.10 1.25 -2.91
CA ALA A 60 -10.02 0.79 -3.96
C ALA A 60 -10.19 -0.72 -3.92
N LYS A 61 -9.10 -1.42 -3.62
CA LYS A 61 -9.12 -2.88 -3.54
C LYS A 61 -9.74 -3.35 -2.23
N TRP A 62 -9.45 -2.63 -1.15
CA TRP A 62 -9.98 -2.98 0.16
C TRP A 62 -11.50 -2.81 0.20
N ARG A 63 -11.97 -1.67 -0.29
CA ARG A 63 -13.40 -1.38 -0.31
C ARG A 63 -14.18 -2.56 -0.87
N ARG A 64 -13.75 -3.05 -2.02
CA ARG A 64 -14.41 -4.19 -2.67
C ARG A 64 -14.64 -5.32 -1.68
N SER A 65 -13.68 -5.52 -0.78
CA SER A 65 -13.77 -6.58 0.23
C SER A 65 -15.01 -6.38 1.11
N GLY A 66 -15.26 -5.12 1.48
CA GLY A 66 -16.41 -4.83 2.32
C GLY A 66 -16.66 -3.33 2.43
N PRO A 67 -17.93 -2.96 2.64
CA PRO A 67 -18.33 -1.56 2.77
C PRO A 67 -17.84 -0.93 4.07
N SER A 68 -17.54 -1.78 5.05
CA SER A 68 -17.07 -1.31 6.34
C SER A 68 -16.11 -0.13 6.18
N SER A 69 -16.24 0.85 7.06
CA SER A 69 -15.38 2.04 7.01
C SER A 69 -14.21 1.91 7.98
N GLY A 70 -13.14 2.63 7.69
CA GLY A 70 -11.96 2.58 8.53
C GLY A 70 -10.89 1.64 7.99
N GLY A 1 -7.75 -28.89 -10.44
CA GLY A 1 -8.94 -28.11 -10.18
C GLY A 1 -8.98 -26.82 -10.99
N SER A 2 -8.74 -25.70 -10.33
CA SER A 2 -8.75 -24.40 -10.99
C SER A 2 -7.65 -23.50 -10.45
N SER A 3 -7.46 -22.35 -11.08
CA SER A 3 -6.43 -21.40 -10.67
C SER A 3 -6.96 -19.97 -10.71
N GLY A 4 -6.19 -19.04 -10.17
CA GLY A 4 -6.59 -17.65 -10.16
C GLY A 4 -6.33 -16.95 -11.48
N SER A 5 -6.38 -15.63 -11.48
CA SER A 5 -6.16 -14.84 -12.68
C SER A 5 -5.80 -13.39 -12.34
N SER A 6 -4.54 -13.03 -12.54
CA SER A 6 -4.09 -11.68 -12.24
C SER A 6 -3.06 -11.22 -13.28
N GLY A 7 -2.69 -9.94 -13.20
CA GLY A 7 -1.71 -9.40 -14.13
C GLY A 7 -2.25 -8.23 -14.93
N LYS A 8 -3.46 -8.39 -15.46
CA LYS A 8 -4.10 -7.33 -16.25
C LYS A 8 -4.13 -6.03 -15.48
N GLY A 9 -3.38 -5.04 -15.95
CA GLY A 9 -3.34 -3.75 -15.30
C GLY A 9 -3.01 -3.85 -13.82
N GLY A 10 -2.06 -4.72 -13.49
CA GLY A 10 -1.66 -4.91 -12.11
C GLY A 10 -0.16 -5.05 -11.95
N GLN A 11 0.55 -3.93 -11.93
CA GLN A 11 2.00 -3.93 -11.78
C GLN A 11 2.41 -3.39 -10.41
N VAL A 12 3.21 -4.18 -9.69
CA VAL A 12 3.68 -3.77 -8.37
C VAL A 12 5.18 -4.00 -8.22
N ARG A 13 5.88 -2.97 -7.75
CA ARG A 13 7.33 -3.06 -7.57
C ARG A 13 7.72 -2.63 -6.15
N PHE A 14 7.75 -3.59 -5.24
CA PHE A 14 8.11 -3.32 -3.86
C PHE A 14 8.84 -4.51 -3.24
N SER A 15 9.90 -4.23 -2.48
CA SER A 15 10.68 -5.28 -1.84
C SER A 15 9.79 -6.15 -0.96
N ASN A 16 10.16 -7.43 -0.84
CA ASN A 16 9.40 -8.37 -0.03
C ASN A 16 8.94 -7.73 1.27
N ASP A 17 9.90 -7.37 2.11
CA ASP A 17 9.60 -6.74 3.40
C ASP A 17 8.82 -5.46 3.20
N GLN A 18 9.31 -4.59 2.33
CA GLN A 18 8.66 -3.31 2.05
C GLN A 18 7.14 -3.50 1.93
N THR A 19 6.74 -4.39 1.04
CA THR A 19 5.31 -4.67 0.83
C THR A 19 4.64 -5.08 2.12
N ILE A 20 5.18 -6.09 2.78
CA ILE A 20 4.62 -6.57 4.04
C ILE A 20 4.21 -5.41 4.94
N GLU A 21 5.20 -4.64 5.37
CA GLU A 21 4.95 -3.49 6.24
C GLU A 21 3.92 -2.56 5.62
N LEU A 22 4.19 -2.11 4.39
CA LEU A 22 3.29 -1.21 3.69
C LEU A 22 1.83 -1.58 3.94
N GLU A 23 1.58 -2.87 4.10
CA GLU A 23 0.22 -3.37 4.34
C GLU A 23 -0.16 -3.16 5.81
N LYS A 24 0.66 -3.69 6.71
CA LYS A 24 0.41 -3.57 8.14
C LYS A 24 0.05 -2.14 8.51
N LYS A 25 0.43 -1.20 7.65
CA LYS A 25 0.15 0.21 7.88
C LYS A 25 -1.24 0.58 7.39
N PHE A 26 -1.47 0.40 6.09
CA PHE A 26 -2.76 0.72 5.49
C PHE A 26 -3.91 0.20 6.34
N GLU A 27 -3.72 -1.00 6.90
CA GLU A 27 -4.73 -1.62 7.74
C GLU A 27 -5.08 -0.72 8.92
N THR A 28 -4.05 -0.26 9.63
CA THR A 28 -4.25 0.60 10.79
C THR A 28 -4.69 2.00 10.37
N GLN A 29 -4.37 2.36 9.13
CA GLN A 29 -4.74 3.67 8.60
C GLN A 29 -4.73 3.66 7.07
N LYS A 30 -5.91 3.78 6.48
CA LYS A 30 -6.04 3.78 5.02
C LYS A 30 -5.19 4.89 4.41
N TYR A 31 -4.97 5.95 5.18
CA TYR A 31 -4.17 7.09 4.71
C TYR A 31 -3.10 7.46 5.72
N LEU A 32 -2.20 8.35 5.33
CA LEU A 32 -1.12 8.80 6.21
C LEU A 32 -0.70 10.23 5.87
N SER A 33 -0.74 11.10 6.88
CA SER A 33 -0.36 12.49 6.69
C SER A 33 1.08 12.60 6.21
N PRO A 34 1.38 13.73 5.53
CA PRO A 34 2.73 13.98 5.00
C PRO A 34 3.82 13.73 6.04
N PRO A 35 3.58 14.22 7.27
CA PRO A 35 4.54 14.07 8.37
C PRO A 35 5.04 12.63 8.51
N GLU A 36 4.13 11.68 8.40
CA GLU A 36 4.49 10.27 8.52
C GLU A 36 4.99 9.73 7.18
N ARG A 37 4.10 9.70 6.19
CA ARG A 37 4.47 9.20 4.86
C ARG A 37 5.90 9.56 4.51
N LYS A 38 6.32 10.77 4.90
CA LYS A 38 7.67 11.23 4.63
C LYS A 38 8.69 10.35 5.34
N ARG A 39 8.46 10.09 6.62
CA ARG A 39 9.37 9.26 7.40
C ARG A 39 9.30 7.81 6.95
N LEU A 40 8.09 7.31 6.73
CA LEU A 40 7.89 5.94 6.30
C LEU A 40 8.75 5.62 5.08
N ALA A 41 8.64 6.46 4.05
CA ALA A 41 9.41 6.28 2.83
C ALA A 41 10.89 6.10 3.13
N LYS A 42 11.31 6.61 4.28
CA LYS A 42 12.71 6.51 4.69
C LYS A 42 12.96 5.21 5.46
N MET A 43 11.97 4.79 6.22
CA MET A 43 12.08 3.57 7.00
C MET A 43 12.07 2.33 6.11
N LEU A 44 11.16 2.32 5.14
CA LEU A 44 11.05 1.20 4.20
C LEU A 44 11.90 1.45 2.96
N GLN A 45 12.65 2.54 2.97
CA GLN A 45 13.51 2.89 1.84
C GLN A 45 12.68 3.09 0.57
N LEU A 46 11.49 3.65 0.73
CA LEU A 46 10.60 3.91 -0.39
C LEU A 46 10.51 5.40 -0.70
N SER A 47 9.69 5.75 -1.68
CA SER A 47 9.52 7.14 -2.07
C SER A 47 8.15 7.66 -1.66
N GLU A 48 8.04 8.96 -1.45
CA GLU A 48 6.78 9.58 -1.05
C GLU A 48 5.67 9.21 -2.02
N ARG A 49 6.00 9.19 -3.31
CA ARG A 49 5.03 8.85 -4.35
C ARG A 49 4.68 7.36 -4.30
N GLN A 50 5.61 6.55 -3.80
CA GLN A 50 5.40 5.12 -3.71
C GLN A 50 4.50 4.78 -2.52
N VAL A 51 4.57 5.60 -1.48
CA VAL A 51 3.76 5.39 -0.28
C VAL A 51 2.43 6.12 -0.38
N LYS A 52 2.35 7.08 -1.29
CA LYS A 52 1.13 7.85 -1.48
C LYS A 52 0.24 7.21 -2.56
N THR A 53 0.87 6.50 -3.48
CA THR A 53 0.14 5.83 -4.56
C THR A 53 -0.34 4.45 -4.13
N TRP A 54 0.59 3.66 -3.58
CA TRP A 54 0.26 2.31 -3.14
C TRP A 54 -1.02 2.31 -2.31
N PHE A 55 -1.02 3.08 -1.22
CA PHE A 55 -2.18 3.17 -0.34
C PHE A 55 -3.45 3.47 -1.15
N GLN A 56 -3.39 4.52 -1.95
CA GLN A 56 -4.53 4.91 -2.76
C GLN A 56 -5.11 3.71 -3.51
N ASN A 57 -4.29 3.09 -4.35
CA ASN A 57 -4.72 1.94 -5.12
C ASN A 57 -5.27 0.85 -4.20
N ARG A 58 -4.54 0.55 -3.13
CA ARG A 58 -4.95 -0.47 -2.18
C ARG A 58 -6.39 -0.23 -1.71
N ARG A 59 -6.64 0.97 -1.21
CA ARG A 59 -7.97 1.32 -0.73
C ARG A 59 -9.05 0.76 -1.65
N ALA A 60 -9.00 1.13 -2.92
CA ALA A 60 -9.97 0.66 -3.89
C ALA A 60 -10.32 -0.80 -3.66
N LYS A 61 -9.30 -1.64 -3.50
CA LYS A 61 -9.51 -3.06 -3.27
C LYS A 61 -10.26 -3.29 -1.96
N TRP A 62 -9.78 -2.64 -0.89
CA TRP A 62 -10.41 -2.78 0.42
C TRP A 62 -11.92 -2.57 0.33
N ARG A 63 -12.33 -1.51 -0.35
CA ARG A 63 -13.75 -1.20 -0.51
C ARG A 63 -14.44 -2.27 -1.35
N ARG A 64 -13.81 -2.64 -2.46
CA ARG A 64 -14.37 -3.64 -3.36
C ARG A 64 -14.72 -4.91 -2.60
N SER A 65 -13.84 -5.30 -1.68
CA SER A 65 -14.05 -6.52 -0.89
C SER A 65 -15.02 -6.24 0.25
N GLY A 66 -14.89 -5.08 0.87
CA GLY A 66 -15.76 -4.72 1.98
C GLY A 66 -16.97 -3.93 1.52
N PRO A 67 -17.66 -3.28 2.47
CA PRO A 67 -18.86 -2.48 2.19
C PRO A 67 -18.52 -1.21 1.42
N SER A 68 -19.28 -0.95 0.36
CA SER A 68 -19.08 0.23 -0.47
C SER A 68 -20.35 1.07 -0.56
N SER A 69 -20.18 2.38 -0.61
CA SER A 69 -21.33 3.29 -0.69
C SER A 69 -21.44 3.87 -2.10
N GLY A 70 -22.65 3.79 -2.67
CA GLY A 70 -22.88 4.31 -4.00
C GLY A 70 -22.43 5.76 -4.15
N GLY A 1 18.54 -3.05 1.76
CA GLY A 1 19.53 -4.07 1.48
C GLY A 1 19.21 -5.40 2.12
N SER A 2 18.94 -6.41 1.30
CA SER A 2 18.61 -7.74 1.81
C SER A 2 18.49 -8.74 0.66
N SER A 3 18.27 -10.00 1.01
CA SER A 3 18.15 -11.06 0.00
C SER A 3 17.37 -12.25 0.57
N GLY A 4 16.80 -13.05 -0.33
CA GLY A 4 16.03 -14.21 0.10
C GLY A 4 15.46 -14.98 -1.08
N SER A 5 14.27 -15.54 -0.88
CA SER A 5 13.61 -16.32 -1.93
C SER A 5 12.83 -15.40 -2.87
N SER A 6 12.23 -15.99 -3.90
CA SER A 6 11.45 -15.23 -4.87
C SER A 6 10.09 -14.88 -4.32
N GLY A 7 9.37 -15.89 -3.83
CA GLY A 7 8.05 -15.66 -3.26
C GLY A 7 6.96 -16.33 -4.07
N LYS A 8 5.84 -15.64 -4.24
CA LYS A 8 4.72 -16.18 -5.01
C LYS A 8 4.71 -15.62 -6.42
N GLY A 9 3.97 -16.28 -7.32
CA GLY A 9 3.90 -15.84 -8.69
C GLY A 9 3.38 -14.41 -8.81
N GLY A 10 4.28 -13.47 -9.06
CA GLY A 10 3.90 -12.09 -9.19
C GLY A 10 4.98 -11.13 -8.71
N GLN A 11 5.67 -10.50 -9.66
CA GLN A 11 6.73 -9.57 -9.33
C GLN A 11 6.17 -8.16 -9.11
N VAL A 12 6.68 -7.48 -8.09
CA VAL A 12 6.24 -6.13 -7.77
C VAL A 12 7.41 -5.18 -7.59
N ARG A 13 7.26 -3.96 -8.06
CA ARG A 13 8.32 -2.95 -7.95
C ARG A 13 8.81 -2.84 -6.51
N PHE A 14 7.97 -3.26 -5.56
CA PHE A 14 8.31 -3.19 -4.15
C PHE A 14 9.04 -4.46 -3.72
N SER A 15 9.60 -4.43 -2.51
CA SER A 15 10.33 -5.57 -1.98
C SER A 15 9.46 -6.38 -1.03
N ASN A 16 9.94 -7.54 -0.62
CA ASN A 16 9.21 -8.42 0.29
C ASN A 16 8.86 -7.67 1.57
N ASP A 17 9.88 -7.27 2.32
CA ASP A 17 9.67 -6.54 3.57
C ASP A 17 8.81 -5.29 3.35
N GLN A 18 9.23 -4.47 2.39
CA GLN A 18 8.50 -3.25 2.07
C GLN A 18 7.00 -3.51 1.95
N THR A 19 6.66 -4.53 1.17
CA THR A 19 5.26 -4.89 0.96
C THR A 19 4.58 -5.25 2.28
N ILE A 20 5.24 -6.09 3.07
CA ILE A 20 4.70 -6.50 4.35
C ILE A 20 4.25 -5.30 5.18
N GLU A 21 5.19 -4.43 5.53
CA GLU A 21 4.88 -3.24 6.31
C GLU A 21 3.83 -2.39 5.61
N LEU A 22 4.12 -1.98 4.38
CA LEU A 22 3.18 -1.17 3.62
C LEU A 22 1.74 -1.57 3.89
N GLU A 23 1.53 -2.87 4.12
CA GLU A 23 0.20 -3.38 4.40
C GLU A 23 -0.20 -3.14 5.86
N LYS A 24 0.55 -3.76 6.77
CA LYS A 24 0.28 -3.61 8.20
C LYS A 24 -0.03 -2.15 8.54
N LYS A 25 0.46 -1.24 7.70
CA LYS A 25 0.24 0.19 7.93
C LYS A 25 -1.15 0.61 7.42
N PHE A 26 -1.42 0.31 6.16
CA PHE A 26 -2.71 0.66 5.56
C PHE A 26 -3.86 0.16 6.41
N GLU A 27 -3.83 -1.12 6.75
CA GLU A 27 -4.88 -1.73 7.57
C GLU A 27 -5.19 -0.84 8.77
N THR A 28 -4.16 -0.42 9.48
CA THR A 28 -4.32 0.44 10.66
C THR A 28 -4.73 1.85 10.26
N GLN A 29 -4.41 2.24 9.03
CA GLN A 29 -4.74 3.56 8.53
C GLN A 29 -4.76 3.58 7.01
N LYS A 30 -5.96 3.68 6.44
CA LYS A 30 -6.13 3.71 5.00
C LYS A 30 -5.26 4.78 4.36
N TYR A 31 -5.06 5.88 5.10
CA TYR A 31 -4.24 6.98 4.61
C TYR A 31 -3.16 7.34 5.61
N LEU A 32 -2.26 8.25 5.22
CA LEU A 32 -1.17 8.67 6.09
C LEU A 32 -0.77 10.11 5.78
N SER A 33 -0.81 10.96 6.81
CA SER A 33 -0.45 12.36 6.65
C SER A 33 0.99 12.50 6.18
N PRO A 34 1.28 13.63 5.51
CA PRO A 34 2.62 13.92 4.99
C PRO A 34 3.72 13.67 6.02
N PRO A 35 3.47 14.13 7.26
CA PRO A 35 4.43 13.97 8.35
C PRO A 35 4.96 12.54 8.47
N GLU A 36 4.05 11.57 8.39
CA GLU A 36 4.42 10.17 8.48
C GLU A 36 4.95 9.66 7.14
N ARG A 37 4.07 9.61 6.15
CA ARG A 37 4.45 9.14 4.82
C ARG A 37 5.88 9.55 4.49
N LYS A 38 6.29 10.71 4.99
CA LYS A 38 7.63 11.22 4.75
C LYS A 38 8.68 10.31 5.39
N ARG A 39 8.54 10.09 6.69
CA ARG A 39 9.47 9.24 7.43
C ARG A 39 9.39 7.79 6.95
N LEU A 40 8.16 7.33 6.71
CA LEU A 40 7.94 5.96 6.26
C LEU A 40 8.78 5.66 5.01
N ALA A 41 8.68 6.53 4.01
CA ALA A 41 9.43 6.35 2.77
C ALA A 41 10.92 6.18 3.06
N LYS A 42 11.37 6.69 4.20
CA LYS A 42 12.77 6.58 4.59
C LYS A 42 13.02 5.30 5.36
N MET A 43 12.01 4.82 6.06
CA MET A 43 12.12 3.59 6.84
C MET A 43 12.07 2.37 5.94
N LEU A 44 11.18 2.39 4.96
CA LEU A 44 11.03 1.29 4.02
C LEU A 44 11.85 1.54 2.75
N GLN A 45 12.69 2.56 2.80
CA GLN A 45 13.54 2.90 1.65
C GLN A 45 12.69 3.14 0.41
N LEU A 46 11.45 3.58 0.61
CA LEU A 46 10.54 3.86 -0.49
C LEU A 46 10.46 5.35 -0.77
N SER A 47 9.67 5.72 -1.77
CA SER A 47 9.50 7.12 -2.14
C SER A 47 8.12 7.63 -1.74
N GLU A 48 8.02 8.95 -1.55
CA GLU A 48 6.75 9.56 -1.16
C GLU A 48 5.64 9.18 -2.14
N ARG A 49 5.97 9.18 -3.42
CA ARG A 49 5.01 8.84 -4.45
C ARG A 49 4.67 7.35 -4.42
N GLN A 50 5.57 6.56 -3.84
CA GLN A 50 5.36 5.12 -3.74
C GLN A 50 4.49 4.77 -2.54
N VAL A 51 4.54 5.61 -1.52
CA VAL A 51 3.76 5.40 -0.31
C VAL A 51 2.42 6.14 -0.38
N LYS A 52 2.35 7.12 -1.27
CA LYS A 52 1.14 7.92 -1.44
C LYS A 52 0.22 7.28 -2.47
N THR A 53 0.80 6.51 -3.40
CA THR A 53 0.03 5.85 -4.44
C THR A 53 -0.40 4.46 -4.00
N TRP A 54 0.54 3.69 -3.47
CA TRP A 54 0.25 2.34 -3.02
C TRP A 54 -1.01 2.32 -2.15
N PHE A 55 -0.98 3.05 -1.05
CA PHE A 55 -2.12 3.12 -0.15
C PHE A 55 -3.41 3.43 -0.90
N GLN A 56 -3.41 4.53 -1.64
CA GLN A 56 -4.58 4.94 -2.41
C GLN A 56 -5.13 3.77 -3.21
N ASN A 57 -4.33 3.26 -4.13
CA ASN A 57 -4.74 2.14 -4.97
C ASN A 57 -5.12 0.93 -4.11
N ARG A 58 -4.63 0.91 -2.88
CA ARG A 58 -4.92 -0.18 -1.96
C ARG A 58 -6.34 -0.07 -1.41
N ARG A 59 -6.72 1.13 -1.01
CA ARG A 59 -8.05 1.38 -0.46
C ARG A 59 -9.13 0.92 -1.44
N ALA A 60 -9.04 1.38 -2.68
CA ALA A 60 -10.01 1.00 -3.71
C ALA A 60 -10.22 -0.50 -3.74
N LYS A 61 -9.16 -1.26 -3.46
CA LYS A 61 -9.23 -2.71 -3.46
C LYS A 61 -9.81 -3.22 -2.15
N TRP A 62 -9.49 -2.56 -1.05
CA TRP A 62 -9.98 -2.94 0.26
C TRP A 62 -11.49 -2.73 0.36
N ARG A 63 -12.01 -1.83 -0.47
CA ARG A 63 -13.44 -1.54 -0.47
C ARG A 63 -14.23 -2.73 -1.00
N ARG A 64 -13.70 -3.39 -2.02
CA ARG A 64 -14.35 -4.54 -2.62
C ARG A 64 -14.40 -5.71 -1.64
N SER A 65 -13.74 -5.55 -0.50
CA SER A 65 -13.70 -6.59 0.52
C SER A 65 -14.36 -6.12 1.81
N GLY A 66 -14.86 -4.89 1.79
CA GLY A 66 -15.51 -4.34 2.96
C GLY A 66 -17.02 -4.40 2.86
N PRO A 67 -17.69 -4.36 4.02
CA PRO A 67 -19.16 -4.41 4.09
C PRO A 67 -19.80 -3.13 3.56
N SER A 68 -20.70 -3.29 2.59
CA SER A 68 -21.39 -2.14 1.99
C SER A 68 -22.01 -1.26 3.07
N SER A 69 -22.57 -0.13 2.65
CA SER A 69 -23.20 0.80 3.58
C SER A 69 -24.57 0.28 4.03
N GLY A 70 -25.40 -0.09 3.05
CA GLY A 70 -26.72 -0.59 3.36
C GLY A 70 -27.34 0.09 4.55
N GLY A 1 19.63 -31.92 -7.29
CA GLY A 1 19.89 -30.50 -7.49
C GLY A 1 18.61 -29.69 -7.46
N SER A 2 18.72 -28.46 -6.94
CA SER A 2 17.57 -27.58 -6.85
C SER A 2 17.44 -26.70 -8.10
N SER A 3 16.23 -26.24 -8.38
CA SER A 3 15.98 -25.40 -9.55
C SER A 3 15.40 -24.06 -9.13
N GLY A 4 15.96 -23.48 -8.07
CA GLY A 4 15.47 -22.20 -7.59
C GLY A 4 13.97 -22.17 -7.40
N SER A 5 13.45 -21.00 -7.04
CA SER A 5 12.01 -20.84 -6.82
C SER A 5 11.52 -19.49 -7.33
N SER A 6 10.24 -19.42 -7.66
CA SER A 6 9.65 -18.18 -8.16
C SER A 6 8.52 -17.70 -7.26
N GLY A 7 8.33 -16.39 -7.20
CA GLY A 7 7.27 -15.83 -6.37
C GLY A 7 6.25 -15.07 -7.17
N LYS A 8 5.61 -15.76 -8.12
CA LYS A 8 4.60 -15.13 -8.96
C LYS A 8 3.24 -15.13 -8.27
N GLY A 9 2.53 -14.00 -8.38
CA GLY A 9 1.22 -13.90 -7.76
C GLY A 9 0.49 -12.63 -8.16
N GLY A 10 1.02 -11.49 -7.73
CA GLY A 10 0.40 -10.22 -8.06
C GLY A 10 1.39 -9.21 -8.61
N GLN A 11 0.93 -8.39 -9.54
CA GLN A 11 1.79 -7.37 -10.16
C GLN A 11 2.06 -6.23 -9.20
N VAL A 12 3.14 -6.35 -8.43
CA VAL A 12 3.52 -5.32 -7.48
C VAL A 12 4.99 -4.95 -7.60
N ARG A 13 5.30 -3.68 -7.41
CA ARG A 13 6.67 -3.19 -7.51
C ARG A 13 7.19 -2.74 -6.15
N PHE A 14 7.65 -3.70 -5.34
CA PHE A 14 8.17 -3.40 -4.02
C PHE A 14 8.97 -4.57 -3.46
N SER A 15 9.79 -4.30 -2.45
CA SER A 15 10.61 -5.34 -1.84
C SER A 15 9.76 -6.24 -0.93
N ASN A 16 10.27 -7.44 -0.68
CA ASN A 16 9.56 -8.39 0.18
C ASN A 16 9.15 -7.75 1.50
N ASP A 17 10.13 -7.27 2.25
CA ASP A 17 9.88 -6.63 3.53
C ASP A 17 9.03 -5.36 3.35
N GLN A 18 9.47 -4.50 2.44
CA GLN A 18 8.76 -3.26 2.17
C GLN A 18 7.25 -3.50 2.08
N THR A 19 6.86 -4.40 1.18
CA THR A 19 5.45 -4.72 0.98
C THR A 19 4.80 -5.13 2.29
N ILE A 20 5.35 -6.14 2.95
CA ILE A 20 4.82 -6.61 4.22
C ILE A 20 4.35 -5.45 5.09
N GLU A 21 5.28 -4.56 5.42
CA GLU A 21 4.95 -3.40 6.25
C GLU A 21 3.94 -2.50 5.56
N LEU A 22 4.21 -2.16 4.30
CA LEU A 22 3.32 -1.31 3.53
C LEU A 22 1.86 -1.70 3.75
N GLU A 23 1.63 -2.99 4.01
CA GLU A 23 0.28 -3.49 4.24
C GLU A 23 -0.13 -3.29 5.70
N LYS A 24 0.65 -3.88 6.62
CA LYS A 24 0.37 -3.78 8.04
C LYS A 24 0.03 -2.34 8.42
N LYS A 25 0.51 -1.39 7.62
CA LYS A 25 0.25 0.03 7.87
C LYS A 25 -1.15 0.42 7.40
N PHE A 26 -1.42 0.22 6.12
CA PHE A 26 -2.72 0.55 5.54
C PHE A 26 -3.84 0.00 6.41
N GLU A 27 -3.61 -1.15 7.03
CA GLU A 27 -4.61 -1.77 7.88
C GLU A 27 -4.96 -0.87 9.06
N THR A 28 -3.94 -0.38 9.75
CA THR A 28 -4.14 0.50 10.89
C THR A 28 -4.62 1.87 10.46
N GLN A 29 -4.31 2.23 9.22
CA GLN A 29 -4.71 3.53 8.68
C GLN A 29 -4.77 3.49 7.15
N LYS A 30 -5.98 3.62 6.62
CA LYS A 30 -6.18 3.60 5.17
C LYS A 30 -5.22 4.56 4.48
N TYR A 31 -4.97 5.70 5.11
CA TYR A 31 -4.07 6.71 4.56
C TYR A 31 -3.05 7.17 5.60
N LEU A 32 -2.16 8.06 5.19
CA LEU A 32 -1.13 8.59 6.09
C LEU A 32 -0.76 10.02 5.71
N SER A 33 -0.85 10.92 6.69
CA SER A 33 -0.52 12.32 6.46
C SER A 33 0.93 12.47 6.00
N PRO A 34 1.20 13.58 5.30
CA PRO A 34 2.54 13.88 4.78
C PRO A 34 3.63 13.69 5.83
N PRO A 35 3.36 14.18 7.05
CA PRO A 35 4.30 14.08 8.16
C PRO A 35 4.86 12.66 8.33
N GLU A 36 3.96 11.68 8.26
CA GLU A 36 4.36 10.28 8.41
C GLU A 36 4.91 9.74 7.09
N ARG A 37 4.05 9.65 6.08
CA ARG A 37 4.46 9.14 4.77
C ARG A 37 5.89 9.54 4.46
N LYS A 38 6.28 10.74 4.89
CA LYS A 38 7.63 11.25 4.64
C LYS A 38 8.66 10.40 5.38
N ARG A 39 8.43 10.18 6.66
CA ARG A 39 9.34 9.38 7.48
C ARG A 39 9.29 7.91 7.07
N LEU A 40 8.10 7.44 6.73
CA LEU A 40 7.92 6.04 6.31
C LEU A 40 8.78 5.72 5.11
N ALA A 41 8.70 6.57 4.08
CA ALA A 41 9.48 6.37 2.87
C ALA A 41 10.96 6.20 3.18
N LYS A 42 11.38 6.72 4.32
CA LYS A 42 12.77 6.63 4.75
C LYS A 42 13.03 5.34 5.51
N MET A 43 12.00 4.85 6.20
CA MET A 43 12.10 3.62 6.99
C MET A 43 12.10 2.40 6.06
N LEU A 44 11.12 2.33 5.17
CA LEU A 44 11.01 1.22 4.24
C LEU A 44 11.87 1.46 2.99
N GLN A 45 12.61 2.57 3.00
CA GLN A 45 13.46 2.91 1.87
C GLN A 45 12.65 3.10 0.59
N LEU A 46 11.48 3.73 0.73
CA LEU A 46 10.61 3.96 -0.42
C LEU A 46 10.51 5.46 -0.72
N SER A 47 9.70 5.80 -1.72
CA SER A 47 9.53 7.19 -2.13
C SER A 47 8.12 7.68 -1.78
N GLU A 48 8.03 8.94 -1.39
CA GLU A 48 6.75 9.54 -1.03
C GLU A 48 5.66 9.13 -2.02
N ARG A 49 6.01 9.15 -3.30
CA ARG A 49 5.06 8.78 -4.34
C ARG A 49 4.70 7.30 -4.26
N GLN A 50 5.67 6.48 -3.88
CA GLN A 50 5.46 5.05 -3.76
C GLN A 50 4.59 4.72 -2.55
N VAL A 51 4.65 5.57 -1.53
CA VAL A 51 3.85 5.39 -0.32
C VAL A 51 2.50 6.07 -0.44
N LYS A 52 2.42 7.09 -1.29
CA LYS A 52 1.19 7.83 -1.49
C LYS A 52 0.33 7.17 -2.57
N THR A 53 0.98 6.45 -3.48
CA THR A 53 0.28 5.76 -4.56
C THR A 53 -0.25 4.42 -4.10
N TRP A 54 0.63 3.58 -3.58
CA TRP A 54 0.25 2.26 -3.11
C TRP A 54 -1.01 2.33 -2.26
N PHE A 55 -0.95 3.05 -1.15
CA PHE A 55 -2.10 3.19 -0.26
C PHE A 55 -3.35 3.60 -1.04
N GLN A 56 -3.21 4.63 -1.88
CA GLN A 56 -4.32 5.11 -2.69
C GLN A 56 -5.02 3.96 -3.40
N ASN A 57 -4.27 3.24 -4.23
CA ASN A 57 -4.81 2.13 -4.98
C ASN A 57 -5.40 1.07 -4.04
N ARG A 58 -4.67 0.78 -2.97
CA ARG A 58 -5.12 -0.21 -1.99
C ARG A 58 -6.57 0.04 -1.59
N ARG A 59 -6.85 1.26 -1.14
CA ARG A 59 -8.21 1.62 -0.73
C ARG A 59 -9.23 1.17 -1.76
N ALA A 60 -9.11 1.69 -2.98
CA ALA A 60 -10.03 1.33 -4.05
C ALA A 60 -10.35 -0.16 -4.03
N LYS A 61 -9.40 -0.97 -3.59
CA LYS A 61 -9.58 -2.41 -3.51
C LYS A 61 -10.25 -2.80 -2.20
N TRP A 62 -9.75 -2.23 -1.11
CA TRP A 62 -10.29 -2.53 0.22
C TRP A 62 -11.81 -2.32 0.24
N ARG A 63 -12.22 -1.09 -0.03
CA ARG A 63 -13.65 -0.76 -0.04
C ARG A 63 -14.47 -1.89 -0.65
N ARG A 64 -14.02 -2.38 -1.80
CA ARG A 64 -14.71 -3.47 -2.49
C ARG A 64 -14.78 -4.71 -1.62
N SER A 65 -13.65 -5.07 -1.02
CA SER A 65 -13.58 -6.25 -0.16
C SER A 65 -14.51 -6.10 1.05
N GLY A 66 -14.52 -4.91 1.63
CA GLY A 66 -15.36 -4.65 2.78
C GLY A 66 -16.74 -4.12 2.39
N PRO A 67 -16.86 -2.78 2.32
CA PRO A 67 -18.11 -2.12 1.96
C PRO A 67 -18.47 -2.32 0.49
N SER A 68 -19.08 -3.47 0.20
CA SER A 68 -19.48 -3.78 -1.17
C SER A 68 -20.96 -3.50 -1.39
N SER A 69 -21.27 -2.28 -1.83
CA SER A 69 -22.64 -1.87 -2.08
C SER A 69 -23.08 -2.27 -3.48
N GLY A 70 -24.01 -3.22 -3.56
CA GLY A 70 -24.50 -3.67 -4.85
C GLY A 70 -25.78 -4.48 -4.74
N GLY A 1 -0.94 -32.56 0.50
CA GLY A 1 -0.40 -31.53 1.36
C GLY A 1 -0.78 -30.14 0.91
N SER A 2 -1.13 -29.27 1.87
CA SER A 2 -1.53 -27.91 1.55
C SER A 2 -0.65 -27.33 0.44
N SER A 3 0.66 -27.44 0.62
CA SER A 3 1.61 -26.92 -0.37
C SER A 3 1.46 -25.40 -0.51
N GLY A 4 1.33 -24.72 0.62
CA GLY A 4 1.19 -23.27 0.60
C GLY A 4 0.35 -22.79 -0.55
N SER A 5 0.59 -21.55 -0.97
CA SER A 5 -0.16 -20.96 -2.08
C SER A 5 0.56 -19.74 -2.63
N SER A 6 0.26 -19.39 -3.89
CA SER A 6 0.88 -18.24 -4.53
C SER A 6 -0.05 -17.63 -5.57
N GLY A 7 0.39 -16.54 -6.19
CA GLY A 7 -0.41 -15.89 -7.20
C GLY A 7 -0.94 -14.54 -6.74
N LYS A 8 -0.24 -13.48 -7.11
CA LYS A 8 -0.63 -12.13 -6.73
C LYS A 8 0.19 -11.08 -7.48
N GLY A 9 -0.36 -9.87 -7.57
CA GLY A 9 0.34 -8.80 -8.27
C GLY A 9 0.08 -7.44 -7.65
N GLY A 10 0.55 -6.39 -8.31
CA GLY A 10 0.36 -5.04 -7.81
C GLY A 10 1.67 -4.33 -7.57
N GLN A 11 2.62 -5.02 -6.94
CA GLN A 11 3.92 -4.44 -6.64
C GLN A 11 4.85 -4.55 -7.85
N VAL A 12 5.69 -3.54 -8.04
CA VAL A 12 6.64 -3.52 -9.15
C VAL A 12 8.06 -3.29 -8.66
N ARG A 13 8.19 -2.49 -7.60
CA ARG A 13 9.50 -2.19 -7.04
C ARG A 13 9.56 -2.53 -5.55
N PHE A 14 8.38 -2.58 -4.93
CA PHE A 14 8.29 -2.90 -3.51
C PHE A 14 8.85 -4.30 -3.23
N SER A 15 9.80 -4.36 -2.30
CA SER A 15 10.42 -5.64 -1.94
C SER A 15 9.53 -6.43 -1.00
N ASN A 16 9.75 -7.74 -0.94
CA ASN A 16 8.96 -8.62 -0.08
C ASN A 16 8.61 -7.92 1.23
N ASP A 17 9.63 -7.59 2.01
CA ASP A 17 9.44 -6.92 3.29
C ASP A 17 8.66 -5.62 3.10
N GLN A 18 9.17 -4.74 2.27
CA GLN A 18 8.53 -3.46 2.01
C GLN A 18 7.02 -3.64 1.87
N THR A 19 6.60 -4.55 1.00
CA THR A 19 5.19 -4.81 0.78
C THR A 19 4.48 -5.17 2.09
N ILE A 20 5.10 -6.07 2.85
CA ILE A 20 4.53 -6.49 4.13
C ILE A 20 4.14 -5.30 4.98
N GLU A 21 5.13 -4.51 5.40
CA GLU A 21 4.88 -3.34 6.22
C GLU A 21 3.82 -2.44 5.58
N LEU A 22 4.11 -1.97 4.36
CA LEU A 22 3.18 -1.11 3.64
C LEU A 22 1.74 -1.47 3.94
N GLU A 23 1.48 -2.78 4.02
CA GLU A 23 0.13 -3.27 4.31
C GLU A 23 -0.22 -3.10 5.78
N LYS A 24 0.70 -3.50 6.65
CA LYS A 24 0.50 -3.39 8.10
C LYS A 24 0.06 -1.99 8.47
N LYS A 25 0.46 -1.01 7.66
CA LYS A 25 0.10 0.38 7.92
C LYS A 25 -1.29 0.70 7.37
N PHE A 26 -1.45 0.52 6.06
CA PHE A 26 -2.73 0.79 5.41
C PHE A 26 -3.88 0.24 6.24
N GLU A 27 -3.74 -1.00 6.71
CA GLU A 27 -4.78 -1.64 7.51
C GLU A 27 -5.14 -0.78 8.72
N THR A 28 -4.11 -0.32 9.43
CA THR A 28 -4.32 0.52 10.61
C THR A 28 -4.80 1.91 10.22
N GLN A 29 -4.39 2.36 9.03
CA GLN A 29 -4.76 3.68 8.55
C GLN A 29 -4.72 3.73 7.02
N LYS A 30 -5.88 3.94 6.41
CA LYS A 30 -5.98 4.01 4.96
C LYS A 30 -5.14 5.16 4.41
N TYR A 31 -5.04 6.23 5.20
CA TYR A 31 -4.27 7.40 4.80
C TYR A 31 -3.12 7.67 5.77
N LEU A 32 -2.26 8.60 5.41
CA LEU A 32 -1.12 8.96 6.24
C LEU A 32 -0.68 10.40 6.00
N SER A 33 -0.67 11.20 7.06
CA SER A 33 -0.27 12.60 6.96
C SER A 33 1.16 12.72 6.44
N PRO A 34 1.46 13.88 5.82
CA PRO A 34 2.79 14.14 5.26
C PRO A 34 3.91 13.83 6.25
N PRO A 35 3.72 14.24 7.51
CA PRO A 35 4.69 14.01 8.58
C PRO A 35 5.18 12.56 8.62
N GLU A 36 4.25 11.62 8.54
CA GLU A 36 4.58 10.21 8.55
C GLU A 36 5.07 9.74 7.19
N ARG A 37 4.17 9.75 6.21
CA ARG A 37 4.51 9.33 4.86
C ARG A 37 5.96 9.71 4.52
N LYS A 38 6.41 10.82 5.06
CA LYS A 38 7.78 11.30 4.82
C LYS A 38 8.79 10.37 5.46
N ARG A 39 8.58 10.04 6.73
CA ARG A 39 9.48 9.16 7.46
C ARG A 39 9.36 7.72 6.95
N LEU A 40 8.14 7.31 6.66
CA LEU A 40 7.88 5.95 6.16
C LEU A 40 8.72 5.67 4.91
N ALA A 41 8.60 6.55 3.92
CA ALA A 41 9.35 6.40 2.68
C ALA A 41 10.83 6.23 2.94
N LYS A 42 11.29 6.73 4.09
CA LYS A 42 12.70 6.63 4.46
C LYS A 42 12.95 5.35 5.25
N MET A 43 11.93 4.86 5.94
CA MET A 43 12.05 3.65 6.74
C MET A 43 12.04 2.40 5.85
N LEU A 44 11.10 2.35 4.92
CA LEU A 44 10.98 1.23 4.00
C LEU A 44 11.86 1.43 2.76
N GLN A 45 12.63 2.52 2.77
CA GLN A 45 13.51 2.84 1.65
C GLN A 45 12.71 3.04 0.37
N LEU A 46 11.48 3.52 0.51
CA LEU A 46 10.61 3.75 -0.64
C LEU A 46 10.46 5.24 -0.90
N SER A 47 9.70 5.58 -1.95
CA SER A 47 9.48 6.97 -2.31
C SER A 47 8.13 7.45 -1.81
N GLU A 48 8.07 8.72 -1.41
CA GLU A 48 6.83 9.31 -0.90
C GLU A 48 5.69 9.10 -1.89
N ARG A 49 6.02 9.09 -3.17
CA ARG A 49 5.01 8.91 -4.22
C ARG A 49 4.54 7.45 -4.27
N GLN A 50 5.43 6.54 -3.90
CA GLN A 50 5.10 5.11 -3.90
C GLN A 50 4.20 4.77 -2.73
N VAL A 51 4.43 5.42 -1.59
CA VAL A 51 3.63 5.18 -0.39
C VAL A 51 2.27 5.88 -0.48
N LYS A 52 2.24 6.99 -1.20
CA LYS A 52 1.02 7.76 -1.37
C LYS A 52 0.10 7.11 -2.41
N THR A 53 0.71 6.51 -3.42
CA THR A 53 -0.04 5.85 -4.48
C THR A 53 -0.46 4.44 -4.07
N TRP A 54 0.51 3.65 -3.64
CA TRP A 54 0.25 2.27 -3.22
C TRP A 54 -1.03 2.20 -2.38
N PHE A 55 -1.07 2.99 -1.32
CA PHE A 55 -2.24 3.01 -0.44
C PHE A 55 -3.51 3.24 -1.24
N GLN A 56 -3.58 4.38 -1.93
CA GLN A 56 -4.75 4.72 -2.73
C GLN A 56 -5.34 3.48 -3.38
N ASN A 57 -4.52 2.77 -4.16
CA ASN A 57 -4.96 1.56 -4.85
C ASN A 57 -5.39 0.50 -3.85
N ARG A 58 -4.63 0.37 -2.76
CA ARG A 58 -4.94 -0.62 -1.73
C ARG A 58 -6.37 -0.46 -1.24
N ARG A 59 -6.80 0.79 -1.06
CA ARG A 59 -8.15 1.07 -0.59
C ARG A 59 -9.18 0.64 -1.62
N ALA A 60 -8.95 1.00 -2.89
CA ALA A 60 -9.86 0.65 -3.97
C ALA A 60 -10.24 -0.83 -3.91
N LYS A 61 -9.33 -1.65 -3.39
CA LYS A 61 -9.56 -3.09 -3.28
C LYS A 61 -10.27 -3.42 -1.97
N TRP A 62 -9.82 -2.79 -0.89
CA TRP A 62 -10.41 -3.02 0.42
C TRP A 62 -11.87 -2.55 0.46
N ARG A 63 -12.20 -1.59 -0.40
CA ARG A 63 -13.55 -1.05 -0.47
C ARG A 63 -14.49 -2.06 -1.13
N ARG A 64 -14.03 -2.67 -2.21
CA ARG A 64 -14.84 -3.64 -2.94
C ARG A 64 -15.31 -4.76 -2.01
N SER A 65 -14.39 -5.26 -1.18
CA SER A 65 -14.72 -6.33 -0.24
C SER A 65 -15.58 -5.82 0.90
N GLY A 66 -15.26 -4.62 1.38
CA GLY A 66 -16.02 -4.03 2.48
C GLY A 66 -17.50 -3.94 2.16
N PRO A 67 -18.32 -3.92 3.22
CA PRO A 67 -19.78 -3.84 3.08
C PRO A 67 -20.24 -2.47 2.57
N SER A 68 -19.34 -1.50 2.60
CA SER A 68 -19.65 -0.15 2.14
C SER A 68 -21.06 0.26 2.58
N SER A 69 -21.34 0.08 3.86
CA SER A 69 -22.65 0.44 4.40
C SER A 69 -23.77 -0.11 3.52
N GLY A 70 -23.64 -1.36 3.10
CA GLY A 70 -24.65 -1.98 2.26
C GLY A 70 -24.83 -3.45 2.55
N GLY A 1 -22.08 -1.47 -3.24
CA GLY A 1 -22.14 -1.93 -4.61
C GLY A 1 -21.42 -1.01 -5.57
N SER A 2 -20.10 -1.14 -5.63
CA SER A 2 -19.28 -0.30 -6.51
C SER A 2 -18.53 -1.16 -7.52
N SER A 3 -18.81 -0.92 -8.81
CA SER A 3 -18.16 -1.67 -9.87
C SER A 3 -16.65 -1.62 -9.73
N GLY A 4 -16.11 -0.41 -9.66
CA GLY A 4 -14.67 -0.25 -9.52
C GLY A 4 -14.18 1.09 -10.06
N SER A 5 -12.90 1.36 -9.89
CA SER A 5 -12.31 2.60 -10.36
C SER A 5 -11.10 2.34 -11.24
N SER A 6 -10.71 3.34 -12.02
CA SER A 6 -9.55 3.20 -12.92
C SER A 6 -8.25 3.11 -12.12
N GLY A 7 -7.16 2.83 -12.81
CA GLY A 7 -5.87 2.70 -12.16
C GLY A 7 -4.79 3.52 -12.84
N LYS A 8 -3.57 3.00 -12.83
CA LYS A 8 -2.44 3.69 -13.45
C LYS A 8 -1.50 2.69 -14.11
N GLY A 9 -0.70 3.18 -15.06
CA GLY A 9 0.23 2.32 -15.76
C GLY A 9 1.54 2.16 -15.02
N GLY A 10 1.97 0.91 -14.84
CA GLY A 10 3.22 0.66 -14.14
C GLY A 10 3.08 -0.45 -13.10
N GLN A 11 3.62 -1.62 -13.42
CA GLN A 11 3.55 -2.76 -12.52
C GLN A 11 3.93 -2.35 -11.10
N VAL A 12 3.71 -3.26 -10.15
CA VAL A 12 4.02 -3.00 -8.75
C VAL A 12 5.48 -3.33 -8.44
N ARG A 13 6.10 -2.54 -7.58
CA ARG A 13 7.49 -2.76 -7.19
C ARG A 13 7.70 -2.47 -5.72
N PHE A 14 7.94 -3.53 -4.95
CA PHE A 14 8.16 -3.39 -3.51
C PHE A 14 8.86 -4.63 -2.95
N SER A 15 9.98 -4.40 -2.26
CA SER A 15 10.74 -5.49 -1.68
C SER A 15 9.88 -6.35 -0.76
N ASN A 16 10.18 -7.65 -0.71
CA ASN A 16 9.42 -8.57 0.12
C ASN A 16 8.99 -7.92 1.43
N ASP A 17 9.97 -7.49 2.22
CA ASP A 17 9.69 -6.84 3.50
C ASP A 17 8.91 -5.55 3.29
N GLN A 18 9.43 -4.68 2.43
CA GLN A 18 8.77 -3.40 2.15
C GLN A 18 7.27 -3.58 2.04
N THR A 19 6.85 -4.55 1.24
CA THR A 19 5.43 -4.83 1.05
C THR A 19 4.77 -5.25 2.36
N ILE A 20 5.37 -6.22 3.02
CA ILE A 20 4.84 -6.72 4.29
C ILE A 20 4.39 -5.57 5.18
N GLU A 21 5.28 -4.62 5.42
CA GLU A 21 4.97 -3.46 6.25
C GLU A 21 3.96 -2.55 5.57
N LEU A 22 4.27 -2.17 4.33
CA LEU A 22 3.38 -1.29 3.56
C LEU A 22 1.92 -1.68 3.77
N GLU A 23 1.68 -2.96 4.04
CA GLU A 23 0.33 -3.45 4.25
C GLU A 23 -0.08 -3.29 5.71
N LYS A 24 0.68 -3.90 6.61
CA LYS A 24 0.40 -3.83 8.04
C LYS A 24 0.04 -2.39 8.44
N LYS A 25 0.56 -1.43 7.71
CA LYS A 25 0.29 -0.02 7.99
C LYS A 25 -1.10 0.37 7.49
N PHE A 26 -1.36 0.11 6.23
CA PHE A 26 -2.66 0.44 5.63
C PHE A 26 -3.81 -0.06 6.51
N GLU A 27 -3.70 -1.31 6.97
CA GLU A 27 -4.73 -1.89 7.82
C GLU A 27 -5.05 -0.96 8.99
N THR A 28 -4.01 -0.47 9.66
CA THR A 28 -4.19 0.42 10.80
C THR A 28 -4.66 1.80 10.35
N GLN A 29 -4.38 2.14 9.10
CA GLN A 29 -4.77 3.43 8.55
C GLN A 29 -4.82 3.38 7.03
N LYS A 30 -6.01 3.50 6.47
CA LYS A 30 -6.19 3.47 5.02
C LYS A 30 -5.33 4.53 4.35
N TYR A 31 -5.03 5.59 5.08
CA TYR A 31 -4.21 6.68 4.54
C TYR A 31 -3.15 7.10 5.56
N LEU A 32 -2.26 8.00 5.14
CA LEU A 32 -1.20 8.49 6.00
C LEU A 32 -0.84 9.93 5.65
N SER A 33 -0.92 10.81 6.65
CA SER A 33 -0.60 12.23 6.45
C SER A 33 0.84 12.39 5.98
N PRO A 34 1.10 13.51 5.27
CA PRO A 34 2.44 13.82 4.75
C PRO A 34 3.53 13.64 5.80
N PRO A 35 3.25 14.14 7.03
CA PRO A 35 4.20 14.04 8.14
C PRO A 35 4.77 12.64 8.30
N GLU A 36 3.91 11.64 8.20
CA GLU A 36 4.32 10.25 8.35
C GLU A 36 4.86 9.71 7.02
N ARG A 37 3.99 9.62 6.02
CA ARG A 37 4.39 9.11 4.71
C ARG A 37 5.82 9.52 4.38
N LYS A 38 6.18 10.75 4.74
CA LYS A 38 7.51 11.27 4.49
C LYS A 38 8.57 10.45 5.24
N ARG A 39 8.33 10.20 6.51
CA ARG A 39 9.25 9.44 7.34
C ARG A 39 9.24 7.96 6.93
N LEU A 40 8.06 7.45 6.63
CA LEU A 40 7.90 6.06 6.23
C LEU A 40 8.78 5.74 5.02
N ALA A 41 8.64 6.53 3.97
CA ALA A 41 9.43 6.34 2.75
C ALA A 41 10.92 6.21 3.07
N LYS A 42 11.32 6.79 4.19
CA LYS A 42 12.71 6.74 4.63
C LYS A 42 12.99 5.48 5.45
N MET A 43 11.94 4.98 6.12
CA MET A 43 12.07 3.80 6.94
C MET A 43 12.04 2.53 6.09
N LEU A 44 11.15 2.51 5.10
CA LEU A 44 11.01 1.37 4.21
C LEU A 44 11.88 1.54 2.97
N GLN A 45 12.63 2.64 2.92
CA GLN A 45 13.50 2.92 1.79
C GLN A 45 12.69 3.08 0.51
N LEU A 46 11.53 3.70 0.62
CA LEU A 46 10.66 3.92 -0.53
C LEU A 46 10.56 5.40 -0.87
N SER A 47 9.74 5.73 -1.86
CA SER A 47 9.56 7.11 -2.28
C SER A 47 8.18 7.63 -1.87
N GLU A 48 8.10 8.91 -1.57
CA GLU A 48 6.85 9.53 -1.16
C GLU A 48 5.72 9.18 -2.13
N ARG A 49 6.06 9.14 -3.42
CA ARG A 49 5.08 8.82 -4.45
C ARG A 49 4.65 7.36 -4.36
N GLN A 50 5.58 6.50 -3.95
CA GLN A 50 5.31 5.08 -3.82
C GLN A 50 4.40 4.80 -2.62
N VAL A 51 4.64 5.52 -1.53
CA VAL A 51 3.85 5.36 -0.32
C VAL A 51 2.50 6.06 -0.43
N LYS A 52 2.42 7.00 -1.36
CA LYS A 52 1.18 7.75 -1.58
C LYS A 52 0.31 7.07 -2.63
N THR A 53 0.95 6.34 -3.55
CA THR A 53 0.25 5.64 -4.61
C THR A 53 -0.30 4.30 -4.12
N TRP A 54 0.60 3.48 -3.56
CA TRP A 54 0.20 2.17 -3.04
C TRP A 54 -1.05 2.27 -2.18
N PHE A 55 -0.92 2.94 -1.04
CA PHE A 55 -2.05 3.10 -0.13
C PHE A 55 -3.31 3.52 -0.88
N GLN A 56 -3.20 4.63 -1.61
CA GLN A 56 -4.33 5.14 -2.38
C GLN A 56 -5.01 4.02 -3.17
N ASN A 57 -4.27 3.46 -4.13
CA ASN A 57 -4.80 2.39 -4.95
C ASN A 57 -5.42 1.29 -4.09
N ARG A 58 -4.59 0.68 -3.24
CA ARG A 58 -5.05 -0.39 -2.37
C ARG A 58 -6.40 -0.04 -1.75
N ARG A 59 -6.45 1.09 -1.05
CA ARG A 59 -7.69 1.53 -0.40
C ARG A 59 -8.87 1.37 -1.34
N ALA A 60 -8.80 2.01 -2.50
CA ALA A 60 -9.87 1.95 -3.49
C ALA A 60 -10.45 0.54 -3.56
N LYS A 61 -9.59 -0.47 -3.44
CA LYS A 61 -10.01 -1.85 -3.50
C LYS A 61 -10.76 -2.24 -2.22
N TRP A 62 -10.16 -1.94 -1.07
CA TRP A 62 -10.77 -2.26 0.21
C TRP A 62 -12.23 -1.82 0.25
N ARG A 63 -12.50 -0.65 -0.32
CA ARG A 63 -13.85 -0.11 -0.35
C ARG A 63 -14.79 -1.03 -1.13
N ARG A 64 -14.33 -1.47 -2.30
CA ARG A 64 -15.13 -2.36 -3.14
C ARG A 64 -15.58 -3.59 -2.36
N SER A 65 -14.63 -4.24 -1.69
CA SER A 65 -14.93 -5.43 -0.92
C SER A 65 -15.64 -5.08 0.39
N GLY A 66 -15.38 -3.87 0.88
CA GLY A 66 -16.00 -3.42 2.11
C GLY A 66 -16.21 -4.56 3.10
N PRO A 67 -17.43 -5.12 3.10
CA PRO A 67 -17.78 -6.22 4.00
C PRO A 67 -17.08 -7.52 3.63
N SER A 68 -16.01 -7.83 4.36
CA SER A 68 -15.24 -9.05 4.10
C SER A 68 -16.04 -10.28 4.49
N SER A 69 -16.46 -10.34 5.76
CA SER A 69 -17.23 -11.46 6.26
C SER A 69 -18.52 -11.65 5.46
N GLY A 70 -18.62 -12.77 4.76
CA GLY A 70 -19.79 -13.05 3.97
C GLY A 70 -20.33 -14.46 4.18
N GLY A 1 -23.54 -7.24 -13.80
CA GLY A 1 -22.88 -7.81 -14.96
C GLY A 1 -21.37 -7.67 -14.89
N SER A 2 -20.71 -8.68 -14.33
CA SER A 2 -19.25 -8.66 -14.19
C SER A 2 -18.59 -9.24 -15.43
N SER A 3 -18.43 -8.41 -16.47
CA SER A 3 -17.81 -8.85 -17.71
C SER A 3 -17.30 -7.64 -18.51
N GLY A 4 -16.05 -7.71 -18.94
CA GLY A 4 -15.47 -6.63 -19.70
C GLY A 4 -14.01 -6.89 -20.06
N SER A 5 -13.29 -5.82 -20.38
CA SER A 5 -11.88 -5.94 -20.75
C SER A 5 -10.98 -5.78 -19.52
N SER A 6 -9.70 -6.02 -19.71
CA SER A 6 -8.74 -5.92 -18.61
C SER A 6 -7.51 -5.10 -19.04
N GLY A 7 -6.79 -4.59 -18.05
CA GLY A 7 -5.61 -3.78 -18.34
C GLY A 7 -4.43 -4.17 -17.47
N LYS A 8 -3.60 -5.10 -17.96
CA LYS A 8 -2.43 -5.55 -17.22
C LYS A 8 -1.20 -4.75 -17.61
N GLY A 9 -0.20 -4.74 -16.74
CA GLY A 9 1.02 -4.00 -17.01
C GLY A 9 1.56 -3.30 -15.79
N GLY A 10 2.86 -3.39 -15.58
CA GLY A 10 3.48 -2.75 -14.43
C GLY A 10 3.89 -3.74 -13.36
N GLN A 11 5.18 -4.00 -13.25
CA GLN A 11 5.70 -4.95 -12.26
C GLN A 11 5.89 -4.27 -10.91
N VAL A 12 5.38 -4.88 -9.86
CA VAL A 12 5.49 -4.33 -8.51
C VAL A 12 6.93 -3.92 -8.21
N ARG A 13 7.08 -2.75 -7.61
CA ARG A 13 8.41 -2.24 -7.27
C ARG A 13 8.58 -2.15 -5.77
N PHE A 14 8.15 -3.19 -5.05
CA PHE A 14 8.26 -3.22 -3.60
C PHE A 14 8.87 -4.54 -3.14
N SER A 15 9.93 -4.44 -2.35
CA SER A 15 10.62 -5.62 -1.83
C SER A 15 9.70 -6.44 -0.95
N ASN A 16 10.16 -7.63 -0.56
CA ASN A 16 9.37 -8.51 0.29
C ASN A 16 8.95 -7.80 1.58
N ASP A 17 9.94 -7.47 2.41
CA ASP A 17 9.66 -6.79 3.67
C ASP A 17 8.89 -5.50 3.44
N GLN A 18 9.33 -4.71 2.46
CA GLN A 18 8.67 -3.44 2.14
C GLN A 18 7.17 -3.63 2.01
N THR A 19 6.75 -4.56 1.16
CA THR A 19 5.34 -4.84 0.95
C THR A 19 4.65 -5.19 2.26
N ILE A 20 5.22 -6.16 2.97
CA ILE A 20 4.65 -6.60 4.25
C ILE A 20 4.16 -5.41 5.06
N GLU A 21 5.09 -4.59 5.55
CA GLU A 21 4.74 -3.42 6.34
C GLU A 21 3.78 -2.52 5.57
N LEU A 22 4.16 -2.13 4.36
CA LEU A 22 3.33 -1.27 3.53
C LEU A 22 1.85 -1.56 3.74
N GLU A 23 1.53 -2.83 4.00
CA GLU A 23 0.16 -3.24 4.23
C GLU A 23 -0.24 -3.04 5.69
N LYS A 24 0.50 -3.68 6.59
CA LYS A 24 0.24 -3.57 8.01
C LYS A 24 -0.14 -2.14 8.39
N LYS A 25 0.31 -1.18 7.59
CA LYS A 25 0.02 0.22 7.84
C LYS A 25 -1.36 0.59 7.32
N PHE A 26 -1.57 0.39 6.02
CA PHE A 26 -2.86 0.69 5.40
C PHE A 26 -4.01 0.13 6.22
N GLU A 27 -3.78 -1.01 6.86
CA GLU A 27 -4.81 -1.65 7.68
C GLU A 27 -5.18 -0.76 8.86
N THR A 28 -4.18 -0.30 9.60
CA THR A 28 -4.41 0.56 10.75
C THR A 28 -4.86 1.95 10.33
N GLN A 29 -4.44 2.36 9.14
CA GLN A 29 -4.79 3.68 8.62
C GLN A 29 -4.77 3.68 7.09
N LYS A 30 -5.95 3.87 6.50
CA LYS A 30 -6.06 3.89 5.04
C LYS A 30 -5.19 4.99 4.44
N TYR A 31 -4.99 6.06 5.20
CA TYR A 31 -4.19 7.18 4.76
C TYR A 31 -3.08 7.50 5.76
N LEU A 32 -2.18 8.40 5.38
CA LEU A 32 -1.08 8.79 6.24
C LEU A 32 -0.64 10.23 5.97
N SER A 33 -0.65 11.06 7.01
CA SER A 33 -0.27 12.46 6.88
C SER A 33 1.17 12.58 6.39
N PRO A 34 1.47 13.72 5.74
CA PRO A 34 2.80 13.99 5.20
C PRO A 34 3.91 13.71 6.22
N PRO A 35 3.69 14.14 7.47
CA PRO A 35 4.65 13.95 8.55
C PRO A 35 5.16 12.52 8.63
N GLU A 36 4.24 11.57 8.46
CA GLU A 36 4.60 10.15 8.51
C GLU A 36 5.10 9.66 7.15
N ARG A 37 4.19 9.64 6.17
CA ARG A 37 4.53 9.19 4.83
C ARG A 37 5.96 9.58 4.47
N LYS A 38 6.38 10.75 4.93
CA LYS A 38 7.73 11.25 4.66
C LYS A 38 8.78 10.34 5.31
N ARG A 39 8.59 10.05 6.59
CA ARG A 39 9.52 9.19 7.33
C ARG A 39 9.42 7.74 6.85
N LEU A 40 8.19 7.28 6.64
CA LEU A 40 7.96 5.91 6.17
C LEU A 40 8.79 5.61 4.94
N ALA A 41 8.77 6.52 3.98
CA ALA A 41 9.53 6.35 2.74
C ALA A 41 11.02 6.14 3.04
N LYS A 42 11.46 6.66 4.18
CA LYS A 42 12.86 6.53 4.58
C LYS A 42 13.09 5.23 5.34
N MET A 43 12.04 4.72 5.97
CA MET A 43 12.14 3.48 6.72
C MET A 43 12.08 2.27 5.78
N LEU A 44 11.08 2.25 4.91
CA LEU A 44 10.91 1.17 3.96
C LEU A 44 11.75 1.38 2.71
N GLN A 45 12.47 2.50 2.68
CA GLN A 45 13.33 2.83 1.55
C GLN A 45 12.49 3.08 0.30
N LEU A 46 11.34 3.72 0.47
CA LEU A 46 10.45 4.03 -0.64
C LEU A 46 10.35 5.53 -0.86
N SER A 47 9.56 5.92 -1.86
CA SER A 47 9.38 7.34 -2.17
C SER A 47 7.99 7.80 -1.78
N GLU A 48 7.86 9.10 -1.50
CA GLU A 48 6.59 9.68 -1.10
C GLU A 48 5.47 9.26 -2.06
N ARG A 49 5.78 9.29 -3.36
CA ARG A 49 4.80 8.92 -4.37
C ARG A 49 4.49 7.42 -4.32
N GLN A 50 5.50 6.63 -3.97
CA GLN A 50 5.34 5.19 -3.87
C GLN A 50 4.48 4.82 -2.66
N VAL A 51 4.55 5.64 -1.62
CA VAL A 51 3.78 5.40 -0.40
C VAL A 51 2.40 6.04 -0.49
N LYS A 52 2.29 7.10 -1.29
CA LYS A 52 1.03 7.80 -1.45
C LYS A 52 0.17 7.14 -2.54
N THR A 53 0.83 6.51 -3.50
CA THR A 53 0.14 5.82 -4.59
C THR A 53 -0.36 4.45 -4.15
N TRP A 54 0.56 3.62 -3.67
CA TRP A 54 0.22 2.28 -3.22
C TRP A 54 -1.07 2.30 -2.39
N PHE A 55 -1.04 3.02 -1.28
CA PHE A 55 -2.20 3.13 -0.41
C PHE A 55 -3.46 3.43 -1.21
N GLN A 56 -3.42 4.53 -1.95
CA GLN A 56 -4.57 4.94 -2.76
C GLN A 56 -5.17 3.74 -3.50
N ASN A 57 -4.31 2.98 -4.18
CA ASN A 57 -4.77 1.81 -4.93
C ASN A 57 -5.31 0.74 -3.99
N ARG A 58 -4.61 0.53 -2.88
CA ARG A 58 -5.03 -0.47 -1.89
C ARG A 58 -6.49 -0.27 -1.50
N ARG A 59 -6.81 0.94 -1.05
CA ARG A 59 -8.18 1.26 -0.64
C ARG A 59 -9.19 0.68 -1.63
N ALA A 60 -9.17 1.18 -2.86
CA ALA A 60 -10.09 0.71 -3.88
C ALA A 60 -10.29 -0.80 -3.79
N LYS A 61 -9.21 -1.53 -3.51
CA LYS A 61 -9.28 -2.97 -3.39
C LYS A 61 -9.96 -3.38 -2.09
N TRP A 62 -9.62 -2.69 -1.00
CA TRP A 62 -10.20 -2.98 0.30
C TRP A 62 -11.72 -2.86 0.26
N ARG A 63 -12.21 -1.73 -0.25
CA ARG A 63 -13.64 -1.50 -0.35
C ARG A 63 -14.30 -2.54 -1.24
N ARG A 64 -13.70 -2.79 -2.41
CA ARG A 64 -14.24 -3.76 -3.35
C ARG A 64 -14.35 -5.14 -2.71
N SER A 65 -13.25 -5.59 -2.11
CA SER A 65 -13.22 -6.90 -1.46
C SER A 65 -14.25 -6.97 -0.35
N GLY A 66 -14.35 -5.90 0.44
CA GLY A 66 -15.29 -5.86 1.54
C GLY A 66 -16.69 -5.52 1.09
N PRO A 67 -17.59 -5.28 2.05
CA PRO A 67 -18.99 -4.94 1.78
C PRO A 67 -19.13 -3.55 1.16
N SER A 68 -19.32 -3.51 -0.15
CA SER A 68 -19.46 -2.24 -0.86
C SER A 68 -20.81 -2.19 -1.60
N SER A 69 -21.34 -0.98 -1.76
CA SER A 69 -22.61 -0.79 -2.43
C SER A 69 -22.66 -1.60 -3.73
N GLY A 70 -23.78 -2.29 -3.96
CA GLY A 70 -23.93 -3.10 -5.15
C GLY A 70 -23.03 -4.31 -5.15
N GLY A 1 13.46 1.31 -8.74
CA GLY A 1 14.29 0.18 -9.13
C GLY A 1 14.58 -0.75 -7.96
N SER A 2 13.94 -1.92 -7.98
CA SER A 2 14.13 -2.90 -6.91
C SER A 2 13.44 -4.22 -7.26
N SER A 3 13.89 -5.29 -6.62
CA SER A 3 13.32 -6.62 -6.88
C SER A 3 13.59 -7.56 -5.70
N GLY A 4 13.00 -8.74 -5.75
CA GLY A 4 13.20 -9.71 -4.70
C GLY A 4 12.46 -11.01 -4.96
N SER A 5 11.86 -11.58 -3.90
CA SER A 5 11.13 -12.83 -4.02
C SER A 5 9.69 -12.58 -4.46
N SER A 6 9.19 -13.45 -5.34
CA SER A 6 7.83 -13.30 -5.85
C SER A 6 7.27 -14.66 -6.25
N GLY A 7 5.99 -14.69 -6.64
CA GLY A 7 5.36 -15.92 -7.06
C GLY A 7 4.99 -15.92 -8.52
N LYS A 8 3.70 -16.07 -8.81
CA LYS A 8 3.21 -16.10 -10.18
C LYS A 8 2.21 -14.98 -10.42
N GLY A 9 2.08 -14.56 -11.67
CA GLY A 9 1.15 -13.49 -12.01
C GLY A 9 1.85 -12.23 -12.45
N GLY A 10 1.75 -11.18 -11.64
CA GLY A 10 2.38 -9.91 -11.98
C GLY A 10 3.52 -9.57 -11.04
N GLN A 11 4.39 -8.67 -11.48
CA GLN A 11 5.54 -8.26 -10.68
C GLN A 11 5.23 -6.98 -9.91
N VAL A 12 5.73 -6.90 -8.68
CA VAL A 12 5.51 -5.74 -7.84
C VAL A 12 6.78 -4.91 -7.69
N ARG A 13 6.62 -3.60 -7.49
CA ARG A 13 7.76 -2.71 -7.33
C ARG A 13 8.06 -2.46 -5.86
N PHE A 14 7.85 -3.49 -5.04
CA PHE A 14 8.10 -3.39 -3.60
C PHE A 14 8.76 -4.66 -3.07
N SER A 15 9.88 -4.49 -2.37
CA SER A 15 10.61 -5.62 -1.82
C SER A 15 9.69 -6.48 -0.94
N ASN A 16 10.23 -7.59 -0.47
CA ASN A 16 9.47 -8.51 0.38
C ASN A 16 9.01 -7.81 1.66
N ASP A 17 9.97 -7.31 2.43
CA ASP A 17 9.67 -6.62 3.68
C ASP A 17 8.90 -5.34 3.41
N GLN A 18 9.39 -4.54 2.47
CA GLN A 18 8.74 -3.28 2.12
C GLN A 18 7.23 -3.45 2.04
N THR A 19 6.79 -4.42 1.25
CA THR A 19 5.36 -4.68 1.08
C THR A 19 4.72 -5.08 2.40
N ILE A 20 5.33 -6.05 3.08
CA ILE A 20 4.81 -6.53 4.36
C ILE A 20 4.37 -5.37 5.24
N GLU A 21 5.29 -4.45 5.51
CA GLU A 21 4.99 -3.29 6.34
C GLU A 21 4.00 -2.36 5.64
N LEU A 22 4.20 -2.16 4.34
CA LEU A 22 3.33 -1.29 3.55
C LEU A 22 1.86 -1.69 3.74
N GLU A 23 1.63 -2.95 4.07
CA GLU A 23 0.28 -3.45 4.28
C GLU A 23 -0.12 -3.33 5.75
N LYS A 24 0.76 -3.78 6.64
CA LYS A 24 0.49 -3.72 8.07
C LYS A 24 0.15 -2.30 8.50
N LYS A 25 0.44 -1.33 7.64
CA LYS A 25 0.16 0.07 7.93
C LYS A 25 -1.23 0.46 7.42
N PHE A 26 -1.44 0.29 6.12
CA PHE A 26 -2.73 0.63 5.52
C PHE A 26 -3.89 0.08 6.35
N GLU A 27 -3.71 -1.13 6.86
CA GLU A 27 -4.74 -1.77 7.67
C GLU A 27 -5.10 -0.90 8.88
N THR A 28 -4.08 -0.45 9.60
CA THR A 28 -4.28 0.38 10.78
C THR A 28 -4.74 1.78 10.38
N GLN A 29 -4.35 2.21 9.19
CA GLN A 29 -4.72 3.54 8.69
C GLN A 29 -4.72 3.57 7.16
N LYS A 30 -5.91 3.65 6.58
CA LYS A 30 -6.05 3.68 5.13
C LYS A 30 -5.25 4.84 4.53
N TYR A 31 -5.15 5.93 5.29
CA TYR A 31 -4.40 7.09 4.83
C TYR A 31 -3.27 7.43 5.79
N LEU A 32 -2.33 8.25 5.33
CA LEU A 32 -1.18 8.64 6.14
C LEU A 32 -0.78 10.08 5.85
N SER A 33 -0.83 10.93 6.88
CA SER A 33 -0.47 12.33 6.73
C SER A 33 0.98 12.48 6.26
N PRO A 34 1.28 13.61 5.61
CA PRO A 34 2.62 13.89 5.11
C PRO A 34 3.70 13.64 6.16
N PRO A 35 3.45 14.10 7.40
CA PRO A 35 4.39 13.92 8.51
C PRO A 35 4.91 12.49 8.61
N GLU A 36 4.02 11.52 8.39
CA GLU A 36 4.39 10.12 8.46
C GLU A 36 4.92 9.63 7.12
N ARG A 37 4.03 9.55 6.12
CA ARG A 37 4.41 9.10 4.79
C ARG A 37 5.83 9.53 4.45
N LYS A 38 6.21 10.72 4.92
CA LYS A 38 7.55 11.25 4.66
C LYS A 38 8.61 10.39 5.32
N ARG A 39 8.44 10.12 6.62
CA ARG A 39 9.38 9.31 7.36
C ARG A 39 9.32 7.85 6.91
N LEU A 40 8.12 7.38 6.60
CA LEU A 40 7.92 6.00 6.15
C LEU A 40 8.74 5.71 4.90
N ALA A 41 8.59 6.56 3.89
CA ALA A 41 9.32 6.40 2.64
C ALA A 41 10.80 6.19 2.89
N LYS A 42 11.27 6.68 4.04
CA LYS A 42 12.68 6.54 4.40
C LYS A 42 12.92 5.25 5.18
N MET A 43 11.92 4.83 5.94
CA MET A 43 12.02 3.61 6.74
C MET A 43 11.97 2.38 5.84
N LEU A 44 11.11 2.42 4.83
CA LEU A 44 10.96 1.31 3.90
C LEU A 44 11.85 1.50 2.67
N GLN A 45 12.55 2.63 2.63
CA GLN A 45 13.44 2.92 1.51
C GLN A 45 12.64 3.20 0.25
N LEU A 46 11.40 3.65 0.41
CA LEU A 46 10.53 3.95 -0.72
C LEU A 46 10.42 5.45 -0.94
N SER A 47 9.66 5.84 -1.95
CA SER A 47 9.46 7.25 -2.26
C SER A 47 8.07 7.72 -1.87
N GLU A 48 7.95 8.97 -1.47
CA GLU A 48 6.68 9.53 -1.06
C GLU A 48 5.57 9.14 -2.04
N ARG A 49 5.90 9.15 -3.32
CA ARG A 49 4.94 8.80 -4.36
C ARG A 49 4.59 7.31 -4.28
N GLN A 50 5.57 6.49 -3.92
CA GLN A 50 5.36 5.05 -3.82
C GLN A 50 4.50 4.71 -2.59
N VAL A 51 4.60 5.54 -1.56
CA VAL A 51 3.83 5.32 -0.34
C VAL A 51 2.47 6.00 -0.43
N LYS A 52 2.36 7.00 -1.29
CA LYS A 52 1.11 7.73 -1.47
C LYS A 52 0.23 7.05 -2.51
N THR A 53 0.87 6.40 -3.49
CA THR A 53 0.14 5.71 -4.55
C THR A 53 -0.35 4.35 -4.08
N TRP A 54 0.58 3.55 -3.55
CA TRP A 54 0.23 2.22 -3.06
C TRP A 54 -1.04 2.25 -2.21
N PHE A 55 -0.97 2.97 -1.11
CA PHE A 55 -2.11 3.09 -0.20
C PHE A 55 -3.38 3.49 -0.97
N GLN A 56 -3.22 4.42 -1.90
CA GLN A 56 -4.35 4.88 -2.70
C GLN A 56 -4.99 3.73 -3.48
N ASN A 57 -4.17 3.06 -4.29
CA ASN A 57 -4.65 1.94 -5.09
C ASN A 57 -5.21 0.84 -4.19
N ARG A 58 -4.60 0.67 -3.02
CA ARG A 58 -5.04 -0.35 -2.08
C ARG A 58 -6.44 -0.05 -1.55
N ARG A 59 -6.61 1.14 -0.99
CA ARG A 59 -7.90 1.55 -0.46
C ARG A 59 -9.02 1.29 -1.47
N ALA A 60 -8.83 1.79 -2.69
CA ALA A 60 -9.81 1.62 -3.74
C ALA A 60 -10.24 0.16 -3.86
N LYS A 61 -9.27 -0.75 -3.83
CA LYS A 61 -9.55 -2.17 -3.92
C LYS A 61 -10.31 -2.67 -2.70
N TRP A 62 -9.94 -2.16 -1.53
CA TRP A 62 -10.58 -2.54 -0.29
C TRP A 62 -12.05 -2.10 -0.26
N ARG A 63 -12.30 -0.90 -0.78
CA ARG A 63 -13.65 -0.35 -0.83
C ARG A 63 -14.63 -1.40 -1.37
N ARG A 64 -14.22 -2.11 -2.42
CA ARG A 64 -15.06 -3.12 -3.03
C ARG A 64 -15.54 -4.13 -1.99
N SER A 65 -14.66 -4.50 -1.07
CA SER A 65 -15.00 -5.45 -0.02
C SER A 65 -16.13 -4.93 0.85
N GLY A 66 -16.14 -3.61 1.06
CA GLY A 66 -17.18 -3.00 1.87
C GLY A 66 -16.69 -1.75 2.58
N PRO A 67 -17.60 -0.78 2.76
CA PRO A 67 -17.29 0.49 3.43
C PRO A 67 -17.02 0.32 4.91
N SER A 68 -17.06 -0.92 5.38
CA SER A 68 -16.83 -1.22 6.79
C SER A 68 -15.60 -0.49 7.31
N SER A 69 -15.83 0.59 8.04
CA SER A 69 -14.74 1.39 8.59
C SER A 69 -15.09 1.92 9.98
N GLY A 70 -14.11 2.47 10.66
CA GLY A 70 -14.34 3.01 11.99
C GLY A 70 -13.12 2.92 12.89
N GLY A 1 -19.81 1.99 -18.20
CA GLY A 1 -18.95 3.13 -18.48
C GLY A 1 -19.34 4.37 -17.69
N SER A 2 -19.50 4.21 -16.39
CA SER A 2 -19.88 5.31 -15.52
C SER A 2 -18.81 6.40 -15.52
N SER A 3 -17.57 5.98 -15.31
CA SER A 3 -16.44 6.92 -15.28
C SER A 3 -15.77 7.01 -16.66
N GLY A 4 -15.55 5.85 -17.27
CA GLY A 4 -14.93 5.83 -18.58
C GLY A 4 -13.95 4.67 -18.73
N SER A 5 -12.70 4.91 -18.38
CA SER A 5 -11.67 3.88 -18.48
C SER A 5 -11.17 3.46 -17.09
N SER A 6 -11.61 2.28 -16.65
CA SER A 6 -11.20 1.77 -15.35
C SER A 6 -9.77 1.26 -15.38
N GLY A 7 -8.84 2.12 -14.94
CA GLY A 7 -7.45 1.75 -14.92
C GLY A 7 -6.55 2.81 -15.54
N LYS A 8 -5.47 3.16 -14.84
CA LYS A 8 -4.53 4.16 -15.33
C LYS A 8 -3.18 3.54 -15.62
N GLY A 9 -2.79 2.56 -14.83
CA GLY A 9 -1.51 1.90 -15.03
C GLY A 9 -0.81 1.57 -13.72
N GLY A 10 -0.24 0.38 -13.65
CA GLY A 10 0.47 -0.04 -12.45
C GLY A 10 1.97 -0.08 -12.62
N GLN A 11 2.48 -1.19 -13.14
CA GLN A 11 3.91 -1.35 -13.35
C GLN A 11 4.69 -0.95 -12.11
N VAL A 12 4.17 -1.29 -10.94
CA VAL A 12 4.82 -0.97 -9.68
C VAL A 12 5.63 -2.15 -9.16
N ARG A 13 6.37 -1.92 -8.09
CA ARG A 13 7.20 -2.97 -7.49
C ARG A 13 7.59 -2.61 -6.06
N PHE A 14 7.83 -3.63 -5.25
CA PHE A 14 8.21 -3.41 -3.85
C PHE A 14 8.96 -4.63 -3.30
N SER A 15 9.82 -4.39 -2.33
CA SER A 15 10.60 -5.46 -1.71
C SER A 15 9.73 -6.31 -0.79
N ASN A 16 10.11 -7.57 -0.61
CA ASN A 16 9.36 -8.49 0.24
C ASN A 16 8.91 -7.79 1.53
N ASP A 17 9.89 -7.42 2.34
CA ASP A 17 9.60 -6.74 3.60
C ASP A 17 8.82 -5.45 3.37
N GLN A 18 9.30 -4.63 2.44
CA GLN A 18 8.63 -3.37 2.13
C GLN A 18 7.13 -3.56 2.00
N THR A 19 6.73 -4.48 1.15
CA THR A 19 5.31 -4.76 0.93
C THR A 19 4.61 -5.12 2.24
N ILE A 20 5.18 -6.08 2.96
CA ILE A 20 4.63 -6.52 4.24
C ILE A 20 4.22 -5.33 5.09
N GLU A 21 5.19 -4.45 5.37
CA GLU A 21 4.92 -3.26 6.18
C GLU A 21 3.88 -2.36 5.52
N LEU A 22 4.08 -2.10 4.23
CA LEU A 22 3.16 -1.24 3.48
C LEU A 22 1.72 -1.65 3.73
N GLU A 23 1.50 -2.95 3.90
CA GLU A 23 0.16 -3.47 4.15
C GLU A 23 -0.22 -3.32 5.62
N LYS A 24 0.59 -3.88 6.50
CA LYS A 24 0.35 -3.82 7.94
C LYS A 24 0.05 -2.37 8.36
N LYS A 25 0.43 -1.42 7.53
CA LYS A 25 0.21 -0.01 7.81
C LYS A 25 -1.16 0.44 7.30
N PHE A 26 -1.40 0.21 6.02
CA PHE A 26 -2.67 0.59 5.41
C PHE A 26 -3.85 0.08 6.23
N GLU A 27 -3.71 -1.13 6.77
CA GLU A 27 -4.76 -1.74 7.58
C GLU A 27 -5.16 -0.81 8.73
N THR A 28 -4.18 -0.30 9.45
CA THR A 28 -4.43 0.60 10.57
C THR A 28 -4.82 1.98 10.08
N GLN A 29 -4.18 2.44 9.01
CA GLN A 29 -4.46 3.75 8.44
C GLN A 29 -4.41 3.71 6.93
N LYS A 30 -5.58 3.86 6.29
CA LYS A 30 -5.67 3.84 4.83
C LYS A 30 -4.95 5.05 4.23
N TYR A 31 -4.90 6.13 4.99
CA TYR A 31 -4.25 7.36 4.53
C TYR A 31 -3.31 7.91 5.60
N LEU A 32 -2.03 8.02 5.25
CA LEU A 32 -1.03 8.53 6.18
C LEU A 32 -0.67 9.97 5.84
N SER A 33 -0.77 10.86 6.82
CA SER A 33 -0.45 12.27 6.63
C SER A 33 1.00 12.43 6.17
N PRO A 34 1.28 13.56 5.49
CA PRO A 34 2.62 13.87 4.99
C PRO A 34 3.70 13.66 6.04
N PRO A 35 3.42 14.14 7.27
CA PRO A 35 4.36 14.02 8.39
C PRO A 35 4.92 12.60 8.53
N GLU A 36 4.04 11.61 8.40
CA GLU A 36 4.44 10.21 8.52
C GLU A 36 4.99 9.69 7.19
N ARG A 37 4.11 9.61 6.19
CA ARG A 37 4.51 9.13 4.87
C ARG A 37 5.95 9.55 4.55
N LYS A 38 6.26 10.82 4.79
CA LYS A 38 7.59 11.34 4.53
C LYS A 38 8.65 10.51 5.24
N ARG A 39 8.43 10.23 6.52
CA ARG A 39 9.36 9.44 7.31
C ARG A 39 9.34 7.97 6.87
N LEU A 40 8.13 7.44 6.70
CA LEU A 40 7.98 6.05 6.29
C LEU A 40 8.83 5.73 5.07
N ALA A 41 8.71 6.56 4.04
CA ALA A 41 9.48 6.38 2.81
C ALA A 41 10.96 6.26 3.11
N LYS A 42 11.38 6.80 4.24
CA LYS A 42 12.78 6.76 4.65
C LYS A 42 13.09 5.48 5.42
N MET A 43 12.06 4.94 6.09
CA MET A 43 12.21 3.72 6.87
C MET A 43 12.24 2.49 5.97
N LEU A 44 11.22 2.39 5.10
CA LEU A 44 11.13 1.26 4.19
C LEU A 44 11.95 1.51 2.92
N GLN A 45 12.72 2.60 2.93
CA GLN A 45 13.55 2.95 1.79
C GLN A 45 12.70 3.15 0.53
N LEU A 46 11.48 3.61 0.72
CA LEU A 46 10.56 3.84 -0.39
C LEU A 46 10.46 5.33 -0.72
N SER A 47 9.65 5.66 -1.71
CA SER A 47 9.47 7.05 -2.12
C SER A 47 8.09 7.56 -1.72
N GLU A 48 8.03 8.83 -1.32
CA GLU A 48 6.77 9.43 -0.89
C GLU A 48 5.65 9.10 -1.88
N ARG A 49 5.96 9.17 -3.17
CA ARG A 49 4.98 8.88 -4.21
C ARG A 49 4.61 7.40 -4.21
N GLN A 50 5.55 6.56 -3.78
CA GLN A 50 5.33 5.12 -3.73
C GLN A 50 4.41 4.75 -2.56
N VAL A 51 4.55 5.49 -1.46
CA VAL A 51 3.74 5.23 -0.28
C VAL A 51 2.37 5.91 -0.40
N LYS A 52 2.32 6.99 -1.15
CA LYS A 52 1.08 7.74 -1.35
C LYS A 52 0.22 7.09 -2.42
N THR A 53 0.88 6.44 -3.38
CA THR A 53 0.17 5.78 -4.48
C THR A 53 -0.32 4.40 -4.06
N TRP A 54 0.63 3.55 -3.63
CA TRP A 54 0.29 2.20 -3.20
C TRP A 54 -0.98 2.19 -2.36
N PHE A 55 -0.98 2.99 -1.29
CA PHE A 55 -2.14 3.08 -0.40
C PHE A 55 -3.39 3.45 -1.18
N GLN A 56 -3.37 4.61 -1.84
CA GLN A 56 -4.50 5.07 -2.62
C GLN A 56 -5.16 3.91 -3.36
N ASN A 57 -4.37 3.12 -4.06
CA ASN A 57 -4.88 1.98 -4.81
C ASN A 57 -5.36 0.88 -3.87
N ARG A 58 -4.55 0.56 -2.87
CA ARG A 58 -4.89 -0.47 -1.90
C ARG A 58 -6.33 -0.30 -1.42
N ARG A 59 -6.65 0.89 -0.95
CA ARG A 59 -7.99 1.19 -0.45
C ARG A 59 -9.04 0.85 -1.50
N ALA A 60 -8.80 1.29 -2.74
CA ALA A 60 -9.73 1.02 -3.83
C ALA A 60 -10.29 -0.39 -3.76
N LYS A 61 -9.44 -1.34 -3.38
CA LYS A 61 -9.84 -2.73 -3.26
C LYS A 61 -10.55 -2.99 -1.94
N TRP A 62 -9.92 -2.58 -0.85
CA TRP A 62 -10.48 -2.76 0.49
C TRP A 62 -11.95 -2.33 0.52
N ARG A 63 -12.22 -1.15 -0.04
CA ARG A 63 -13.58 -0.62 -0.08
C ARG A 63 -14.58 -1.73 -0.43
N ARG A 64 -14.23 -2.56 -1.39
CA ARG A 64 -15.09 -3.65 -1.83
C ARG A 64 -15.21 -4.71 -0.74
N SER A 65 -14.07 -5.09 -0.16
CA SER A 65 -14.04 -6.10 0.90
C SER A 65 -14.87 -5.65 2.10
N GLY A 66 -14.80 -4.36 2.41
CA GLY A 66 -15.55 -3.84 3.53
C GLY A 66 -16.74 -3.01 3.10
N PRO A 67 -17.88 -3.69 2.85
CA PRO A 67 -19.11 -3.02 2.43
C PRO A 67 -19.74 -2.19 3.53
N SER A 68 -19.80 -2.75 4.74
CA SER A 68 -20.38 -2.05 5.88
C SER A 68 -19.62 -0.76 6.16
N SER A 69 -20.28 0.37 5.90
CA SER A 69 -19.66 1.68 6.12
C SER A 69 -20.49 2.49 7.11
N GLY A 70 -19.83 2.97 8.17
CA GLY A 70 -20.52 3.76 9.16
C GLY A 70 -20.87 2.95 10.41
N GLY A 1 5.61 -28.52 5.79
CA GLY A 1 5.65 -27.08 5.65
C GLY A 1 5.29 -26.62 4.24
N SER A 2 4.77 -25.40 4.13
CA SER A 2 4.37 -24.85 2.84
C SER A 2 5.17 -23.58 2.53
N SER A 3 5.27 -22.70 3.51
CA SER A 3 5.99 -21.44 3.34
C SER A 3 5.43 -20.64 2.18
N GLY A 4 4.10 -20.60 2.09
CA GLY A 4 3.46 -19.86 1.02
C GLY A 4 3.21 -18.41 1.38
N SER A 5 1.95 -17.99 1.31
CA SER A 5 1.59 -16.62 1.63
C SER A 5 2.14 -15.66 0.57
N SER A 6 2.03 -16.05 -0.69
CA SER A 6 2.52 -15.22 -1.79
C SER A 6 1.41 -14.96 -2.81
N GLY A 7 1.30 -13.70 -3.24
CA GLY A 7 0.27 -13.34 -4.20
C GLY A 7 0.63 -12.08 -4.97
N LYS A 8 0.01 -11.91 -6.14
CA LYS A 8 0.26 -10.76 -6.98
C LYS A 8 -0.97 -10.39 -7.79
N GLY A 9 -1.23 -9.10 -7.94
CA GLY A 9 -2.38 -8.65 -8.70
C GLY A 9 -2.18 -7.26 -9.28
N GLY A 10 -0.97 -6.99 -9.75
CA GLY A 10 -0.67 -5.69 -10.32
C GLY A 10 0.78 -5.56 -10.75
N GLN A 11 1.25 -4.32 -10.87
CA GLN A 11 2.63 -4.07 -11.29
C GLN A 11 3.33 -3.16 -10.28
N VAL A 12 4.04 -3.75 -9.34
CA VAL A 12 4.75 -2.99 -8.32
C VAL A 12 6.18 -3.51 -8.13
N ARG A 13 7.03 -2.69 -7.56
CA ARG A 13 8.43 -3.07 -7.32
C ARG A 13 8.78 -2.97 -5.84
N PHE A 14 7.88 -3.44 -4.99
CA PHE A 14 8.09 -3.40 -3.54
C PHE A 14 8.69 -4.70 -3.04
N SER A 15 9.83 -4.62 -2.37
CA SER A 15 10.49 -5.80 -1.84
C SER A 15 9.57 -6.58 -0.92
N ASN A 16 9.93 -7.84 -0.64
CA ASN A 16 9.13 -8.69 0.22
C ASN A 16 8.77 -7.97 1.52
N ASP A 17 9.79 -7.49 2.23
CA ASP A 17 9.58 -6.78 3.48
C ASP A 17 8.82 -5.48 3.25
N GLN A 18 9.31 -4.68 2.30
CA GLN A 18 8.67 -3.41 1.99
C GLN A 18 7.16 -3.55 1.90
N THR A 19 6.71 -4.53 1.12
CA THR A 19 5.28 -4.77 0.95
C THR A 19 4.63 -5.15 2.27
N ILE A 20 5.23 -6.12 2.96
CA ILE A 20 4.70 -6.58 4.24
C ILE A 20 4.28 -5.40 5.11
N GLU A 21 5.21 -4.48 5.34
CA GLU A 21 4.92 -3.30 6.15
C GLU A 21 3.91 -2.39 5.47
N LEU A 22 4.19 -2.03 4.22
CA LEU A 22 3.30 -1.16 3.46
C LEU A 22 1.84 -1.56 3.67
N GLU A 23 1.62 -2.83 3.98
CA GLU A 23 0.26 -3.32 4.22
C GLU A 23 -0.13 -3.16 5.68
N LYS A 24 0.65 -3.77 6.57
CA LYS A 24 0.39 -3.70 8.00
C LYS A 24 0.05 -2.28 8.41
N LYS A 25 0.47 -1.30 7.61
CA LYS A 25 0.21 0.10 7.90
C LYS A 25 -1.18 0.49 7.41
N PHE A 26 -1.43 0.31 6.12
CA PHE A 26 -2.72 0.65 5.53
C PHE A 26 -3.86 0.13 6.39
N GLU A 27 -3.67 -1.06 6.94
CA GLU A 27 -4.69 -1.68 7.79
C GLU A 27 -5.00 -0.81 8.99
N THR A 28 -3.97 -0.37 9.70
CA THR A 28 -4.14 0.47 10.88
C THR A 28 -4.56 1.88 10.48
N GLN A 29 -4.30 2.24 9.23
CA GLN A 29 -4.66 3.57 8.73
C GLN A 29 -4.70 3.58 7.20
N LYS A 30 -5.90 3.74 6.65
CA LYS A 30 -6.07 3.77 5.20
C LYS A 30 -5.26 4.90 4.59
N TYR A 31 -5.11 6.00 5.32
CA TYR A 31 -4.34 7.14 4.84
C TYR A 31 -3.21 7.48 5.80
N LEU A 32 -2.30 8.34 5.34
CA LEU A 32 -1.16 8.75 6.16
C LEU A 32 -0.75 10.18 5.84
N SER A 33 -0.81 11.05 6.85
CA SER A 33 -0.46 12.45 6.68
C SER A 33 1.00 12.59 6.23
N PRO A 34 1.30 13.71 5.55
CA PRO A 34 2.65 13.99 5.04
C PRO A 34 3.73 13.75 6.10
N PRO A 35 3.47 14.21 7.33
CA PRO A 35 4.40 14.05 8.44
C PRO A 35 4.92 12.63 8.57
N GLU A 36 4.03 11.65 8.40
CA GLU A 36 4.40 10.25 8.49
C GLU A 36 4.95 9.74 7.16
N ARG A 37 4.07 9.65 6.16
CA ARG A 37 4.46 9.17 4.84
C ARG A 37 5.88 9.61 4.51
N LYS A 38 6.26 10.80 4.98
CA LYS A 38 7.59 11.34 4.73
C LYS A 38 8.65 10.46 5.39
N ARG A 39 8.49 10.20 6.69
CA ARG A 39 9.44 9.38 7.43
C ARG A 39 9.37 7.92 6.96
N LEU A 40 8.15 7.44 6.72
CA LEU A 40 7.96 6.06 6.27
C LEU A 40 8.79 5.76 5.04
N ALA A 41 8.68 6.62 4.02
CA ALA A 41 9.42 6.44 2.78
C ALA A 41 10.92 6.24 3.07
N LYS A 42 11.38 6.76 4.20
CA LYS A 42 12.77 6.63 4.59
C LYS A 42 13.02 5.32 5.34
N MET A 43 11.97 4.82 5.99
CA MET A 43 12.07 3.57 6.74
C MET A 43 12.04 2.37 5.81
N LEU A 44 11.14 2.39 4.85
CA LEU A 44 11.01 1.29 3.89
C LEU A 44 11.86 1.57 2.64
N GLN A 45 12.63 2.64 2.68
CA GLN A 45 13.49 3.01 1.57
C GLN A 45 12.66 3.28 0.31
N LEU A 46 11.42 3.70 0.51
CA LEU A 46 10.52 3.99 -0.61
C LEU A 46 10.39 5.49 -0.82
N SER A 47 9.68 5.88 -1.87
CA SER A 47 9.48 7.29 -2.19
C SER A 47 8.08 7.75 -1.77
N GLU A 48 7.99 9.01 -1.36
CA GLU A 48 6.71 9.58 -0.93
C GLU A 48 5.60 9.25 -1.93
N ARG A 49 5.97 9.20 -3.20
CA ARG A 49 5.01 8.89 -4.25
C ARG A 49 4.64 7.41 -4.26
N GLN A 50 5.58 6.58 -3.80
CA GLN A 50 5.36 5.14 -3.76
C GLN A 50 4.45 4.76 -2.59
N VAL A 51 4.52 5.55 -1.52
CA VAL A 51 3.70 5.31 -0.33
C VAL A 51 2.33 5.99 -0.46
N LYS A 52 2.28 7.02 -1.29
CA LYS A 52 1.04 7.77 -1.50
C LYS A 52 0.21 7.13 -2.61
N THR A 53 0.86 6.38 -3.48
CA THR A 53 0.19 5.72 -4.59
C THR A 53 -0.33 4.34 -4.17
N TRP A 54 0.55 3.53 -3.60
CA TRP A 54 0.18 2.19 -3.15
C TRP A 54 -1.09 2.22 -2.32
N PHE A 55 -1.04 2.97 -1.22
CA PHE A 55 -2.20 3.09 -0.33
C PHE A 55 -3.46 3.42 -1.12
N GLN A 56 -3.36 4.41 -1.99
CA GLN A 56 -4.49 4.84 -2.81
C GLN A 56 -5.13 3.64 -3.51
N ASN A 57 -4.32 2.88 -4.24
CA ASN A 57 -4.80 1.71 -4.96
C ASN A 57 -5.36 0.67 -4.00
N ARG A 58 -4.57 0.30 -3.00
CA ARG A 58 -4.98 -0.68 -2.01
C ARG A 58 -6.41 -0.41 -1.54
N ARG A 59 -6.63 0.78 -0.99
CA ARG A 59 -7.95 1.17 -0.51
C ARG A 59 -9.01 0.98 -1.58
N ALA A 60 -8.80 1.59 -2.74
CA ALA A 60 -9.73 1.48 -3.85
C ALA A 60 -10.23 0.05 -4.00
N LYS A 61 -9.37 -0.91 -3.67
CA LYS A 61 -9.73 -2.32 -3.77
C LYS A 61 -10.48 -2.79 -2.53
N TRP A 62 -10.06 -2.29 -1.38
CA TRP A 62 -10.69 -2.67 -0.11
C TRP A 62 -12.15 -2.23 -0.10
N ARG A 63 -12.44 -1.08 -0.71
CA ARG A 63 -13.79 -0.56 -0.77
C ARG A 63 -14.74 -1.54 -1.46
N ARG A 64 -14.26 -2.14 -2.55
CA ARG A 64 -15.06 -3.10 -3.30
C ARG A 64 -15.58 -4.20 -2.39
N SER A 65 -14.67 -4.86 -1.67
CA SER A 65 -15.05 -5.93 -0.76
C SER A 65 -15.93 -5.41 0.37
N GLY A 66 -15.60 -4.23 0.88
CA GLY A 66 -16.37 -3.64 1.95
C GLY A 66 -16.76 -2.20 1.66
N PRO A 67 -17.78 -2.01 0.80
CA PRO A 67 -18.26 -0.69 0.43
C PRO A 67 -18.98 0.01 1.57
N SER A 68 -19.28 1.30 1.39
CA SER A 68 -19.96 2.07 2.41
C SER A 68 -21.15 2.83 1.82
N SER A 69 -22.34 2.29 2.02
CA SER A 69 -23.56 2.92 1.50
C SER A 69 -23.88 4.21 2.25
N GLY A 70 -23.91 5.31 1.51
CA GLY A 70 -24.19 6.60 2.12
C GLY A 70 -25.67 6.82 2.33
#